data_4FXF
#
_entry.id   4FXF
#
_cell.length_a   81.600
_cell.length_b   139.350
_cell.length_c   111.280
_cell.angle_alpha   90.00
_cell.angle_beta   90.52
_cell.angle_gamma   90.00
#
_symmetry.space_group_name_H-M   'P 1 21 1'
#
loop_
_entity.id
_entity.type
_entity.pdbx_description
1 polymer 'Pyruvate kinase isozymes M1/M2'
2 non-polymer 'OXALATE ION'
3 non-polymer 'POTASSIUM ION'
4 non-polymer 'MAGNESIUM ION'
5 non-polymer 1,6-di-O-phosphono-beta-D-fructofuranose
6 non-polymer "ADENOSINE-5'-TRIPHOSPHATE"
7 water water
#
_entity_poly.entity_id   1
_entity_poly.type   'polypeptide(L)'
_entity_poly.pdbx_seq_one_letter_code
;MGSSHHHHHHSSGLVPRGSHMSKPHSEAGTAFIQTQQLHAAMADTFLEHMCRLDIDSPPITARNTGIICTIGPASRSVET
LKEMIKSGMNVARLNFSHGTHEYHAETIKNVRTATESFASDPILYRPVAVALDTKGPEIRTGLIKGSGTAEVELKKGATL
KITLDNAYMEKCDENILWLDYKNICKVVEVGSKIYVDDGLISLQVKQKGADFLVTEVENGGSLGSKKGVNLPGAAVDLPA
VSEKDIQDLKFGVEQDVDMVFASFIRKASDVHEVRKVLGEKGKNIKIISKIENHEGVRRFDEILEASDGIMVARGDLGIE
IPAEKVFLAQKMMIGRCNRAGKPVICATQMLESMIKKPRPTRAEGSDVANAVLDGADCIMLSGETAKGDYPLEAVRMQNL
IAREAEAAIYHLQLFEELRRLAPITSDPTEATAVGAVEASFKCCSGAIIVLTKSGRSAHQVARYRPRAPIIAVTRNPQTA
RQAHLYRGIFPVLCKDPVQEAWAEDVDLRVNFAMNVGKARGFFKKGDVVIVLTGWRPGSGFTNTMRVVPVP
;
_entity_poly.pdbx_strand_id   A,D,C,B
#
# COMPACT_ATOMS: atom_id res chain seq x y z
N CYS A 51 -5.43 13.64 10.61
CA CYS A 51 -6.89 13.89 10.40
C CYS A 51 -7.75 13.23 11.47
N ARG A 52 -7.53 11.93 11.68
CA ARG A 52 -8.34 11.14 12.62
C ARG A 52 -7.85 11.21 14.08
N LEU A 53 -6.78 11.95 14.32
CA LEU A 53 -6.18 12.04 15.66
C LEU A 53 -7.11 12.73 16.67
N ASP A 54 -7.37 12.05 17.77
CA ASP A 54 -8.29 12.52 18.81
C ASP A 54 -7.52 13.13 19.98
N ILE A 55 -7.96 14.31 20.40
CA ILE A 55 -7.31 15.06 21.48
C ILE A 55 -8.01 14.81 22.82
N ASP A 56 -9.33 14.91 22.81
CA ASP A 56 -10.14 14.75 24.01
C ASP A 56 -10.35 13.29 24.42
N SER A 57 -9.51 12.42 23.88
CA SER A 57 -9.51 10.99 24.21
C SER A 57 -8.22 10.61 24.94
N PRO A 58 -8.27 10.55 26.29
CA PRO A 58 -7.10 10.27 27.13
C PRO A 58 -6.47 8.89 26.88
N PRO A 59 -5.12 8.80 26.98
CA PRO A 59 -4.37 7.56 26.77
C PRO A 59 -4.54 6.50 27.87
N ILE A 60 -3.91 5.35 27.67
CA ILE A 60 -4.01 4.18 28.57
C ILE A 60 -2.94 4.22 29.69
N THR A 61 -3.12 3.38 30.71
CA THR A 61 -2.25 3.33 31.89
C THR A 61 -0.74 3.28 31.61
N ALA A 62 -0.31 2.31 30.80
CA ALA A 62 1.11 2.00 30.61
C ALA A 62 1.84 3.00 29.70
N ARG A 63 3.02 3.44 30.16
CA ARG A 63 3.91 4.26 29.36
C ARG A 63 5.10 3.42 28.89
N ASN A 64 5.27 3.37 27.57
CA ASN A 64 6.26 2.47 26.96
C ASN A 64 7.69 3.04 26.87
N THR A 65 7.82 4.32 26.54
CA THR A 65 9.12 4.95 26.34
C THR A 65 9.84 5.22 27.66
N GLY A 66 11.06 4.71 27.79
CA GLY A 66 11.87 4.90 28.99
C GLY A 66 12.35 6.32 29.19
N ILE A 67 12.48 6.74 30.44
CA ILE A 67 12.95 8.07 30.77
C ILE A 67 14.30 8.02 31.50
N ILE A 68 15.29 8.71 30.94
CA ILE A 68 16.62 8.76 31.52
C ILE A 68 16.88 10.13 32.13
N CYS A 69 17.26 10.15 33.41
CA CYS A 69 17.48 11.39 34.13
C CYS A 69 18.92 11.53 34.59
N THR A 70 19.53 12.66 34.26
CA THR A 70 20.87 12.99 34.74
C THR A 70 20.78 13.46 36.18
N ILE A 71 21.62 12.89 37.04
CA ILE A 71 21.61 13.24 38.46
C ILE A 71 22.67 14.31 38.75
N GLY A 72 22.35 15.20 39.69
CA GLY A 72 23.24 16.27 40.11
C GLY A 72 22.73 16.90 41.39
N PRO A 73 23.17 18.14 41.69
CA PRO A 73 22.78 18.85 42.91
C PRO A 73 21.26 18.90 43.18
N ALA A 74 20.46 19.00 42.13
CA ALA A 74 19.01 19.16 42.27
C ALA A 74 18.25 17.85 42.51
N SER A 75 18.90 16.72 42.27
CA SER A 75 18.22 15.42 42.33
C SER A 75 19.06 14.32 42.99
N ARG A 76 20.00 14.72 43.83
CA ARG A 76 20.98 13.79 44.39
C ARG A 76 20.54 13.15 45.71
N SER A 77 19.73 13.86 46.48
CA SER A 77 19.28 13.38 47.78
C SER A 77 18.35 12.17 47.63
N VAL A 78 18.31 11.33 48.65
CA VAL A 78 17.46 10.14 48.67
C VAL A 78 15.98 10.52 48.55
N GLU A 79 15.58 11.56 49.26
CA GLU A 79 14.20 12.04 49.24
C GLU A 79 13.75 12.40 47.81
N THR A 80 14.56 13.22 47.12
CA THR A 80 14.24 13.64 45.75
C THR A 80 14.21 12.46 44.78
N LEU A 81 15.21 11.58 44.87
CA LEU A 81 15.30 10.40 44.01
C LEU A 81 14.07 9.49 44.12
N LYS A 82 13.54 9.36 45.34
CA LYS A 82 12.29 8.61 45.57
C LYS A 82 11.15 9.20 44.76
N GLU A 83 11.08 10.52 44.71
CA GLU A 83 10.04 11.22 43.94
C GLU A 83 10.29 11.14 42.43
N MET A 84 11.56 11.08 42.04
CA MET A 84 11.94 10.89 40.62
C MET A 84 11.39 9.56 40.10
N ILE A 85 11.57 8.50 40.89
CA ILE A 85 11.07 7.17 40.55
C ILE A 85 9.54 7.15 40.50
N LYS A 86 8.91 7.80 41.48
CA LYS A 86 7.45 7.97 41.49
C LYS A 86 6.95 8.66 40.23
N SER A 87 7.66 9.71 39.83
CA SER A 87 7.30 10.50 38.65
C SER A 87 7.49 9.74 37.33
N GLY A 88 8.43 8.79 37.33
CA GLY A 88 8.62 7.91 36.17
C GLY A 88 10.03 7.57 35.73
N MET A 89 11.04 8.07 36.46
CA MET A 89 12.45 7.81 36.12
C MET A 89 12.76 6.31 36.07
N ASN A 90 13.35 5.88 34.97
CA ASN A 90 13.70 4.47 34.75
C ASN A 90 15.20 4.22 34.80
N VAL A 91 15.98 5.22 34.38
CA VAL A 91 17.43 5.12 34.33
C VAL A 91 18.04 6.39 34.90
N ALA A 92 19.01 6.24 35.81
CA ALA A 92 19.74 7.37 36.35
C ALA A 92 21.10 7.51 35.65
N ARG A 93 21.30 8.67 35.01
CA ARG A 93 22.54 8.94 34.28
C ARG A 93 23.54 9.70 35.15
N LEU A 94 24.75 9.15 35.25
CA LEU A 94 25.86 9.80 35.93
C LEU A 94 26.78 10.43 34.89
N ASN A 95 26.96 11.74 34.98
CA ASN A 95 27.78 12.50 34.02
C ASN A 95 29.22 12.62 34.52
N PHE A 96 30.14 11.89 33.88
CA PHE A 96 31.53 11.86 34.33
C PHE A 96 32.43 12.95 33.73
N SER A 97 31.81 13.97 33.13
CA SER A 97 32.54 15.17 32.75
C SER A 97 32.81 16.02 33.99
N HIS A 98 32.00 15.79 35.03
CA HIS A 98 32.15 16.49 36.30
C HIS A 98 32.16 15.48 37.44
N GLY A 99 32.80 15.86 38.56
CA GLY A 99 32.75 15.08 39.78
C GLY A 99 33.79 13.99 39.94
N THR A 100 34.16 13.73 41.19
CA THR A 100 35.11 12.69 41.54
C THR A 100 34.43 11.34 41.65
N HIS A 101 35.23 10.29 41.83
CA HIS A 101 34.73 8.93 42.01
C HIS A 101 33.92 8.80 43.31
N GLU A 102 34.42 9.44 44.38
CA GLU A 102 33.72 9.50 45.66
C GLU A 102 32.31 10.05 45.49
N TYR A 103 32.22 11.18 44.79
CA TYR A 103 30.94 11.84 44.48
C TYR A 103 29.94 10.90 43.81
N HIS A 104 30.38 10.23 42.75
CA HIS A 104 29.52 9.35 41.96
C HIS A 104 29.15 8.06 42.70
N ALA A 105 30.07 7.58 43.54
CA ALA A 105 29.81 6.41 44.38
C ALA A 105 28.69 6.72 45.37
N GLU A 106 28.70 7.93 45.92
CA GLU A 106 27.65 8.40 46.81
C GLU A 106 26.32 8.54 46.05
N THR A 107 26.39 9.04 44.82
CA THR A 107 25.21 9.17 43.96
C THR A 107 24.55 7.80 43.74
N ILE A 108 25.35 6.81 43.32
CA ILE A 108 24.88 5.44 43.11
C ILE A 108 24.29 4.86 44.39
N LYS A 109 24.95 5.14 45.51
CA LYS A 109 24.48 4.71 46.83
C LYS A 109 23.08 5.27 47.10
N ASN A 110 22.91 6.57 46.90
CA ASN A 110 21.63 7.25 47.08
C ASN A 110 20.55 6.71 46.14
N VAL A 111 20.92 6.55 44.87
CA VAL A 111 20.01 6.00 43.85
C VAL A 111 19.49 4.62 44.28
N ARG A 112 20.39 3.79 44.78
CA ARG A 112 20.03 2.43 45.20
C ARG A 112 19.22 2.39 46.50
N THR A 113 19.47 3.33 47.40
CA THR A 113 18.68 3.47 48.63
C THR A 113 17.23 3.81 48.30
N ALA A 114 17.04 4.80 47.40
CA ALA A 114 15.72 5.23 46.98
C ALA A 114 14.98 4.12 46.23
N THR A 115 15.71 3.40 45.39
CA THR A 115 15.14 2.32 44.58
C THR A 115 14.70 1.13 45.45
N GLU A 116 15.55 0.75 46.40
CA GLU A 116 15.29 -0.42 47.24
C GLU A 116 14.31 -0.17 48.40
N SER A 117 13.87 1.08 48.56
CA SER A 117 12.84 1.41 49.54
C SER A 117 11.47 0.89 49.10
N PHE A 118 11.37 0.52 47.82
CA PHE A 118 10.16 -0.06 47.24
C PHE A 118 10.24 -1.58 47.12
N ALA A 119 11.32 -2.16 47.64
CA ALA A 119 11.57 -3.60 47.52
C ALA A 119 10.69 -4.47 48.40
N SER A 120 10.12 -3.87 49.45
CA SER A 120 9.22 -4.57 50.38
C SER A 120 7.98 -5.14 49.68
N ASP A 121 7.61 -4.54 48.57
CA ASP A 121 6.53 -5.04 47.72
C ASP A 121 7.05 -5.34 46.30
N PRO A 122 7.47 -6.60 46.05
CA PRO A 122 8.02 -7.02 44.76
C PRO A 122 7.06 -6.85 43.58
N ILE A 123 5.76 -6.84 43.87
CA ILE A 123 4.72 -6.64 42.85
C ILE A 123 4.77 -5.23 42.25
N LEU A 124 4.86 -4.22 43.12
CA LEU A 124 4.86 -2.82 42.69
C LEU A 124 6.28 -2.24 42.52
N TYR A 125 7.29 -3.04 42.83
CA TYR A 125 8.69 -2.62 42.72
C TYR A 125 9.07 -2.32 41.27
N ARG A 126 9.67 -1.16 41.08
CA ARG A 126 10.14 -0.74 39.77
C ARG A 126 11.66 -0.68 39.75
N PRO A 127 12.30 -1.54 38.93
CA PRO A 127 13.76 -1.52 38.79
C PRO A 127 14.26 -0.21 38.17
N VAL A 128 15.37 0.30 38.69
CA VAL A 128 15.98 1.52 38.18
C VAL A 128 17.41 1.21 37.77
N ALA A 129 17.72 1.47 36.50
CA ALA A 129 19.04 1.23 35.97
C ALA A 129 20.00 2.37 36.28
N VAL A 130 21.29 2.07 36.29
CA VAL A 130 22.33 3.06 36.51
C VAL A 130 23.25 3.14 35.29
N ALA A 131 23.40 4.35 34.76
CA ALA A 131 24.16 4.58 33.54
C ALA A 131 25.37 5.50 33.78
N LEU A 132 26.50 5.12 33.19
CA LEU A 132 27.72 5.91 33.28
C LEU A 132 28.01 6.62 31.96
N ASP A 133 27.97 7.94 31.99
CA ASP A 133 28.24 8.75 30.80
C ASP A 133 29.69 9.24 30.86
N THR A 134 30.52 8.77 29.93
CA THR A 134 31.96 9.06 29.94
C THR A 134 32.24 10.51 29.55
N LYS A 135 33.39 11.02 30.00
CA LYS A 135 33.84 12.35 29.60
C LYS A 135 34.18 12.38 28.11
N GLY A 136 35.03 11.45 27.68
CA GLY A 136 35.48 11.39 26.29
C GLY A 136 36.41 12.53 25.93
N PRO A 137 36.78 12.64 24.64
CA PRO A 137 37.69 13.69 24.15
C PRO A 137 37.09 15.10 24.20
N GLU A 138 36.79 15.56 25.41
CA GLU A 138 36.19 16.88 25.65
C GLU A 138 37.23 17.99 25.67
N ILE A 139 36.85 19.15 25.14
CA ILE A 139 37.64 20.38 25.27
C ILE A 139 36.85 21.36 26.12
N ARG A 140 37.47 21.85 27.19
CA ARG A 140 36.83 22.81 28.08
C ARG A 140 37.72 24.04 28.33
N THR A 141 37.08 25.17 28.65
CA THR A 141 37.79 26.40 28.99
C THR A 141 38.24 26.38 30.45
N GLY A 142 39.01 27.39 30.86
CA GLY A 142 39.43 27.52 32.24
C GLY A 142 38.46 28.31 33.08
N LEU A 143 38.93 28.80 34.23
CA LEU A 143 38.10 29.60 35.12
C LEU A 143 38.25 31.09 34.83
N ILE A 144 37.14 31.82 34.89
CA ILE A 144 37.14 33.27 34.79
C ILE A 144 37.92 33.83 35.99
N LYS A 145 38.74 34.84 35.73
CA LYS A 145 39.52 35.50 36.79
C LYS A 145 38.66 35.93 37.96
N GLY A 146 39.24 35.90 39.17
CA GLY A 146 38.54 36.26 40.40
C GLY A 146 37.94 37.65 40.36
N SER A 147 38.73 38.62 39.89
CA SER A 147 38.29 40.00 39.75
C SER A 147 37.28 40.15 38.61
N GLY A 148 36.47 41.21 38.68
CA GLY A 148 35.44 41.46 37.68
C GLY A 148 34.12 40.82 38.06
N THR A 149 33.43 40.28 37.05
CA THR A 149 32.15 39.61 37.27
C THR A 149 32.29 38.10 37.07
N ALA A 150 31.24 37.35 37.45
CA ALA A 150 31.23 35.90 37.30
C ALA A 150 31.32 35.47 35.84
N GLU A 151 30.67 36.23 34.96
CA GLU A 151 30.72 35.99 33.53
C GLU A 151 31.20 37.24 32.80
N VAL A 152 32.14 37.05 31.87
CA VAL A 152 32.66 38.17 31.07
C VAL A 152 31.87 38.30 29.77
N GLU A 153 31.58 39.54 29.39
CA GLU A 153 30.81 39.82 28.19
C GLU A 153 31.72 39.83 26.96
N LEU A 154 31.38 38.99 25.99
CA LEU A 154 32.09 38.95 24.71
C LEU A 154 31.24 39.60 23.62
N LYS A 155 31.60 40.82 23.24
CA LYS A 155 30.86 41.59 22.24
C LYS A 155 31.33 41.26 20.82
N LYS A 156 30.41 41.37 19.86
CA LYS A 156 30.69 41.08 18.45
C LYS A 156 31.74 42.02 17.87
N GLY A 157 32.70 41.44 17.14
CA GLY A 157 33.74 42.22 16.46
C GLY A 157 35.02 42.36 17.26
N ALA A 158 34.94 42.09 18.55
CA ALA A 158 36.09 42.20 19.46
C ALA A 158 37.11 41.10 19.24
N THR A 159 38.34 41.35 19.68
CA THR A 159 39.44 40.41 19.56
C THR A 159 39.59 39.62 20.85
N LEU A 160 39.82 38.31 20.71
CA LEU A 160 40.04 37.44 21.86
C LEU A 160 41.26 36.55 21.63
N LYS A 161 42.11 36.44 22.64
CA LYS A 161 43.31 35.63 22.57
C LYS A 161 43.09 34.28 23.27
N ILE A 162 43.26 33.20 22.52
CA ILE A 162 43.22 31.86 23.08
C ILE A 162 44.63 31.36 23.37
N THR A 163 44.88 31.06 24.64
CA THR A 163 46.20 30.64 25.10
C THR A 163 46.22 29.21 25.64
N LEU A 164 47.41 28.60 25.68
CA LEU A 164 47.60 27.28 26.26
C LEU A 164 48.52 27.37 27.47
N ASP A 165 48.90 28.60 27.83
CA ASP A 165 49.76 28.87 28.98
C ASP A 165 48.98 28.70 30.28
N ASN A 166 49.39 27.71 31.07
CA ASN A 166 48.72 27.36 32.33
C ASN A 166 48.63 28.49 33.35
N ALA A 167 49.43 29.54 33.14
CA ALA A 167 49.39 30.73 34.00
C ALA A 167 48.05 31.47 33.91
N TYR A 168 47.33 31.27 32.81
CA TYR A 168 46.04 31.91 32.58
C TYR A 168 44.86 30.93 32.70
N MET A 169 45.12 29.73 33.22
CA MET A 169 44.09 28.68 33.29
C MET A 169 42.96 28.97 34.27
N GLU A 170 43.22 29.87 35.22
CA GLU A 170 42.20 30.33 36.16
C GLU A 170 42.10 31.85 36.13
N LYS A 171 42.50 32.43 34.99
CA LYS A 171 42.48 33.88 34.80
C LYS A 171 41.90 34.26 33.44
N CYS A 172 40.78 33.63 33.06
CA CYS A 172 40.09 33.93 31.81
C CYS A 172 39.29 35.23 31.89
N ASP A 173 39.27 35.99 30.80
CA ASP A 173 38.45 37.19 30.67
C ASP A 173 38.12 37.51 29.21
N GLU A 174 37.62 38.73 28.95
CA GLU A 174 37.24 39.15 27.60
C GLU A 174 38.42 39.37 26.64
N ASN A 175 39.64 39.33 27.17
CA ASN A 175 40.84 39.51 26.36
C ASN A 175 41.62 38.20 26.16
N ILE A 176 41.68 37.40 27.22
CA ILE A 176 42.45 36.16 27.21
C ILE A 176 41.59 34.96 27.64
N LEU A 177 41.64 33.89 26.85
CA LEU A 177 40.89 32.66 27.14
C LEU A 177 41.79 31.44 27.09
N TRP A 178 41.75 30.64 28.17
CA TRP A 178 42.52 29.40 28.25
C TRP A 178 41.62 28.20 27.99
N LEU A 179 42.20 27.16 27.38
CA LEU A 179 41.52 25.88 27.19
C LEU A 179 42.50 24.71 27.32
N ASP A 180 41.97 23.52 27.59
CA ASP A 180 42.80 22.38 27.99
C ASP A 180 43.28 21.46 26.85
N TYR A 181 42.98 21.83 25.61
CA TYR A 181 43.43 21.04 24.47
C TYR A 181 44.79 21.54 23.96
N LYS A 182 45.83 20.79 24.30
CA LYS A 182 47.22 21.16 24.01
C LYS A 182 47.56 21.34 22.53
N ASN A 183 46.99 20.49 21.67
CA ASN A 183 47.30 20.51 20.24
C ASN A 183 46.27 21.24 19.38
N ILE A 184 45.66 22.29 19.93
CA ILE A 184 44.65 23.05 19.19
C ILE A 184 45.21 23.75 17.95
N CYS A 185 46.41 24.32 18.06
CA CYS A 185 47.04 25.03 16.94
C CYS A 185 47.34 24.11 15.77
N LYS A 186 47.66 22.85 16.06
CA LYS A 186 47.97 21.85 15.04
C LYS A 186 46.77 21.49 14.15
N VAL A 187 45.56 21.62 14.68
CA VAL A 187 44.36 21.13 13.99
C VAL A 187 43.45 22.23 13.42
N VAL A 188 43.65 23.46 13.87
CA VAL A 188 42.88 24.59 13.35
C VAL A 188 43.76 25.48 12.44
N GLU A 189 43.11 26.25 11.58
CA GLU A 189 43.80 27.15 10.67
C GLU A 189 43.15 28.53 10.69
N VAL A 190 43.75 29.49 9.99
CA VAL A 190 43.17 30.83 9.85
C VAL A 190 41.84 30.75 9.11
N GLY A 191 40.77 31.16 9.79
CA GLY A 191 39.43 31.10 9.22
C GLY A 191 38.55 30.03 9.85
N SER A 192 39.16 29.13 10.61
CA SER A 192 38.44 28.07 11.33
C SER A 192 37.51 28.66 12.39
N LYS A 193 36.37 28.03 12.58
CA LYS A 193 35.41 28.45 13.59
C LYS A 193 35.59 27.69 14.91
N ILE A 194 35.56 28.43 16.01
CA ILE A 194 35.64 27.87 17.36
C ILE A 194 34.36 28.22 18.11
N TYR A 195 33.71 27.21 18.66
CA TYR A 195 32.45 27.40 19.38
C TYR A 195 32.61 27.12 20.87
N VAL A 196 32.05 28.01 21.68
CA VAL A 196 32.16 27.92 23.14
C VAL A 196 30.77 27.98 23.80
N ASP A 197 30.59 27.17 24.85
CA ASP A 197 29.38 27.14 25.69
C ASP A 197 28.13 26.75 24.90
N ASP A 198 27.92 25.45 24.75
CA ASP A 198 26.77 24.89 24.01
C ASP A 198 26.59 25.53 22.63
N GLY A 199 27.69 25.99 22.04
CA GLY A 199 27.70 26.61 20.73
C GLY A 199 27.07 27.99 20.65
N LEU A 200 26.93 28.67 21.79
CA LEU A 200 26.34 30.00 21.84
C LEU A 200 27.33 31.09 21.44
N ILE A 201 28.59 30.90 21.81
CA ILE A 201 29.69 31.79 21.42
C ILE A 201 30.37 31.24 20.19
N SER A 202 30.68 32.11 19.22
CA SER A 202 31.45 31.70 18.03
C SER A 202 32.63 32.62 17.78
N LEU A 203 33.77 32.01 17.48
CA LEU A 203 35.01 32.74 17.22
C LEU A 203 35.61 32.27 15.90
N GLN A 204 36.22 33.20 15.16
CA GLN A 204 36.97 32.86 13.95
C GLN A 204 38.45 33.18 14.13
N VAL A 205 39.30 32.22 13.80
CA VAL A 205 40.75 32.38 13.90
C VAL A 205 41.27 33.39 12.89
N LYS A 206 41.88 34.46 13.39
CA LYS A 206 42.47 35.50 12.53
C LYS A 206 43.98 35.31 12.39
N GLN A 207 44.64 35.01 13.51
CA GLN A 207 46.08 34.77 13.53
C GLN A 207 46.41 33.50 14.29
N LYS A 208 47.07 32.57 13.61
CA LYS A 208 47.53 31.32 14.23
C LYS A 208 48.96 31.49 14.74
N GLY A 209 49.11 31.46 16.06
CA GLY A 209 50.42 31.60 16.69
C GLY A 209 51.13 30.27 16.89
N ALA A 210 52.23 30.31 17.64
CA ALA A 210 53.00 29.11 17.94
C ALA A 210 52.27 28.21 18.92
N ASP A 211 51.87 28.79 20.05
CA ASP A 211 51.08 28.10 21.06
C ASP A 211 49.92 28.98 21.54
N PHE A 212 49.38 29.77 20.61
CA PHE A 212 48.24 30.66 20.86
C PHE A 212 47.42 30.91 19.60
N LEU A 213 46.24 31.50 19.77
CA LEU A 213 45.37 31.87 18.66
C LEU A 213 44.72 33.23 18.88
N VAL A 214 44.75 34.07 17.84
CA VAL A 214 44.09 35.37 17.88
C VAL A 214 42.78 35.27 17.10
N THR A 215 41.67 35.47 17.79
CA THR A 215 40.34 35.26 17.21
C THR A 215 39.50 36.54 17.19
N GLU A 216 38.51 36.57 16.29
CA GLU A 216 37.50 37.61 16.26
C GLU A 216 36.17 37.04 16.73
N VAL A 217 35.53 37.72 17.69
CA VAL A 217 34.24 37.30 18.22
C VAL A 217 33.16 37.52 17.18
N GLU A 218 32.47 36.45 16.80
CA GLU A 218 31.44 36.47 15.78
C GLU A 218 30.05 36.52 16.40
N ASN A 219 29.73 35.53 17.22
CA ASN A 219 28.53 35.55 18.05
C ASN A 219 28.86 35.87 19.50
N GLY A 220 28.19 36.89 20.04
CA GLY A 220 28.46 37.36 21.40
C GLY A 220 27.68 36.64 22.48
N GLY A 221 27.98 36.98 23.74
CA GLY A 221 27.29 36.42 24.89
C GLY A 221 28.14 36.47 26.16
N SER A 222 27.63 35.86 27.23
CA SER A 222 28.34 35.81 28.50
C SER A 222 29.19 34.55 28.59
N LEU A 223 30.47 34.73 28.90
CA LEU A 223 31.40 33.61 29.04
C LEU A 223 31.63 33.28 30.52
N GLY A 224 31.26 32.06 30.90
CA GLY A 224 31.47 31.58 32.27
C GLY A 224 32.69 30.67 32.38
N SER A 225 32.75 29.90 33.45
CA SER A 225 33.89 29.03 33.74
C SER A 225 33.69 27.62 33.21
N LYS A 226 34.81 26.99 32.82
CA LYS A 226 34.82 25.60 32.34
C LYS A 226 33.65 25.22 31.42
N LYS A 227 33.57 25.90 30.28
CA LYS A 227 32.52 25.64 29.30
C LYS A 227 33.06 24.79 28.14
N GLY A 228 32.17 24.01 27.54
CA GLY A 228 32.54 23.12 26.44
C GLY A 228 32.94 23.85 25.19
N VAL A 229 33.92 23.28 24.48
CA VAL A 229 34.44 23.87 23.23
C VAL A 229 34.30 22.87 22.09
N ASN A 230 33.80 23.36 20.96
CA ASN A 230 33.67 22.54 19.77
C ASN A 230 34.46 23.09 18.59
N LEU A 231 35.03 22.18 17.79
CA LEU A 231 35.80 22.54 16.59
C LEU A 231 35.31 21.74 15.38
N PRO A 232 34.25 22.25 14.71
CA PRO A 232 33.69 21.55 13.53
C PRO A 232 34.61 21.68 12.32
N GLY A 233 34.81 20.58 11.61
CA GLY A 233 35.68 20.55 10.43
C GLY A 233 37.09 20.10 10.75
N ALA A 234 37.58 20.47 11.92
CA ALA A 234 38.90 20.06 12.40
C ALA A 234 38.90 18.62 12.88
N ALA A 235 40.03 17.93 12.71
CA ALA A 235 40.18 16.56 13.19
C ALA A 235 40.92 16.55 14.53
N VAL A 236 40.16 16.59 15.61
CA VAL A 236 40.69 16.59 16.97
C VAL A 236 41.41 15.28 17.24
N ASP A 237 42.66 15.38 17.73
CA ASP A 237 43.51 14.21 17.91
C ASP A 237 43.56 13.68 19.36
N LEU A 238 42.55 14.04 20.15
CA LEU A 238 42.38 13.52 21.50
C LEU A 238 42.01 12.04 21.45
N PRO A 239 42.51 11.23 22.41
CA PRO A 239 42.21 9.80 22.42
C PRO A 239 40.72 9.51 22.55
N ALA A 240 40.26 8.45 21.89
CA ALA A 240 38.87 8.01 21.99
C ALA A 240 38.56 7.55 23.42
N VAL A 241 39.53 6.89 24.03
CA VAL A 241 39.44 6.47 25.43
C VAL A 241 40.72 6.90 26.14
N SER A 242 40.63 8.00 26.88
CA SER A 242 41.78 8.57 27.60
C SER A 242 42.09 7.80 28.88
N GLU A 243 43.15 8.20 29.57
CA GLU A 243 43.52 7.61 30.86
C GLU A 243 42.39 7.78 31.88
N LYS A 244 41.80 8.99 31.91
CA LYS A 244 40.65 9.25 32.75
C LYS A 244 39.46 8.36 32.38
N ASP A 245 39.22 8.21 31.08
CA ASP A 245 38.13 7.37 30.58
C ASP A 245 38.30 5.92 31.02
N ILE A 246 39.54 5.42 30.95
CA ILE A 246 39.87 4.07 31.42
C ILE A 246 39.57 3.96 32.92
N GLN A 247 40.05 4.94 33.70
CA GLN A 247 39.81 4.99 35.15
C GLN A 247 38.32 4.96 35.49
N ASP A 248 37.55 5.76 34.76
CA ASP A 248 36.10 5.85 34.97
C ASP A 248 35.37 4.56 34.57
N LEU A 249 35.74 3.99 33.42
CA LEU A 249 35.14 2.74 32.96
C LEU A 249 35.37 1.59 33.93
N LYS A 250 36.59 1.51 34.49
CA LYS A 250 36.90 0.52 35.52
C LYS A 250 36.04 0.72 36.75
N PHE A 251 35.90 1.98 37.18
CA PHE A 251 35.03 2.35 38.29
C PHE A 251 33.60 1.88 38.05
N GLY A 252 33.11 2.07 36.82
CA GLY A 252 31.78 1.60 36.42
C GLY A 252 31.60 0.10 36.59
N VAL A 253 32.62 -0.66 36.22
CA VAL A 253 32.60 -2.11 36.40
C VAL A 253 32.54 -2.49 37.87
N GLU A 254 33.41 -1.88 38.67
CA GLU A 254 33.49 -2.15 40.10
C GLU A 254 32.21 -1.77 40.84
N GLN A 255 31.58 -0.66 40.42
CA GLN A 255 30.35 -0.17 41.02
C GLN A 255 29.10 -0.82 40.43
N ASP A 256 29.30 -1.73 39.47
CA ASP A 256 28.24 -2.55 38.88
C ASP A 256 27.15 -1.72 38.17
N VAL A 257 27.60 -0.81 37.30
CA VAL A 257 26.66 -0.03 36.47
C VAL A 257 26.05 -0.93 35.39
N ASP A 258 24.88 -0.53 34.89
CA ASP A 258 24.14 -1.34 33.92
C ASP A 258 24.54 -1.06 32.48
N MET A 259 24.94 0.18 32.21
CA MET A 259 25.26 0.62 30.85
C MET A 259 26.27 1.77 30.83
N VAL A 260 26.92 1.94 29.69
CA VAL A 260 27.85 3.04 29.47
C VAL A 260 27.36 3.90 28.31
N PHE A 261 27.31 5.20 28.53
CA PHE A 261 27.08 6.15 27.44
C PHE A 261 28.44 6.67 26.99
N ALA A 262 28.96 6.11 25.91
CA ALA A 262 30.32 6.41 25.44
C ALA A 262 30.35 7.65 24.55
N SER A 263 30.93 8.73 25.07
CA SER A 263 30.97 10.02 24.40
C SER A 263 31.90 10.06 23.19
N PHE A 264 31.44 10.72 22.14
CA PHE A 264 32.22 11.03 20.93
C PHE A 264 32.74 9.82 20.14
N ILE A 265 31.95 8.77 20.08
CA ILE A 265 32.29 7.58 19.29
C ILE A 265 32.30 7.94 17.80
N ARG A 266 33.47 7.84 17.18
CA ARG A 266 33.68 8.25 15.79
C ARG A 266 33.71 7.06 14.83
N LYS A 267 34.05 5.89 15.36
CA LYS A 267 34.22 4.67 14.54
C LYS A 267 34.01 3.41 15.36
N ALA A 268 34.07 2.26 14.69
CA ALA A 268 33.85 0.96 15.31
C ALA A 268 34.94 0.56 16.30
N SER A 269 36.18 0.96 16.02
CA SER A 269 37.31 0.64 16.88
C SER A 269 37.27 1.37 18.23
N ASP A 270 36.63 2.55 18.23
CA ASP A 270 36.35 3.29 19.46
C ASP A 270 35.50 2.45 20.43
N VAL A 271 34.49 1.77 19.88
CA VAL A 271 33.61 0.90 20.65
C VAL A 271 34.38 -0.30 21.21
N HIS A 272 35.22 -0.91 20.37
CA HIS A 272 36.03 -2.06 20.79
C HIS A 272 36.96 -1.72 21.95
N GLU A 273 37.58 -0.54 21.90
CA GLU A 273 38.41 -0.04 23.00
C GLU A 273 37.62 -0.03 24.31
N VAL A 274 36.43 0.57 24.27
CA VAL A 274 35.52 0.62 25.42
C VAL A 274 35.18 -0.78 25.92
N ARG A 275 34.81 -1.66 24.98
CA ARG A 275 34.50 -3.06 25.25
C ARG A 275 35.65 -3.80 25.94
N LYS A 276 36.88 -3.51 25.51
CA LYS A 276 38.07 -4.13 26.07
C LYS A 276 38.35 -3.63 27.50
N VAL A 277 38.18 -2.33 27.71
CA VAL A 277 38.40 -1.73 29.03
C VAL A 277 37.43 -2.30 30.06
N LEU A 278 36.17 -2.47 29.66
CA LEU A 278 35.15 -3.09 30.53
C LEU A 278 35.49 -4.56 30.81
N GLY A 279 36.19 -5.18 29.86
CA GLY A 279 36.77 -6.50 30.04
C GLY A 279 35.80 -7.64 30.24
N GLU A 280 36.29 -8.70 30.88
CA GLU A 280 35.49 -9.89 31.16
C GLU A 280 34.49 -9.66 32.30
N LYS A 281 34.90 -8.91 33.31
CA LYS A 281 34.05 -8.65 34.47
C LYS A 281 32.83 -7.79 34.10
N GLY A 282 33.00 -6.90 33.12
CA GLY A 282 31.94 -6.01 32.68
C GLY A 282 31.41 -6.30 31.29
N LYS A 283 31.38 -7.58 30.91
CA LYS A 283 30.95 -7.99 29.57
C LYS A 283 29.42 -7.96 29.37
N ASN A 284 28.69 -7.96 30.48
CA ASN A 284 27.23 -7.86 30.42
C ASN A 284 26.74 -6.41 30.41
N ILE A 285 27.66 -5.47 30.65
CA ILE A 285 27.34 -4.05 30.60
C ILE A 285 27.12 -3.61 29.15
N LYS A 286 25.96 -3.00 28.91
CA LYS A 286 25.57 -2.54 27.57
C LYS A 286 26.32 -1.27 27.20
N ILE A 287 26.91 -1.25 26.00
CA ILE A 287 27.58 -0.05 25.49
C ILE A 287 26.65 0.71 24.56
N ILE A 288 26.28 1.92 24.99
CA ILE A 288 25.52 2.83 24.17
C ILE A 288 26.49 3.86 23.61
N SER A 289 26.64 3.87 22.29
CA SER A 289 27.54 4.79 21.62
C SER A 289 26.85 6.11 21.31
N LYS A 290 27.43 7.20 21.80
CA LYS A 290 26.89 8.52 21.57
C LYS A 290 27.38 9.07 20.23
N ILE A 291 26.42 9.38 19.37
CA ILE A 291 26.73 10.01 18.08
C ILE A 291 26.55 11.51 18.24
N GLU A 292 27.66 12.23 18.20
CA GLU A 292 27.64 13.67 18.45
C GLU A 292 28.67 14.45 17.63
N ASN A 293 29.14 13.84 16.56
CA ASN A 293 30.03 14.51 15.59
C ASN A 293 29.78 14.03 14.17
N HIS A 294 30.41 14.71 13.21
CA HIS A 294 30.25 14.40 11.79
C HIS A 294 30.69 12.97 11.44
N GLU A 295 31.84 12.53 11.95
CA GLU A 295 32.36 11.19 11.67
C GLU A 295 31.48 10.08 12.24
N GLY A 296 30.87 10.34 13.39
CA GLY A 296 29.93 9.41 14.00
C GLY A 296 28.71 9.15 13.13
N VAL A 297 28.33 10.15 12.35
CA VAL A 297 27.21 10.02 11.41
C VAL A 297 27.64 9.26 10.14
N ARG A 298 28.80 9.61 9.59
CA ARG A 298 29.33 8.95 8.40
C ARG A 298 29.55 7.45 8.60
N ARG A 299 30.04 7.08 9.77
CA ARG A 299 30.37 5.68 10.06
C ARG A 299 29.35 5.04 11.01
N PHE A 300 28.11 5.53 10.96
CA PHE A 300 27.05 5.07 11.86
C PHE A 300 26.77 3.57 11.76
N ASP A 301 26.78 3.04 10.54
CA ASP A 301 26.45 1.64 10.29
C ASP A 301 27.39 0.65 10.99
N GLU A 302 28.68 0.96 10.99
CA GLU A 302 29.66 0.12 11.68
C GLU A 302 29.64 0.33 13.20
N ILE A 303 29.26 1.54 13.62
CA ILE A 303 29.13 1.87 15.05
C ILE A 303 27.95 1.12 15.66
N LEU A 304 26.78 1.21 15.01
CA LEU A 304 25.58 0.49 15.44
C LEU A 304 25.83 -1.01 15.55
N GLU A 305 26.56 -1.56 14.58
CA GLU A 305 26.90 -2.98 14.58
C GLU A 305 27.78 -3.38 15.77
N ALA A 306 28.76 -2.54 16.08
CA ALA A 306 29.67 -2.79 17.21
C ALA A 306 29.01 -2.55 18.57
N SER A 307 28.05 -1.63 18.61
CA SER A 307 27.42 -1.19 19.86
C SER A 307 26.21 -2.04 20.26
N ASP A 308 25.80 -1.88 21.51
CA ASP A 308 24.57 -2.48 22.02
C ASP A 308 23.39 -1.54 21.77
N GLY A 309 23.71 -0.28 21.49
CA GLY A 309 22.70 0.75 21.25
C GLY A 309 23.32 2.11 20.96
N ILE A 310 22.46 3.08 20.66
CA ILE A 310 22.89 4.39 20.20
C ILE A 310 22.19 5.50 20.99
N MET A 311 22.93 6.57 21.28
CA MET A 311 22.32 7.80 21.76
C MET A 311 22.50 8.91 20.74
N VAL A 312 21.38 9.52 20.34
CA VAL A 312 21.43 10.72 19.53
C VAL A 312 21.72 11.88 20.48
N ALA A 313 23.01 12.19 20.62
CA ALA A 313 23.48 13.23 21.53
C ALA A 313 23.49 14.57 20.81
N ARG A 314 22.31 15.21 20.79
CA ARG A 314 22.05 16.37 19.94
C ARG A 314 22.78 17.65 20.39
N GLY A 315 23.19 17.69 21.65
CA GLY A 315 23.93 18.82 22.19
C GLY A 315 25.16 19.13 21.36
N ASP A 316 26.14 18.23 21.40
CA ASP A 316 27.36 18.37 20.62
C ASP A 316 27.10 18.20 19.11
N LEU A 317 26.17 17.30 18.77
CA LEU A 317 25.84 17.05 17.37
C LEU A 317 25.36 18.32 16.65
N GLY A 318 24.51 19.09 17.33
CA GLY A 318 23.96 20.33 16.77
C GLY A 318 24.96 21.46 16.60
N ILE A 319 26.20 21.22 17.03
CA ILE A 319 27.29 22.18 16.87
C ILE A 319 28.33 21.66 15.86
N GLU A 320 28.60 20.36 15.91
CA GLU A 320 29.56 19.72 15.02
C GLU A 320 29.08 19.70 13.56
N ILE A 321 27.77 19.53 13.39
CA ILE A 321 27.11 19.66 12.08
C ILE A 321 26.09 20.79 12.19
N PRO A 322 25.65 21.36 11.05
CA PRO A 322 24.65 22.42 11.09
C PRO A 322 23.39 22.03 11.88
N ALA A 323 22.83 22.99 12.63
CA ALA A 323 21.68 22.75 13.49
C ALA A 323 20.43 22.35 12.71
N GLU A 324 20.33 22.82 11.47
CA GLU A 324 19.19 22.52 10.61
C GLU A 324 19.22 21.09 10.06
N LYS A 325 20.31 20.37 10.34
CA LYS A 325 20.48 19.00 9.84
C LYS A 325 20.27 17.92 10.91
N VAL A 326 20.12 18.35 12.17
CA VAL A 326 20.04 17.42 13.30
C VAL A 326 18.82 16.50 13.22
N PHE A 327 17.68 17.03 12.80
CA PHE A 327 16.45 16.24 12.66
C PHE A 327 16.60 15.09 11.65
N LEU A 328 17.32 15.35 10.55
CA LEU A 328 17.62 14.33 9.55
C LEU A 328 18.43 13.20 10.17
N ALA A 329 19.51 13.57 10.86
CA ALA A 329 20.37 12.61 11.54
C ALA A 329 19.60 11.83 12.60
N GLN A 330 18.77 12.51 13.38
CA GLN A 330 17.99 11.87 14.44
C GLN A 330 17.04 10.81 13.87
N LYS A 331 16.30 11.19 12.83
CA LYS A 331 15.31 10.31 12.22
C LYS A 331 15.93 9.15 11.46
N MET A 332 17.08 9.39 10.84
CA MET A 332 17.87 8.34 10.18
C MET A 332 18.35 7.29 11.18
N MET A 333 18.87 7.76 12.31
CA MET A 333 19.46 6.87 13.31
C MET A 333 18.42 6.05 14.06
N ILE A 334 17.31 6.71 14.44
CA ILE A 334 16.22 6.03 15.13
C ILE A 334 15.63 4.92 14.25
N GLY A 335 15.38 5.25 12.98
CA GLY A 335 14.86 4.29 12.01
C GLY A 335 15.76 3.09 11.81
N ARG A 336 17.06 3.34 11.70
CA ARG A 336 18.04 2.27 11.51
C ARG A 336 18.21 1.41 12.75
N CYS A 337 18.07 2.02 13.92
CA CYS A 337 18.12 1.29 15.19
C CYS A 337 16.88 0.41 15.35
N ASN A 338 15.71 0.97 15.03
CA ASN A 338 14.45 0.23 15.06
C ASN A 338 14.50 -1.00 14.16
N ARG A 339 15.04 -0.80 12.96
CA ARG A 339 15.21 -1.88 11.97
C ARG A 339 16.20 -2.93 12.44
N ALA A 340 17.21 -2.51 13.21
CA ALA A 340 18.23 -3.41 13.73
C ALA A 340 17.87 -4.07 15.06
N GLY A 341 16.75 -3.62 15.66
CA GLY A 341 16.31 -4.12 16.96
C GLY A 341 17.25 -3.72 18.09
N LYS A 342 17.77 -2.49 18.02
CA LYS A 342 18.71 -1.99 19.02
C LYS A 342 18.22 -0.70 19.66
N PRO A 343 18.38 -0.57 20.99
CA PRO A 343 17.94 0.61 21.74
C PRO A 343 18.48 1.91 21.15
N VAL A 344 17.62 2.92 21.06
CA VAL A 344 18.02 4.25 20.64
C VAL A 344 17.46 5.32 21.58
N ILE A 345 18.34 6.21 22.04
CA ILE A 345 17.98 7.27 22.95
C ILE A 345 18.06 8.61 22.25
N CYS A 346 17.00 9.39 22.37
CA CYS A 346 17.01 10.79 21.98
C CYS A 346 17.31 11.63 23.21
N ALA A 347 18.25 12.56 23.07
CA ALA A 347 18.79 13.29 24.22
C ALA A 347 19.06 14.77 23.97
N THR A 348 19.09 15.52 25.08
CA THR A 348 19.59 16.90 25.15
C THR A 348 18.60 17.96 24.71
N GLN A 349 18.33 18.89 25.63
CA GLN A 349 17.54 20.09 25.38
C GLN A 349 16.09 19.82 25.02
N MET A 350 15.60 18.64 25.41
CA MET A 350 14.22 18.24 25.12
C MET A 350 13.22 19.12 25.87
N LEU A 351 13.58 19.53 27.08
CA LEU A 351 12.76 20.45 27.87
C LEU A 351 13.59 21.57 28.53
N GLU A 352 14.54 22.14 27.78
CA GLU A 352 15.51 23.13 28.29
C GLU A 352 14.96 24.19 29.24
N SER A 353 13.91 24.88 28.80
CA SER A 353 13.35 26.00 29.57
C SER A 353 12.87 25.58 30.94
N MET A 354 12.60 24.29 31.12
CA MET A 354 12.14 23.74 32.40
C MET A 354 13.22 23.70 33.49
N ILE A 355 14.43 24.12 33.13
CA ILE A 355 15.49 24.38 34.12
C ILE A 355 15.07 25.56 35.00
N LYS A 356 14.39 26.53 34.39
CA LYS A 356 13.97 27.76 35.07
C LYS A 356 12.45 27.93 35.17
N LYS A 357 11.71 27.22 34.33
CA LYS A 357 10.25 27.38 34.26
C LYS A 357 9.52 26.08 34.58
N PRO A 358 8.36 26.18 35.25
CA PRO A 358 7.60 24.97 35.64
C PRO A 358 6.80 24.38 34.48
N ARG A 359 6.83 25.05 33.33
CA ARG A 359 6.10 24.62 32.14
C ARG A 359 6.96 24.77 30.89
N PRO A 360 6.93 23.77 29.99
CA PRO A 360 7.79 23.79 28.81
C PRO A 360 7.29 24.73 27.73
N THR A 361 8.14 25.02 26.75
CA THR A 361 7.72 25.75 25.56
C THR A 361 6.98 24.80 24.63
N ARG A 362 6.27 25.36 23.65
CA ARG A 362 5.50 24.54 22.71
C ARG A 362 6.42 23.75 21.77
N ALA A 363 7.63 24.26 21.54
CA ALA A 363 8.65 23.57 20.75
C ALA A 363 9.16 22.33 21.49
N GLU A 364 9.28 22.45 22.81
CA GLU A 364 9.72 21.36 23.66
C GLU A 364 8.66 20.27 23.76
N GLY A 365 7.40 20.67 23.92
CA GLY A 365 6.28 19.74 23.94
C GLY A 365 6.21 18.92 22.66
N SER A 366 6.46 19.58 21.54
CA SER A 366 6.51 18.95 20.22
C SER A 366 7.73 18.03 20.05
N ASP A 367 8.88 18.46 20.58
CA ASP A 367 10.13 17.71 20.44
C ASP A 367 10.08 16.34 21.11
N VAL A 368 9.53 16.29 22.32
CA VAL A 368 9.39 15.03 23.06
C VAL A 368 8.45 14.06 22.33
N ALA A 369 7.33 14.58 21.85
CA ALA A 369 6.33 13.77 21.16
C ALA A 369 6.85 13.22 19.84
N ASN A 370 7.43 14.10 19.03
CA ASN A 370 8.01 13.70 17.75
C ASN A 370 9.12 12.67 17.89
N ALA A 371 9.91 12.77 18.96
CA ALA A 371 10.94 11.78 19.28
C ALA A 371 10.35 10.40 19.56
N VAL A 372 9.22 10.37 20.27
CA VAL A 372 8.52 9.11 20.53
C VAL A 372 7.89 8.57 19.24
N LEU A 373 7.28 9.46 18.46
CA LEU A 373 6.68 9.11 17.16
C LEU A 373 7.73 8.61 16.16
N ASP A 374 8.93 9.20 16.21
CA ASP A 374 10.06 8.76 15.38
C ASP A 374 10.42 7.29 15.65
N GLY A 375 10.27 6.87 16.90
CA GLY A 375 10.50 5.48 17.29
C GLY A 375 11.59 5.29 18.31
N ALA A 376 11.85 6.32 19.11
CA ALA A 376 12.90 6.25 20.14
C ALA A 376 12.50 5.35 21.30
N ASP A 377 13.42 4.48 21.69
CA ASP A 377 13.22 3.60 22.83
C ASP A 377 13.24 4.37 24.15
N CYS A 378 14.09 5.40 24.21
CA CYS A 378 14.26 6.19 25.42
C CYS A 378 14.39 7.68 25.11
N ILE A 379 13.96 8.48 26.08
CA ILE A 379 14.13 9.93 26.05
C ILE A 379 14.89 10.34 27.31
N MET A 380 15.59 11.46 27.24
CA MET A 380 16.52 11.84 28.29
C MET A 380 16.37 13.28 28.77
N LEU A 381 16.64 13.49 30.04
CA LEU A 381 16.77 14.84 30.60
C LEU A 381 18.20 15.01 31.11
N SER A 382 18.74 16.21 30.95
CA SER A 382 20.07 16.51 31.44
C SER A 382 20.02 17.55 32.56
N GLY A 383 20.23 18.82 32.19
CA GLY A 383 20.18 19.93 33.15
C GLY A 383 18.82 20.12 33.79
N GLU A 384 17.77 19.63 33.12
CA GLU A 384 16.40 19.71 33.63
C GLU A 384 16.25 18.95 34.96
N THR A 385 17.02 17.88 35.12
CA THR A 385 16.98 17.09 36.36
C THR A 385 18.25 17.23 37.18
N ALA A 386 19.36 17.60 36.53
CA ALA A 386 20.66 17.69 37.20
C ALA A 386 20.84 18.92 38.06
N LYS A 387 20.41 20.08 37.56
CA LYS A 387 20.66 21.36 38.22
C LYS A 387 19.48 22.33 38.23
N GLY A 388 18.45 22.03 37.43
CA GLY A 388 17.29 22.89 37.29
C GLY A 388 16.42 23.05 38.53
N ASP A 389 15.52 24.03 38.50
CA ASP A 389 14.65 24.33 39.63
C ASP A 389 13.41 23.43 39.68
N TYR A 390 13.05 22.83 38.54
CA TYR A 390 11.87 21.97 38.46
C TYR A 390 12.17 20.56 37.90
N PRO A 391 12.98 19.77 38.61
CA PRO A 391 13.33 18.44 38.09
C PRO A 391 12.16 17.47 38.02
N LEU A 392 11.34 17.40 39.07
CA LEU A 392 10.20 16.49 39.11
C LEU A 392 9.14 16.83 38.07
N GLU A 393 8.96 18.13 37.84
CA GLU A 393 8.04 18.61 36.80
C GLU A 393 8.53 18.22 35.41
N ALA A 394 9.84 18.19 35.22
CA ALA A 394 10.45 17.75 33.96
C ALA A 394 10.18 16.28 33.68
N VAL A 395 10.39 15.42 34.68
CA VAL A 395 10.10 13.98 34.55
C VAL A 395 8.61 13.74 34.26
N ARG A 396 7.74 14.41 35.03
CA ARG A 396 6.29 14.26 34.88
C ARG A 396 5.81 14.65 33.49
N MET A 397 6.38 15.74 32.96
CA MET A 397 6.04 16.21 31.62
C MET A 397 6.43 15.19 30.55
N GLN A 398 7.55 14.50 30.74
CA GLN A 398 7.97 13.47 29.79
C GLN A 398 7.07 12.24 29.85
N ASN A 399 6.65 11.83 31.04
CA ASN A 399 5.67 10.75 31.21
C ASN A 399 4.37 11.08 30.48
N LEU A 400 3.91 12.32 30.62
CA LEU A 400 2.65 12.77 30.02
C LEU A 400 2.71 12.81 28.49
N ILE A 401 3.73 13.48 27.95
CA ILE A 401 3.88 13.61 26.50
C ILE A 401 4.10 12.24 25.84
N ALA A 402 5.02 11.46 26.39
CA ALA A 402 5.32 10.12 25.86
C ALA A 402 4.06 9.25 25.77
N ARG A 403 3.26 9.29 26.83
CA ARG A 403 2.01 8.53 26.89
C ARG A 403 1.06 8.92 25.76
N GLU A 404 0.88 10.22 25.56
CA GLU A 404 0.02 10.74 24.49
C GLU A 404 0.50 10.33 23.11
N ALA A 405 1.81 10.40 22.90
CA ALA A 405 2.41 10.06 21.60
C ALA A 405 2.28 8.57 21.28
N GLU A 406 2.39 7.74 22.32
CA GLU A 406 2.24 6.29 22.16
C GLU A 406 0.81 5.91 21.76
N ALA A 407 -0.16 6.61 22.34
CA ALA A 407 -1.57 6.42 22.00
C ALA A 407 -1.88 6.90 20.58
N ALA A 408 -1.06 7.83 20.09
CA ALA A 408 -1.23 8.39 18.75
C ALA A 408 -0.65 7.48 17.67
N ILE A 409 0.33 6.66 18.03
CA ILE A 409 1.01 5.77 17.08
C ILE A 409 0.05 4.71 16.50
N TYR A 410 0.02 4.64 15.17
CA TYR A 410 -0.70 3.58 14.46
C TYR A 410 0.13 2.30 14.55
N HIS A 411 -0.06 1.56 15.66
CA HIS A 411 0.75 0.40 16.00
C HIS A 411 0.76 -0.71 14.95
N LEU A 412 -0.42 -1.00 14.40
CA LEU A 412 -0.59 -2.08 13.41
C LEU A 412 0.26 -1.84 12.16
N GLN A 413 0.25 -0.59 11.67
CA GLN A 413 1.02 -0.20 10.48
C GLN A 413 2.53 -0.29 10.72
N LEU A 414 2.96 0.12 11.92
CA LEU A 414 4.38 0.09 12.28
C LEU A 414 4.92 -1.34 12.34
N PHE A 415 4.16 -2.24 12.96
CA PHE A 415 4.49 -3.66 13.03
C PHE A 415 4.54 -4.28 11.63
N GLU A 416 3.58 -3.90 10.79
CA GLU A 416 3.51 -4.35 9.40
C GLU A 416 4.76 -3.95 8.62
N GLU A 417 5.26 -2.75 8.87
CA GLU A 417 6.45 -2.23 8.20
C GLU A 417 7.73 -2.88 8.71
N LEU A 418 7.77 -3.18 10.01
CA LEU A 418 8.94 -3.82 10.63
C LEU A 418 9.01 -5.32 10.34
N ARG A 419 7.85 -5.97 10.32
CA ARG A 419 7.76 -7.41 10.05
C ARG A 419 8.13 -7.75 8.61
N ARG A 420 7.75 -6.87 7.68
CA ARG A 420 8.07 -7.04 6.27
C ARG A 420 9.57 -6.86 6.01
N LEU A 421 10.20 -5.96 6.77
CA LEU A 421 11.64 -5.68 6.64
C LEU A 421 12.50 -6.68 7.42
N ALA A 422 11.88 -7.41 8.34
CA ALA A 422 12.58 -8.42 9.13
C ALA A 422 12.85 -9.68 8.30
N PRO A 423 14.14 -10.04 8.14
CA PRO A 423 14.53 -11.17 7.30
C PRO A 423 14.13 -12.52 7.90
N ILE A 424 14.02 -13.53 7.04
CA ILE A 424 13.66 -14.89 7.45
C ILE A 424 14.83 -15.55 8.19
N THR A 425 14.54 -16.15 9.34
CA THR A 425 15.52 -16.92 10.11
C THR A 425 14.92 -18.21 10.67
N SER A 426 15.77 -19.19 10.91
CA SER A 426 15.34 -20.48 11.48
C SER A 426 15.33 -20.44 13.01
N ASP A 427 15.55 -19.26 13.57
CA ASP A 427 15.56 -19.05 15.03
C ASP A 427 14.16 -19.19 15.60
N PRO A 428 13.96 -20.16 16.51
CA PRO A 428 12.66 -20.44 17.11
C PRO A 428 12.11 -19.29 17.94
N THR A 429 12.98 -18.65 18.73
CA THR A 429 12.58 -17.54 19.59
C THR A 429 12.10 -16.34 18.78
N GLU A 430 12.78 -16.08 17.66
CA GLU A 430 12.39 -15.02 16.74
C GLU A 430 11.00 -15.32 16.17
N ALA A 431 10.80 -16.56 15.74
CA ALA A 431 9.52 -17.02 15.19
C ALA A 431 8.39 -16.90 16.21
N THR A 432 8.69 -17.24 17.47
CA THR A 432 7.72 -17.17 18.56
C THR A 432 7.38 -15.71 18.86
N ALA A 433 8.39 -14.84 18.83
CA ALA A 433 8.22 -13.40 19.07
C ALA A 433 7.23 -12.76 18.11
N VAL A 434 7.43 -12.96 16.80
CA VAL A 434 6.53 -12.40 15.79
C VAL A 434 5.12 -12.99 15.91
N GLY A 435 5.06 -14.27 16.26
CA GLY A 435 3.79 -14.94 16.50
C GLY A 435 3.02 -14.31 17.66
N ALA A 436 3.74 -13.95 18.71
CA ALA A 436 3.14 -13.32 19.89
C ALA A 436 2.55 -11.94 19.58
N VAL A 437 3.34 -11.10 18.93
CA VAL A 437 2.93 -9.73 18.58
C VAL A 437 1.70 -9.75 17.68
N GLU A 438 1.70 -10.64 16.68
CA GLU A 438 0.56 -10.83 15.79
C GLU A 438 -0.70 -11.23 16.57
N ALA A 439 -0.55 -12.15 17.51
CA ALA A 439 -1.65 -12.59 18.36
C ALA A 439 -2.19 -11.48 19.25
N SER A 440 -1.30 -10.59 19.72
CA SER A 440 -1.68 -9.50 20.61
C SER A 440 -2.52 -8.43 19.94
N PHE A 441 -2.33 -8.25 18.63
CA PHE A 441 -3.15 -7.32 17.87
C PHE A 441 -4.53 -7.92 17.55
N LYS A 442 -4.58 -9.24 17.48
CA LYS A 442 -5.78 -9.96 17.10
C LYS A 442 -6.82 -10.04 18.23
N CYS A 443 -6.35 -10.19 19.46
CA CYS A 443 -7.25 -10.36 20.60
C CYS A 443 -7.22 -9.19 21.59
N CYS A 444 -6.69 -8.05 21.14
CA CYS A 444 -6.56 -6.84 21.97
C CYS A 444 -6.10 -7.16 23.39
N SER A 445 -5.04 -7.94 23.48
CA SER A 445 -4.54 -8.45 24.75
C SER A 445 -4.02 -7.35 25.66
N GLY A 446 -4.22 -7.53 26.97
CA GLY A 446 -3.76 -6.59 27.97
C GLY A 446 -2.26 -6.60 28.21
N ALA A 447 -1.61 -7.70 27.80
CA ALA A 447 -0.17 -7.87 28.00
C ALA A 447 0.45 -8.98 27.14
N ILE A 448 1.77 -8.91 26.99
CA ILE A 448 2.55 -10.05 26.51
C ILE A 448 3.55 -10.41 27.60
N ILE A 449 3.26 -11.49 28.33
CA ILE A 449 4.12 -11.96 29.40
C ILE A 449 5.29 -12.77 28.83
N VAL A 450 6.50 -12.39 29.22
CA VAL A 450 7.71 -13.04 28.70
C VAL A 450 8.64 -13.42 29.85
N LEU A 451 8.98 -14.70 29.93
CA LEU A 451 9.95 -15.18 30.90
C LEU A 451 11.32 -15.18 30.24
N THR A 452 12.26 -14.48 30.87
CA THR A 452 13.59 -14.29 30.30
C THR A 452 14.68 -14.18 31.36
N LYS A 453 15.84 -14.76 31.09
CA LYS A 453 16.97 -14.70 32.01
C LYS A 453 17.93 -13.57 31.66
N SER A 454 18.25 -13.45 30.37
CA SER A 454 19.18 -12.42 29.90
C SER A 454 18.46 -11.18 29.34
N GLY A 455 17.20 -11.35 28.94
CA GLY A 455 16.42 -10.27 28.36
C GLY A 455 16.12 -10.45 26.89
N ARG A 456 16.95 -11.24 26.20
CA ARG A 456 16.89 -11.41 24.74
C ARG A 456 15.48 -11.71 24.20
N SER A 457 14.77 -12.62 24.86
CA SER A 457 13.41 -13.00 24.47
C SER A 457 12.46 -11.81 24.50
N ALA A 458 12.54 -11.03 25.58
CA ALA A 458 11.74 -9.81 25.73
C ALA A 458 12.17 -8.75 24.71
N HIS A 459 13.47 -8.68 24.43
CA HIS A 459 14.00 -7.73 23.44
C HIS A 459 13.47 -8.03 22.04
N GLN A 460 13.44 -9.33 21.70
CA GLN A 460 12.95 -9.79 20.40
C GLN A 460 11.49 -9.43 20.16
N VAL A 461 10.68 -9.46 21.21
CA VAL A 461 9.28 -9.07 21.13
C VAL A 461 9.16 -7.55 20.98
N ALA A 462 9.98 -6.81 21.72
CA ALA A 462 9.98 -5.35 21.68
C ALA A 462 10.34 -4.79 20.29
N ARG A 463 11.19 -5.53 19.59
CA ARG A 463 11.64 -5.18 18.23
C ARG A 463 10.46 -4.94 17.28
N TYR A 464 9.40 -5.73 17.43
CA TYR A 464 8.25 -5.66 16.53
C TYR A 464 7.16 -4.70 17.01
N ARG A 465 7.48 -3.93 18.05
CA ARG A 465 6.65 -2.82 18.52
C ARG A 465 5.15 -3.14 18.68
N PRO A 466 4.81 -4.04 19.62
CA PRO A 466 3.39 -4.25 19.90
C PRO A 466 2.81 -3.09 20.71
N ARG A 467 1.49 -2.94 20.68
CA ARG A 467 0.80 -1.96 21.53
C ARG A 467 0.75 -2.48 22.96
N ALA A 468 0.45 -3.76 23.11
CA ALA A 468 0.38 -4.41 24.40
C ALA A 468 1.70 -4.30 25.14
N PRO A 469 1.66 -3.98 26.44
CA PRO A 469 2.88 -3.90 27.26
C PRO A 469 3.53 -5.27 27.44
N ILE A 470 4.85 -5.32 27.31
CA ILE A 470 5.60 -6.55 27.50
C ILE A 470 6.08 -6.63 28.95
N ILE A 471 5.48 -7.53 29.72
CA ILE A 471 5.89 -7.77 31.09
C ILE A 471 6.94 -8.88 31.12
N ALA A 472 8.20 -8.48 31.34
CA ALA A 472 9.32 -9.41 31.35
C ALA A 472 9.61 -9.90 32.77
N VAL A 473 9.33 -11.17 33.02
CA VAL A 473 9.59 -11.77 34.32
C VAL A 473 11.01 -12.33 34.34
N THR A 474 11.77 -11.94 35.36
CA THR A 474 13.17 -12.36 35.49
C THR A 474 13.62 -12.46 36.95
N ARG A 475 14.63 -13.29 37.19
CA ARG A 475 15.27 -13.38 38.50
C ARG A 475 16.58 -12.61 38.52
N ASN A 476 17.10 -12.32 37.33
CA ASN A 476 18.34 -11.56 37.17
C ASN A 476 18.11 -10.06 37.34
N PRO A 477 18.70 -9.46 38.40
CA PRO A 477 18.49 -8.05 38.74
C PRO A 477 19.03 -7.08 37.67
N GLN A 478 20.15 -7.44 37.04
CA GLN A 478 20.73 -6.60 35.99
C GLN A 478 19.88 -6.61 34.73
N THR A 479 19.33 -7.78 34.39
CA THR A 479 18.43 -7.92 33.25
C THR A 479 17.19 -7.04 33.40
N ALA A 480 16.62 -7.00 34.61
CA ALA A 480 15.46 -6.17 34.91
C ALA A 480 15.77 -4.67 34.78
N ARG A 481 17.01 -4.29 35.07
CA ARG A 481 17.42 -2.89 34.95
C ARG A 481 17.65 -2.49 33.49
N GLN A 482 18.39 -3.33 32.76
CA GLN A 482 18.74 -3.07 31.37
C GLN A 482 17.54 -3.13 30.41
N ALA A 483 16.43 -3.68 30.90
CA ALA A 483 15.22 -3.85 30.09
C ALA A 483 14.56 -2.51 29.74
N HIS A 484 14.89 -1.47 30.48
CA HIS A 484 14.32 -0.13 30.29
C HIS A 484 14.80 0.56 29.02
N LEU A 485 15.89 0.05 28.43
CA LEU A 485 16.41 0.56 27.17
C LEU A 485 15.51 0.18 25.99
N TYR A 486 14.59 -0.76 26.22
CA TYR A 486 13.73 -1.27 25.17
C TYR A 486 12.27 -0.84 25.34
N ARG A 487 11.78 -0.08 24.36
CA ARG A 487 10.40 0.40 24.33
C ARG A 487 9.40 -0.74 24.57
N GLY A 488 8.51 -0.54 25.54
CA GLY A 488 7.40 -1.45 25.77
C GLY A 488 7.63 -2.53 26.80
N ILE A 489 8.87 -2.71 27.23
CA ILE A 489 9.18 -3.72 28.24
C ILE A 489 9.02 -3.15 29.65
N PHE A 490 8.18 -3.81 30.44
CA PHE A 490 7.99 -3.49 31.85
C PHE A 490 8.59 -4.62 32.67
N PRO A 491 9.82 -4.42 33.17
CA PRO A 491 10.52 -5.49 33.88
C PRO A 491 9.98 -5.71 35.29
N VAL A 492 9.85 -6.98 35.67
CA VAL A 492 9.48 -7.34 37.03
C VAL A 492 10.47 -8.37 37.58
N LEU A 493 11.00 -8.07 38.77
CA LEU A 493 12.02 -8.91 39.39
C LEU A 493 11.41 -9.92 40.36
N CYS A 494 11.49 -11.20 39.99
CA CYS A 494 11.01 -12.29 40.81
C CYS A 494 12.10 -12.69 41.81
N LYS A 495 11.80 -12.56 43.10
CA LYS A 495 12.75 -12.91 44.15
C LYS A 495 12.43 -14.26 44.81
N ASP A 496 11.34 -14.89 44.38
CA ASP A 496 10.92 -16.20 44.89
C ASP A 496 12.00 -17.27 44.68
N PRO A 497 12.14 -18.19 45.65
CA PRO A 497 13.09 -19.29 45.51
C PRO A 497 12.73 -20.20 44.34
N VAL A 498 13.76 -20.70 43.64
CA VAL A 498 13.56 -21.58 42.49
C VAL A 498 12.97 -22.92 42.93
N GLN A 499 11.84 -23.28 42.35
CA GLN A 499 11.15 -24.54 42.65
C GLN A 499 11.90 -25.74 42.07
N GLU A 500 11.82 -26.87 42.77
CA GLU A 500 12.50 -28.10 42.35
C GLU A 500 12.02 -28.58 40.99
N ALA A 501 10.69 -28.65 40.82
CA ALA A 501 10.10 -28.98 39.53
C ALA A 501 10.05 -27.74 38.64
N TRP A 502 10.53 -27.89 37.40
CA TRP A 502 10.67 -26.77 36.48
C TRP A 502 9.32 -26.24 35.95
N ALA A 503 8.36 -27.15 35.75
CA ALA A 503 7.03 -26.77 35.29
C ALA A 503 6.28 -25.88 36.29
N GLU A 504 6.44 -26.19 37.57
CA GLU A 504 5.80 -25.42 38.65
C GLU A 504 6.47 -24.07 38.85
N ASP A 505 7.78 -24.02 38.59
CA ASP A 505 8.56 -22.79 38.69
C ASP A 505 8.12 -21.76 37.65
N VAL A 506 7.79 -22.26 36.45
CA VAL A 506 7.31 -21.43 35.35
C VAL A 506 5.98 -20.75 35.70
N ASP A 507 5.01 -21.55 36.14
CA ASP A 507 3.67 -21.05 36.45
C ASP A 507 3.63 -20.17 37.70
N LEU A 508 4.65 -20.30 38.56
CA LEU A 508 4.84 -19.42 39.69
C LEU A 508 5.23 -18.02 39.19
N ARG A 509 6.09 -17.98 38.18
CA ARG A 509 6.54 -16.73 37.58
C ARG A 509 5.48 -16.12 36.66
N VAL A 510 4.66 -16.99 36.05
CA VAL A 510 3.54 -16.54 35.22
C VAL A 510 2.46 -15.89 36.10
N ASN A 511 2.16 -16.52 37.23
CA ASN A 511 1.18 -15.99 38.19
C ASN A 511 1.65 -14.67 38.80
N PHE A 512 2.97 -14.56 39.00
CA PHE A 512 3.59 -13.32 39.46
C PHE A 512 3.34 -12.19 38.46
N ALA A 513 3.35 -12.52 37.17
CA ALA A 513 3.05 -11.57 36.11
C ALA A 513 1.56 -11.19 36.07
N MET A 514 0.70 -12.15 36.40
CA MET A 514 -0.74 -11.90 36.48
C MET A 514 -1.03 -10.93 37.62
N ASN A 515 -0.33 -11.12 38.73
CA ASN A 515 -0.50 -10.27 39.91
C ASN A 515 0.02 -8.85 39.73
N VAL A 516 1.14 -8.72 39.01
CA VAL A 516 1.70 -7.41 38.66
C VAL A 516 0.76 -6.65 37.73
N GLY A 517 0.26 -7.35 36.71
CA GLY A 517 -0.61 -6.74 35.70
C GLY A 517 -1.94 -6.26 36.24
N LYS A 518 -2.47 -6.98 37.24
CA LYS A 518 -3.73 -6.60 37.87
C LYS A 518 -3.56 -5.41 38.81
N ALA A 519 -2.43 -5.38 39.51
CA ALA A 519 -2.14 -4.32 40.49
C ALA A 519 -1.77 -2.99 39.83
N ARG A 520 -1.17 -3.07 38.64
CA ARG A 520 -0.73 -1.88 37.92
C ARG A 520 -1.74 -1.42 36.86
N GLY A 521 -2.84 -2.15 36.74
CA GLY A 521 -3.96 -1.78 35.87
C GLY A 521 -3.77 -2.12 34.41
N PHE A 522 -2.97 -3.14 34.13
CA PHE A 522 -2.76 -3.60 32.75
C PHE A 522 -3.95 -4.39 32.23
N PHE A 523 -4.50 -5.26 33.10
CA PHE A 523 -5.64 -6.12 32.74
C PHE A 523 -6.47 -6.53 33.95
N LYS A 524 -7.61 -7.17 33.68
CA LYS A 524 -8.49 -7.72 34.73
C LYS A 524 -8.74 -9.22 34.54
N LYS A 525 -9.50 -9.81 35.46
CA LYS A 525 -9.79 -11.24 35.48
C LYS A 525 -10.40 -11.79 34.18
N GLY A 526 -11.33 -11.04 33.59
CA GLY A 526 -11.95 -11.44 32.34
C GLY A 526 -11.02 -11.44 31.14
N ASP A 527 -10.02 -10.55 31.16
CA ASP A 527 -9.13 -10.32 30.03
C ASP A 527 -8.26 -11.53 29.65
N VAL A 528 -7.76 -11.50 28.40
CA VAL A 528 -6.89 -12.56 27.88
C VAL A 528 -5.50 -12.00 27.52
N VAL A 529 -4.46 -12.76 27.86
CA VAL A 529 -3.07 -12.35 27.65
C VAL A 529 -2.24 -13.40 26.93
N ILE A 530 -1.11 -12.97 26.39
CA ILE A 530 -0.16 -13.86 25.71
C ILE A 530 1.02 -14.16 26.64
N VAL A 531 1.36 -15.44 26.78
CA VAL A 531 2.47 -15.86 27.64
C VAL A 531 3.55 -16.56 26.83
N LEU A 532 4.78 -16.07 26.94
CA LEU A 532 5.92 -16.64 26.22
C LEU A 532 6.88 -17.35 27.15
N THR A 533 7.08 -18.64 26.90
CA THR A 533 7.94 -19.49 27.73
C THR A 533 8.79 -20.40 26.85
N GLY A 534 9.58 -21.26 27.48
CA GLY A 534 10.42 -22.21 26.76
C GLY A 534 10.14 -23.66 27.10
N TRP A 535 10.95 -24.55 26.52
CA TRP A 535 10.79 -25.99 26.72
C TRP A 535 11.76 -26.55 27.76
N ARG A 536 12.85 -25.84 28.01
CA ARG A 536 13.83 -26.24 29.04
C ARG A 536 14.50 -25.02 29.69
N PRO A 537 15.06 -25.21 30.91
CA PRO A 537 15.77 -24.12 31.62
C PRO A 537 17.02 -23.64 30.90
N GLY A 538 17.46 -22.43 31.24
CA GLY A 538 18.62 -21.80 30.58
C GLY A 538 18.20 -20.93 29.43
N SER A 539 19.09 -20.00 29.04
CA SER A 539 18.80 -19.03 27.97
C SER A 539 18.80 -19.64 26.57
N GLY A 540 17.95 -19.07 25.70
CA GLY A 540 17.92 -19.44 24.29
C GLY A 540 16.97 -20.56 23.92
N PHE A 541 15.92 -20.76 24.70
CA PHE A 541 15.01 -21.88 24.50
C PHE A 541 13.52 -21.50 24.48
N THR A 542 13.23 -20.20 24.43
CA THR A 542 11.85 -19.72 24.31
C THR A 542 11.25 -20.12 22.96
N ASN A 543 10.21 -20.95 23.00
CA ASN A 543 9.59 -21.48 21.80
C ASN A 543 8.07 -21.59 21.90
N THR A 544 7.54 -21.37 23.10
CA THR A 544 6.15 -21.62 23.39
C THR A 544 5.34 -20.35 23.57
N MET A 545 4.24 -20.24 22.82
CA MET A 545 3.29 -19.14 22.96
C MET A 545 1.94 -19.69 23.40
N ARG A 546 1.43 -19.18 24.52
CA ARG A 546 0.12 -19.57 25.02
C ARG A 546 -0.80 -18.37 25.13
N VAL A 547 -2.06 -18.58 24.77
CA VAL A 547 -3.10 -17.57 24.89
C VAL A 547 -4.02 -17.97 26.04
N VAL A 548 -3.86 -17.33 27.18
CA VAL A 548 -4.58 -17.68 28.41
C VAL A 548 -5.34 -16.52 29.05
N PRO A 549 -6.51 -16.80 29.65
CA PRO A 549 -7.26 -15.80 30.41
C PRO A 549 -6.64 -15.52 31.78
N VAL A 550 -6.99 -14.38 32.36
CA VAL A 550 -6.45 -13.94 33.65
C VAL A 550 -7.17 -14.62 34.82
N PRO A 551 -6.39 -15.31 35.69
CA PRO A 551 -6.99 -15.93 36.87
C PRO A 551 -7.38 -14.88 37.92
N MET B 50 12.75 6.62 5.86
CA MET B 50 13.41 7.08 7.13
C MET B 50 14.89 6.71 7.20
N CYS B 51 15.20 5.47 6.80
CA CYS B 51 16.56 4.94 6.90
C CYS B 51 17.51 5.51 5.84
N ARG B 52 16.98 5.87 4.68
CA ARG B 52 17.79 6.45 3.60
C ARG B 52 17.67 7.98 3.56
N LEU B 53 17.96 8.61 4.69
CA LEU B 53 18.02 10.08 4.78
C LEU B 53 19.48 10.54 4.82
N ASP B 54 19.91 11.17 3.73
CA ASP B 54 21.30 11.60 3.56
C ASP B 54 21.51 13.01 4.13
N ILE B 55 22.40 13.12 5.11
CA ILE B 55 22.70 14.38 5.78
C ILE B 55 23.77 15.17 5.00
N ASP B 56 24.59 14.44 4.25
CA ASP B 56 25.62 15.04 3.41
C ASP B 56 25.09 15.42 2.02
N SER B 57 23.77 15.52 1.90
CA SER B 57 23.12 15.88 0.64
C SER B 57 22.49 17.28 0.74
N PRO B 58 23.01 18.24 -0.06
CA PRO B 58 22.52 19.63 -0.04
C PRO B 58 21.17 19.78 -0.74
N PRO B 59 20.30 20.68 -0.22
CA PRO B 59 19.01 20.97 -0.84
C PRO B 59 19.06 22.12 -1.84
N ILE B 60 17.95 22.33 -2.55
CA ILE B 60 17.81 23.42 -3.53
C ILE B 60 17.70 24.79 -2.86
N THR B 61 17.77 25.85 -3.67
CA THR B 61 17.66 27.22 -3.16
C THR B 61 16.20 27.66 -2.94
N ALA B 62 15.28 26.90 -3.52
CA ALA B 62 13.85 27.23 -3.46
C ALA B 62 13.17 26.71 -2.19
N ARG B 63 12.86 27.64 -1.28
CA ARG B 63 12.16 27.32 -0.04
C ARG B 63 10.66 27.44 -0.25
N ASN B 64 9.94 26.36 0.06
CA ASN B 64 8.50 26.26 -0.22
C ASN B 64 7.58 26.72 0.91
N THR B 65 8.05 26.69 2.15
CA THR B 65 7.25 27.10 3.29
C THR B 65 7.39 28.60 3.55
N GLY B 66 6.26 29.28 3.74
CA GLY B 66 6.25 30.71 4.02
C GLY B 66 6.68 31.04 5.44
N ILE B 67 7.42 32.14 5.59
CA ILE B 67 7.83 32.63 6.91
C ILE B 67 7.03 33.87 7.28
N ILE B 68 6.27 33.77 8.38
CA ILE B 68 5.53 34.92 8.91
C ILE B 68 6.26 35.52 10.11
N CYS B 69 6.49 36.82 10.04
CA CYS B 69 7.22 37.53 11.09
C CYS B 69 6.36 38.59 11.76
N THR B 70 6.31 38.54 13.09
CA THR B 70 5.63 39.58 13.86
C THR B 70 6.56 40.79 13.96
N ILE B 71 6.06 41.95 13.57
CA ILE B 71 6.88 43.16 13.57
C ILE B 71 6.55 44.05 14.75
N GLY B 72 7.58 44.32 15.56
CA GLY B 72 7.44 45.16 16.75
C GLY B 72 8.65 46.06 16.94
N PRO B 73 8.95 46.41 18.21
CA PRO B 73 10.05 47.31 18.60
C PRO B 73 11.43 46.96 18.04
N ALA B 74 11.71 45.67 17.86
CA ALA B 74 13.04 45.22 17.42
C ALA B 74 13.22 45.17 15.90
N SER B 75 12.10 45.18 15.17
CA SER B 75 12.12 44.97 13.72
C SER B 75 11.32 46.01 12.93
N ARG B 76 11.05 47.14 13.57
CA ARG B 76 10.14 48.16 13.02
C ARG B 76 10.79 49.08 11.98
N SER B 77 12.09 49.31 12.11
CA SER B 77 12.80 50.26 11.25
C SER B 77 12.88 49.79 9.80
N VAL B 78 13.01 50.74 8.89
CA VAL B 78 13.11 50.47 7.45
C VAL B 78 14.32 49.58 7.12
N GLU B 79 15.47 49.90 7.69
CA GLU B 79 16.71 49.19 7.39
C GLU B 79 16.68 47.73 7.88
N THR B 80 16.06 47.49 9.03
CA THR B 80 15.90 46.13 9.54
C THR B 80 14.98 45.32 8.63
N LEU B 81 13.84 45.90 8.27
CA LEU B 81 12.84 45.25 7.42
C LEU B 81 13.39 44.86 6.03
N LYS B 82 14.29 45.67 5.49
CA LYS B 82 14.99 45.32 4.25
C LYS B 82 15.74 44.01 4.41
N GLU B 83 16.51 43.90 5.50
CA GLU B 83 17.27 42.69 5.81
C GLU B 83 16.37 41.51 6.18
N MET B 84 15.20 41.80 6.73
CA MET B 84 14.19 40.79 7.04
C MET B 84 13.73 40.08 5.77
N ILE B 85 13.46 40.87 4.73
CA ILE B 85 12.99 40.36 3.44
C ILE B 85 14.08 39.54 2.74
N LYS B 86 15.32 40.04 2.81
CA LYS B 86 16.48 39.35 2.25
C LYS B 86 16.73 38.02 2.97
N SER B 87 16.42 38.00 4.26
CA SER B 87 16.54 36.78 5.07
C SER B 87 15.44 35.78 4.74
N GLY B 88 14.30 36.27 4.26
CA GLY B 88 13.24 35.41 3.76
C GLY B 88 11.86 35.60 4.36
N MET B 89 11.61 36.77 4.95
CA MET B 89 10.27 37.13 5.43
C MET B 89 9.33 37.28 4.26
N ASN B 90 8.17 36.62 4.36
CA ASN B 90 7.17 36.67 3.32
C ASN B 90 5.90 37.39 3.76
N VAL B 91 5.65 37.40 5.06
CA VAL B 91 4.47 38.05 5.63
C VAL B 91 4.86 38.85 6.89
N ALA B 92 4.33 40.05 7.00
CA ALA B 92 4.49 40.86 8.21
C ALA B 92 3.22 40.81 9.05
N ARG B 93 3.33 40.25 10.26
CA ARG B 93 2.21 40.18 11.19
C ARG B 93 2.24 41.34 12.18
N LEU B 94 1.11 42.03 12.30
CA LEU B 94 0.97 43.11 13.25
C LEU B 94 -0.03 42.73 14.32
N ASN B 95 0.45 42.67 15.56
CA ASN B 95 -0.35 42.23 16.68
C ASN B 95 -1.11 43.39 17.32
N PHE B 96 -2.43 43.38 17.18
CA PHE B 96 -3.27 44.48 17.67
C PHE B 96 -3.67 44.36 19.14
N SER B 97 -3.10 43.37 19.82
CA SER B 97 -3.19 43.28 21.28
C SER B 97 -2.21 44.28 21.91
N HIS B 98 -1.29 44.76 21.09
CA HIS B 98 -0.28 45.73 21.50
C HIS B 98 -0.32 46.95 20.60
N GLY B 99 0.16 48.08 21.12
CA GLY B 99 0.30 49.30 20.34
C GLY B 99 -1.00 49.99 19.96
N THR B 100 -0.86 51.13 19.30
CA THR B 100 -2.01 51.92 18.84
C THR B 100 -2.17 51.82 17.33
N HIS B 101 -3.23 52.43 16.80
CA HIS B 101 -3.47 52.47 15.36
C HIS B 101 -2.37 53.25 14.63
N GLU B 102 -1.95 54.36 15.23
CA GLU B 102 -0.89 55.21 14.68
C GLU B 102 0.44 54.47 14.64
N TYR B 103 0.71 53.70 15.69
CA TYR B 103 1.90 52.87 15.79
C TYR B 103 1.94 51.85 14.66
N HIS B 104 0.85 51.09 14.50
CA HIS B 104 0.76 50.06 13.48
C HIS B 104 0.76 50.62 12.05
N ALA B 105 0.15 51.80 11.87
CA ALA B 105 0.14 52.48 10.58
C ALA B 105 1.55 52.87 10.13
N GLU B 106 2.36 53.32 11.08
CA GLU B 106 3.76 53.68 10.81
C GLU B 106 4.59 52.44 10.47
N THR B 107 4.24 51.31 11.11
CA THR B 107 4.91 50.04 10.85
C THR B 107 4.57 49.52 9.46
N ILE B 108 3.28 49.56 9.11
CA ILE B 108 2.79 49.18 7.78
C ILE B 108 3.51 49.99 6.71
N LYS B 109 3.62 51.31 6.93
CA LYS B 109 4.34 52.20 6.03
C LYS B 109 5.79 51.77 5.85
N ASN B 110 6.46 51.47 6.96
CA ASN B 110 7.85 51.02 6.95
C ASN B 110 8.06 49.71 6.20
N VAL B 111 7.14 48.76 6.41
CA VAL B 111 7.14 47.48 5.71
C VAL B 111 7.06 47.71 4.20
N ARG B 112 6.12 48.54 3.78
CA ARG B 112 5.92 48.85 2.37
C ARG B 112 7.11 49.61 1.76
N THR B 113 7.67 50.55 2.51
CA THR B 113 8.84 51.31 2.08
C THR B 113 10.02 50.36 1.81
N ALA B 114 10.24 49.42 2.72
CA ALA B 114 11.30 48.41 2.58
C ALA B 114 11.03 47.44 1.45
N THR B 115 9.76 47.06 1.27
CA THR B 115 9.34 46.14 0.21
C THR B 115 9.51 46.78 -1.17
N GLU B 116 9.12 48.03 -1.29
CA GLU B 116 9.14 48.74 -2.59
C GLU B 116 10.52 49.23 -3.01
N SER B 117 11.50 49.12 -2.12
CA SER B 117 12.89 49.44 -2.47
C SER B 117 13.48 48.39 -3.41
N PHE B 118 12.77 47.27 -3.52
CA PHE B 118 13.15 46.18 -4.44
C PHE B 118 12.25 46.15 -5.67
N ALA B 119 11.33 47.12 -5.77
CA ALA B 119 10.33 47.15 -6.85
C ALA B 119 10.87 47.51 -8.23
N SER B 120 12.05 48.15 -8.27
CA SER B 120 12.66 48.57 -9.53
C SER B 120 13.08 47.41 -10.42
N ASP B 121 13.32 46.24 -9.82
CA ASP B 121 13.64 45.02 -10.55
C ASP B 121 12.57 43.95 -10.32
N PRO B 122 11.51 43.97 -11.16
CA PRO B 122 10.34 43.09 -11.01
C PRO B 122 10.67 41.60 -11.09
N ILE B 123 11.77 41.26 -11.76
CA ILE B 123 12.27 39.88 -11.86
C ILE B 123 12.68 39.35 -10.48
N LEU B 124 13.40 40.16 -9.71
CA LEU B 124 13.90 39.75 -8.40
C LEU B 124 13.06 40.27 -7.23
N TYR B 125 12.01 41.01 -7.55
CA TYR B 125 11.12 41.58 -6.55
C TYR B 125 10.32 40.52 -5.79
N ARG B 126 10.33 40.62 -4.48
CA ARG B 126 9.56 39.71 -3.62
C ARG B 126 8.38 40.44 -3.00
N PRO B 127 7.15 39.96 -3.26
CA PRO B 127 5.99 40.53 -2.58
C PRO B 127 5.98 40.13 -1.10
N VAL B 128 5.60 41.08 -0.25
CA VAL B 128 5.49 40.83 1.18
C VAL B 128 4.07 41.13 1.63
N ALA B 129 3.42 40.13 2.21
CA ALA B 129 2.05 40.29 2.70
C ALA B 129 2.02 41.06 4.03
N VAL B 130 0.88 41.73 4.27
CA VAL B 130 0.66 42.45 5.52
C VAL B 130 -0.54 41.84 6.23
N ALA B 131 -0.34 41.40 7.47
CA ALA B 131 -1.37 40.69 8.22
C ALA B 131 -1.77 41.42 9.50
N LEU B 132 -3.08 41.45 9.76
CA LEU B 132 -3.62 42.07 10.97
C LEU B 132 -4.10 40.99 11.94
N ASP B 133 -3.45 40.94 13.10
CA ASP B 133 -3.82 39.98 14.13
C ASP B 133 -4.73 40.67 15.16
N THR B 134 -5.97 40.19 15.26
CA THR B 134 -6.99 40.85 16.08
C THR B 134 -6.81 40.60 17.58
N LYS B 135 -7.47 41.41 18.40
CA LYS B 135 -7.51 41.19 19.83
C LYS B 135 -8.34 39.95 20.17
N GLY B 136 -9.60 39.95 19.74
CA GLY B 136 -10.52 38.86 20.03
C GLY B 136 -11.02 38.86 21.46
N PRO B 137 -11.90 37.89 21.81
CA PRO B 137 -12.44 37.76 23.16
C PRO B 137 -11.36 37.34 24.17
N GLU B 138 -10.57 38.31 24.62
CA GLU B 138 -9.41 38.04 25.47
C GLU B 138 -9.31 38.94 26.69
N ILE B 139 -8.53 38.48 27.67
CA ILE B 139 -8.22 39.27 28.86
C ILE B 139 -6.74 39.65 28.78
N ARG B 140 -6.45 40.95 28.85
CA ARG B 140 -5.08 41.43 28.78
C ARG B 140 -4.71 42.36 29.92
N THR B 141 -3.41 42.44 30.20
CA THR B 141 -2.88 43.32 31.25
C THR B 141 -2.64 44.73 30.70
N GLY B 142 -2.18 45.63 31.56
CA GLY B 142 -1.90 47.00 31.17
C GLY B 142 -0.45 47.26 30.83
N LEU B 143 -0.09 48.54 30.69
CA LEU B 143 1.27 48.94 30.38
C LEU B 143 2.14 48.99 31.64
N ILE B 144 3.32 48.40 31.55
CA ILE B 144 4.29 48.42 32.65
C ILE B 144 5.03 49.76 32.64
N LYS B 145 4.94 50.50 33.75
CA LYS B 145 5.65 51.77 33.94
C LYS B 145 5.47 52.77 32.79
N GLY B 146 4.27 52.78 32.20
CA GLY B 146 3.93 53.69 31.11
C GLY B 146 4.68 53.43 29.81
N SER B 147 4.93 52.16 29.51
CA SER B 147 5.67 51.77 28.31
C SER B 147 5.22 50.40 27.78
N GLY B 148 5.27 50.25 26.45
CA GLY B 148 4.99 48.98 25.81
C GLY B 148 6.19 48.06 25.77
N THR B 149 7.33 48.56 26.22
CA THR B 149 8.61 47.84 26.16
C THR B 149 9.07 47.39 27.56
N ALA B 150 8.73 48.20 28.57
CA ALA B 150 9.21 47.98 29.94
C ALA B 150 8.78 46.65 30.55
N GLU B 151 9.69 46.07 31.34
CA GLU B 151 9.46 44.79 32.02
C GLU B 151 9.86 44.89 33.49
N VAL B 152 9.15 44.14 34.33
CA VAL B 152 9.52 44.00 35.75
C VAL B 152 9.68 42.53 36.14
N GLU B 153 10.71 42.25 36.94
CA GLU B 153 11.00 40.89 37.39
C GLU B 153 10.13 40.48 38.57
N LEU B 154 9.46 39.34 38.43
CA LEU B 154 8.63 38.78 39.49
C LEU B 154 9.39 37.73 40.29
N LYS B 155 9.26 37.80 41.61
CA LYS B 155 9.88 36.82 42.50
C LYS B 155 8.84 35.80 42.95
N LYS B 156 9.25 34.54 43.01
CA LYS B 156 8.37 33.45 43.46
C LYS B 156 7.98 33.63 44.92
N GLY B 157 6.68 33.59 45.19
CA GLY B 157 6.14 33.73 46.54
C GLY B 157 5.73 35.15 46.90
N ALA B 158 6.05 36.11 46.04
CA ALA B 158 5.73 37.52 46.27
C ALA B 158 4.25 37.81 46.10
N THR B 159 3.79 38.90 46.72
CA THR B 159 2.40 39.32 46.64
C THR B 159 2.15 40.23 45.44
N LEU B 160 1.00 40.03 44.78
CA LEU B 160 0.60 40.84 43.63
C LEU B 160 -0.89 41.10 43.66
N LYS B 161 -1.27 42.38 43.63
CA LYS B 161 -2.66 42.79 43.62
C LYS B 161 -3.13 43.07 42.19
N ILE B 162 -4.26 42.48 41.82
CA ILE B 162 -4.87 42.71 40.52
C ILE B 162 -6.05 43.67 40.66
N THR B 163 -5.96 44.82 40.00
CA THR B 163 -7.00 45.84 40.07
C THR B 163 -7.78 45.98 38.76
N LEU B 164 -8.99 46.48 38.86
CA LEU B 164 -9.85 46.73 37.70
C LEU B 164 -9.95 48.22 37.43
N ASP B 165 -9.22 49.00 38.23
CA ASP B 165 -9.24 50.46 38.18
C ASP B 165 -8.51 50.99 36.95
N ASN B 166 -9.24 51.74 36.12
CA ASN B 166 -8.72 52.26 34.85
C ASN B 166 -7.57 53.27 34.97
N ALA B 167 -7.33 53.77 36.18
CA ALA B 167 -6.25 54.73 36.42
C ALA B 167 -4.88 54.04 36.48
N TYR B 168 -4.88 52.75 36.80
CA TYR B 168 -3.66 51.96 36.90
C TYR B 168 -3.36 51.16 35.62
N MET B 169 -4.08 51.49 34.54
CA MET B 169 -3.95 50.78 33.26
C MET B 169 -2.59 51.03 32.57
N GLU B 170 -1.94 52.13 32.95
CA GLU B 170 -0.63 52.47 32.40
C GLU B 170 0.43 52.57 33.50
N LYS B 171 0.04 52.23 34.73
CA LYS B 171 0.95 52.22 35.87
C LYS B 171 1.00 50.83 36.53
N CYS B 172 1.29 49.82 35.71
CA CYS B 172 1.48 48.45 36.20
C CYS B 172 2.94 48.25 36.63
N ASP B 173 3.12 47.52 37.72
CA ASP B 173 4.46 47.15 38.21
C ASP B 173 4.46 45.78 38.90
N GLU B 174 5.48 45.53 39.72
CA GLU B 174 5.62 44.26 40.45
C GLU B 174 4.63 44.12 41.62
N ASN B 175 4.00 45.22 42.02
CA ASN B 175 3.04 45.24 43.12
C ASN B 175 1.58 45.23 42.64
N ILE B 176 1.31 45.96 41.57
CA ILE B 176 -0.05 46.13 41.05
C ILE B 176 -0.12 45.84 39.55
N LEU B 177 -1.18 45.16 39.13
CA LEU B 177 -1.40 44.82 37.72
C LEU B 177 -2.85 45.01 37.31
N TRP B 178 -3.08 45.85 36.30
CA TRP B 178 -4.42 46.13 35.80
C TRP B 178 -4.84 45.14 34.72
N LEU B 179 -6.10 44.73 34.77
CA LEU B 179 -6.70 43.85 33.77
C LEU B 179 -7.96 44.47 33.18
N ASP B 180 -8.26 44.13 31.93
CA ASP B 180 -9.38 44.74 31.19
C ASP B 180 -10.70 43.98 31.32
N TYR B 181 -10.69 42.87 32.05
CA TYR B 181 -11.89 42.06 32.26
C TYR B 181 -12.61 42.48 33.54
N LYS B 182 -13.79 43.08 33.38
CA LYS B 182 -14.54 43.66 34.49
C LYS B 182 -15.30 42.62 35.31
N ASN B 183 -15.57 41.47 34.70
CA ASN B 183 -16.32 40.39 35.36
C ASN B 183 -15.40 39.31 35.93
N ILE B 184 -14.18 39.71 36.30
CA ILE B 184 -13.14 38.77 36.74
C ILE B 184 -13.34 38.22 38.16
N CYS B 185 -13.89 39.03 39.05
CA CYS B 185 -14.08 38.64 40.45
C CYS B 185 -15.20 37.61 40.63
N LYS B 186 -16.09 37.52 39.65
CA LYS B 186 -17.24 36.63 39.70
C LYS B 186 -16.97 35.25 39.07
N VAL B 187 -15.84 35.13 38.38
CA VAL B 187 -15.47 33.87 37.72
C VAL B 187 -14.31 33.13 38.40
N VAL B 188 -13.73 33.74 39.43
CA VAL B 188 -12.62 33.13 40.17
C VAL B 188 -12.99 32.66 41.59
N GLU B 189 -12.28 31.66 42.07
CA GLU B 189 -12.52 31.05 43.38
C GLU B 189 -11.31 31.26 44.30
N VAL B 190 -11.53 31.13 45.61
CA VAL B 190 -10.45 31.16 46.59
C VAL B 190 -9.49 29.99 46.40
N GLY B 191 -8.45 30.22 45.59
CA GLY B 191 -7.48 29.19 45.24
C GLY B 191 -7.40 28.92 43.75
N SER B 192 -8.13 29.73 42.97
CA SER B 192 -8.13 29.63 41.52
C SER B 192 -6.78 30.02 40.93
N LYS B 193 -6.42 29.40 39.82
CA LYS B 193 -5.15 29.66 39.15
C LYS B 193 -5.33 30.60 37.96
N ILE B 194 -4.54 31.66 37.93
CA ILE B 194 -4.58 32.66 36.88
C ILE B 194 -3.24 32.76 36.17
N TYR B 195 -3.24 32.47 34.87
CA TYR B 195 -2.02 32.46 34.07
C TYR B 195 -1.84 33.74 33.28
N VAL B 196 -0.60 34.23 33.19
CA VAL B 196 -0.28 35.47 32.48
C VAL B 196 0.84 35.24 31.45
N ASP B 197 0.67 35.86 30.28
CA ASP B 197 1.65 35.81 29.17
C ASP B 197 1.95 34.38 28.70
N ASP B 198 1.02 33.82 27.93
CA ASP B 198 1.09 32.43 27.45
C ASP B 198 1.40 31.41 28.55
N GLY B 199 0.87 31.67 29.75
CA GLY B 199 1.01 30.75 30.87
C GLY B 199 2.31 30.89 31.66
N LEU B 200 3.21 31.75 31.19
CA LEU B 200 4.52 31.98 31.81
C LEU B 200 4.44 32.08 33.34
N ILE B 201 3.62 33.01 33.83
CA ILE B 201 3.44 33.23 35.27
C ILE B 201 2.10 32.68 35.73
N SER B 202 2.13 31.87 36.79
CA SER B 202 0.91 31.39 37.44
C SER B 202 0.62 32.19 38.70
N LEU B 203 -0.65 32.40 38.99
CA LEU B 203 -1.07 33.17 40.17
C LEU B 203 -2.24 32.50 40.89
N GLN B 204 -2.05 32.24 42.18
CA GLN B 204 -3.10 31.64 43.01
C GLN B 204 -3.85 32.70 43.81
N VAL B 205 -5.18 32.69 43.70
CA VAL B 205 -6.03 33.63 44.41
C VAL B 205 -6.00 33.36 45.91
N LYS B 206 -5.58 34.37 46.67
CA LYS B 206 -5.54 34.29 48.13
C LYS B 206 -6.71 35.08 48.73
N GLN B 207 -6.95 36.27 48.18
CA GLN B 207 -8.05 37.13 48.62
C GLN B 207 -8.90 37.61 47.45
N LYS B 208 -10.22 37.49 47.62
CA LYS B 208 -11.19 37.90 46.61
C LYS B 208 -12.02 39.07 47.14
N GLY B 209 -11.59 40.28 46.80
CA GLY B 209 -12.23 41.50 47.30
C GLY B 209 -13.44 41.96 46.51
N ALA B 210 -13.78 43.24 46.68
CA ALA B 210 -14.94 43.84 46.02
C ALA B 210 -14.63 44.30 44.60
N ASP B 211 -13.47 44.93 44.42
CA ASP B 211 -13.05 45.46 43.13
C ASP B 211 -11.60 45.08 42.80
N PHE B 212 -11.12 44.02 43.45
CA PHE B 212 -9.71 43.60 43.34
C PHE B 212 -9.49 42.12 43.67
N LEU B 213 -8.28 41.64 43.38
CA LEU B 213 -7.87 40.28 43.73
C LEU B 213 -6.43 40.29 44.23
N VAL B 214 -6.18 39.62 45.36
CA VAL B 214 -4.83 39.50 45.91
C VAL B 214 -4.30 38.08 45.68
N THR B 215 -3.15 38.01 45.00
CA THR B 215 -2.58 36.72 44.59
C THR B 215 -1.13 36.54 45.06
N GLU B 216 -0.66 35.29 45.02
CA GLU B 216 0.73 34.96 45.26
C GLU B 216 1.38 34.44 43.98
N VAL B 217 2.60 34.91 43.70
CA VAL B 217 3.37 34.48 42.55
C VAL B 217 3.90 33.05 42.76
N GLU B 218 3.40 32.11 41.96
CA GLU B 218 3.78 30.69 42.10
C GLU B 218 5.13 30.37 41.45
N ASN B 219 5.48 31.15 40.42
CA ASN B 219 6.79 31.05 39.78
C ASN B 219 7.27 32.39 39.22
N GLY B 220 8.57 32.63 39.31
CA GLY B 220 9.17 33.88 38.84
C GLY B 220 9.27 34.01 37.34
N GLY B 221 9.64 35.21 36.89
CA GLY B 221 9.78 35.50 35.47
C GLY B 221 9.51 36.96 35.14
N SER B 222 9.71 37.33 33.88
CA SER B 222 9.51 38.70 33.42
C SER B 222 8.05 38.97 33.06
N LEU B 223 7.54 40.10 33.55
CA LEU B 223 6.20 40.56 33.19
C LEU B 223 6.27 41.85 32.39
N GLY B 224 5.82 41.78 31.13
CA GLY B 224 5.78 42.95 30.26
C GLY B 224 4.39 43.52 30.11
N SER B 225 4.23 44.40 29.12
CA SER B 225 2.98 45.11 28.90
C SER B 225 1.98 44.32 28.05
N LYS B 226 0.70 44.54 28.34
CA LYS B 226 -0.42 43.97 27.56
C LYS B 226 -0.32 42.47 27.32
N LYS B 227 -0.19 41.71 28.40
CA LYS B 227 -0.02 40.26 28.30
C LYS B 227 -1.34 39.52 28.51
N GLY B 228 -1.51 38.43 27.76
CA GLY B 228 -2.74 37.64 27.80
C GLY B 228 -2.95 36.89 29.10
N VAL B 229 -4.20 36.90 29.57
CA VAL B 229 -4.59 36.20 30.78
C VAL B 229 -5.54 35.06 30.42
N ASN B 230 -5.23 33.87 30.92
CA ASN B 230 -6.01 32.68 30.59
C ASN B 230 -6.61 32.02 31.83
N LEU B 231 -7.88 31.65 31.71
CA LEU B 231 -8.60 31.00 32.81
C LEU B 231 -9.22 29.68 32.31
N PRO B 232 -8.44 28.59 32.35
CA PRO B 232 -8.89 27.29 31.85
C PRO B 232 -10.10 26.76 32.62
N GLY B 233 -11.09 26.25 31.90
CA GLY B 233 -12.30 25.70 32.50
C GLY B 233 -13.40 26.73 32.72
N ALA B 234 -13.00 27.94 33.12
CA ALA B 234 -13.93 29.04 33.42
C ALA B 234 -14.66 29.55 32.18
N ALA B 235 -15.85 30.11 32.38
CA ALA B 235 -16.68 30.62 31.29
C ALA B 235 -16.60 32.14 31.17
N VAL B 236 -16.17 32.59 29.99
CA VAL B 236 -16.08 34.02 29.70
C VAL B 236 -17.23 34.46 28.78
N ASP B 237 -17.92 35.52 29.20
CA ASP B 237 -19.08 36.05 28.48
C ASP B 237 -18.69 36.94 27.29
N LEU B 238 -17.39 37.00 27.01
CA LEU B 238 -16.84 37.89 25.98
C LEU B 238 -17.38 37.61 24.57
N PRO B 239 -17.69 38.67 23.81
CA PRO B 239 -18.21 38.52 22.45
C PRO B 239 -17.12 38.15 21.45
N ALA B 240 -17.53 37.51 20.36
CA ALA B 240 -16.61 37.10 19.30
C ALA B 240 -15.94 38.30 18.63
N VAL B 241 -16.73 39.34 18.35
CA VAL B 241 -16.23 40.57 17.78
C VAL B 241 -16.72 41.75 18.63
N SER B 242 -15.78 42.34 19.38
CA SER B 242 -16.09 43.46 20.26
C SER B 242 -16.05 44.79 19.50
N GLU B 243 -16.33 45.89 20.21
CA GLU B 243 -16.28 47.23 19.63
C GLU B 243 -14.86 47.59 19.19
N LYS B 244 -13.87 47.19 19.98
CA LYS B 244 -12.46 47.38 19.64
C LYS B 244 -12.07 46.54 18.42
N ASP B 245 -12.60 45.32 18.35
CA ASP B 245 -12.38 44.43 17.21
C ASP B 245 -12.92 45.03 15.91
N ILE B 246 -14.13 45.59 15.97
CA ILE B 246 -14.75 46.25 14.82
C ILE B 246 -13.87 47.38 14.29
N GLN B 247 -13.40 48.24 15.19
CA GLN B 247 -12.56 49.37 14.81
C GLN B 247 -11.22 48.94 14.25
N ASP B 248 -10.63 47.90 14.84
CA ASP B 248 -9.37 47.33 14.34
C ASP B 248 -9.55 46.70 12.96
N LEU B 249 -10.63 45.94 12.79
CA LEU B 249 -10.94 45.33 11.50
C LEU B 249 -11.21 46.36 10.41
N LYS B 250 -11.95 47.41 10.76
CA LYS B 250 -12.22 48.53 9.83
C LYS B 250 -10.93 49.28 9.48
N PHE B 251 -10.03 49.38 10.45
CA PHE B 251 -8.72 50.01 10.24
C PHE B 251 -7.89 49.21 9.24
N GLY B 252 -8.02 47.88 9.29
CA GLY B 252 -7.33 46.98 8.36
C GLY B 252 -7.78 47.14 6.94
N VAL B 253 -9.08 47.37 6.75
CA VAL B 253 -9.66 47.64 5.43
C VAL B 253 -9.07 48.92 4.84
N GLU B 254 -8.97 49.96 5.67
CA GLU B 254 -8.41 51.25 5.26
C GLU B 254 -6.92 51.15 4.92
N GLN B 255 -6.19 50.34 5.69
CA GLN B 255 -4.76 50.17 5.51
C GLN B 255 -4.39 49.18 4.40
N ASP B 256 -5.43 48.56 3.81
CA ASP B 256 -5.28 47.65 2.66
C ASP B 256 -4.49 46.37 3.01
N VAL B 257 -4.90 45.71 4.09
CA VAL B 257 -4.27 44.47 4.52
C VAL B 257 -4.68 43.29 3.63
N ASP B 258 -3.82 42.28 3.57
CA ASP B 258 -4.05 41.10 2.74
C ASP B 258 -4.85 40.04 3.48
N MET B 259 -4.67 39.98 4.79
CA MET B 259 -5.25 38.92 5.60
C MET B 259 -5.49 39.34 7.04
N VAL B 260 -6.45 38.68 7.67
CA VAL B 260 -6.74 38.90 9.08
C VAL B 260 -6.53 37.60 9.86
N PHE B 261 -5.68 37.66 10.88
CA PHE B 261 -5.56 36.55 11.82
C PHE B 261 -6.53 36.79 12.95
N ALA B 262 -7.62 36.02 12.94
CA ALA B 262 -8.72 36.21 13.89
C ALA B 262 -8.52 35.41 15.17
N SER B 263 -8.24 36.12 16.25
CA SER B 263 -7.97 35.50 17.55
C SER B 263 -9.18 34.80 18.16
N PHE B 264 -8.90 33.72 18.88
CA PHE B 264 -9.88 33.00 19.71
C PHE B 264 -11.22 32.67 19.02
N ILE B 265 -11.16 32.23 17.77
CA ILE B 265 -12.35 31.74 17.06
C ILE B 265 -12.84 30.44 17.72
N ARG B 266 -14.07 30.47 18.20
CA ARG B 266 -14.65 29.34 18.95
C ARG B 266 -15.66 28.54 18.15
N LYS B 267 -16.29 29.18 17.17
CA LYS B 267 -17.29 28.54 16.31
C LYS B 267 -17.39 29.17 14.92
N ALA B 268 -18.20 28.57 14.05
CA ALA B 268 -18.38 29.04 12.67
C ALA B 268 -19.00 30.43 12.59
N SER B 269 -19.96 30.72 13.46
CA SER B 269 -20.64 32.02 13.47
C SER B 269 -19.68 33.17 13.81
N ASP B 270 -18.59 32.86 14.51
CA ASP B 270 -17.54 33.84 14.81
C ASP B 270 -16.84 34.31 13.54
N VAL B 271 -16.61 33.37 12.63
CA VAL B 271 -15.95 33.66 11.34
C VAL B 271 -16.85 34.53 10.46
N HIS B 272 -18.14 34.21 10.48
CA HIS B 272 -19.13 34.97 9.73
C HIS B 272 -19.24 36.41 10.24
N GLU B 273 -19.13 36.59 11.55
CA GLU B 273 -19.13 37.92 12.17
C GLU B 273 -17.96 38.76 11.70
N VAL B 274 -16.77 38.15 11.66
CA VAL B 274 -15.56 38.83 11.19
C VAL B 274 -15.70 39.24 9.72
N ARG B 275 -16.22 38.32 8.90
CA ARG B 275 -16.41 38.58 7.47
C ARG B 275 -17.44 39.68 7.19
N LYS B 276 -18.49 39.71 8.01
CA LYS B 276 -19.54 40.74 7.91
C LYS B 276 -18.99 42.13 8.23
N VAL B 277 -18.10 42.20 9.23
CA VAL B 277 -17.49 43.47 9.64
C VAL B 277 -16.54 44.00 8.56
N LEU B 278 -15.80 43.10 7.91
CA LEU B 278 -14.95 43.46 6.78
C LEU B 278 -15.80 43.88 5.58
N GLY B 279 -17.00 43.32 5.50
CA GLY B 279 -18.00 43.71 4.51
C GLY B 279 -17.59 43.51 3.06
N GLU B 280 -18.21 44.30 2.18
CA GLU B 280 -17.95 44.24 0.75
C GLU B 280 -16.63 44.92 0.36
N LYS B 281 -16.20 45.88 1.20
CA LYS B 281 -14.90 46.53 1.02
C LYS B 281 -13.73 45.56 1.23
N GLY B 282 -13.88 44.68 2.23
CA GLY B 282 -12.83 43.72 2.55
C GLY B 282 -13.17 42.29 2.19
N LYS B 283 -13.87 42.11 1.06
CA LYS B 283 -14.32 40.80 0.61
C LYS B 283 -13.16 39.90 0.15
N ASN B 284 -12.07 40.52 -0.29
CA ASN B 284 -10.88 39.79 -0.75
C ASN B 284 -9.81 39.60 0.33
N ILE B 285 -10.04 40.18 1.50
CA ILE B 285 -9.15 39.99 2.64
C ILE B 285 -9.35 38.58 3.19
N LYS B 286 -8.29 37.78 3.17
CA LYS B 286 -8.33 36.40 3.63
C LYS B 286 -8.50 36.34 5.14
N ILE B 287 -9.40 35.48 5.59
CA ILE B 287 -9.62 35.29 7.02
C ILE B 287 -8.99 33.98 7.48
N ILE B 288 -8.00 34.11 8.36
CA ILE B 288 -7.32 32.97 8.95
C ILE B 288 -7.80 32.84 10.38
N SER B 289 -8.53 31.77 10.68
CA SER B 289 -9.04 31.52 12.02
C SER B 289 -7.97 30.92 12.93
N LYS B 290 -7.72 31.61 14.04
CA LYS B 290 -6.76 31.14 15.03
C LYS B 290 -7.45 30.20 16.03
N ILE B 291 -6.98 28.96 16.06
CA ILE B 291 -7.50 27.97 17.00
C ILE B 291 -6.59 27.95 18.23
N GLU B 292 -7.09 28.51 19.33
CA GLU B 292 -6.31 28.64 20.55
C GLU B 292 -7.08 28.37 21.84
N ASN B 293 -8.12 27.53 21.74
CA ASN B 293 -8.87 27.04 22.91
C ASN B 293 -9.64 25.75 22.62
N HIS B 294 -10.05 25.08 23.69
CA HIS B 294 -10.75 23.79 23.62
C HIS B 294 -11.99 23.84 22.71
N GLU B 295 -12.68 24.98 22.74
CA GLU B 295 -13.91 25.16 21.96
C GLU B 295 -13.64 25.19 20.45
N GLY B 296 -12.57 25.87 20.05
CA GLY B 296 -12.15 25.94 18.65
C GLY B 296 -11.65 24.61 18.09
N VAL B 297 -11.09 23.78 18.96
CA VAL B 297 -10.60 22.45 18.57
C VAL B 297 -11.76 21.49 18.27
N ARG B 298 -12.75 21.45 19.18
CA ARG B 298 -13.88 20.53 19.04
C ARG B 298 -14.83 20.91 17.90
N ARG B 299 -14.88 22.19 17.57
CA ARG B 299 -15.68 22.68 16.44
C ARG B 299 -14.79 23.16 15.29
N PHE B 300 -13.66 22.47 15.10
CA PHE B 300 -12.68 22.83 14.08
C PHE B 300 -13.22 22.67 12.65
N ASP B 301 -13.97 21.59 12.42
CA ASP B 301 -14.52 21.28 11.10
C ASP B 301 -15.35 22.42 10.51
N GLU B 302 -16.31 22.92 11.28
CA GLU B 302 -17.17 24.02 10.84
C GLU B 302 -16.43 25.36 10.72
N ILE B 303 -15.38 25.52 11.51
CA ILE B 303 -14.53 26.73 11.44
C ILE B 303 -13.68 26.71 10.16
N LEU B 304 -13.04 25.58 9.89
CA LEU B 304 -12.24 25.38 8.69
C LEU B 304 -13.07 25.64 7.42
N GLU B 305 -14.29 25.12 7.41
CA GLU B 305 -15.23 25.30 6.31
C GLU B 305 -15.54 26.79 6.06
N ALA B 306 -15.70 27.55 7.15
CA ALA B 306 -16.06 28.97 7.05
C ALA B 306 -14.88 29.91 6.82
N SER B 307 -13.67 29.44 7.13
CA SER B 307 -12.46 30.27 7.05
C SER B 307 -11.70 30.07 5.73
N ASP B 308 -10.86 31.05 5.41
CA ASP B 308 -9.98 30.96 4.25
C ASP B 308 -8.68 30.22 4.59
N GLY B 309 -8.48 29.97 5.88
CA GLY B 309 -7.29 29.26 6.37
C GLY B 309 -7.28 29.15 7.88
N ILE B 310 -6.29 28.45 8.41
CA ILE B 310 -6.19 28.20 9.85
C ILE B 310 -4.79 28.51 10.38
N MET B 311 -4.73 29.01 11.61
CA MET B 311 -3.48 29.12 12.36
C MET B 311 -3.58 28.30 13.64
N VAL B 312 -2.61 27.42 13.86
CA VAL B 312 -2.47 26.68 15.11
C VAL B 312 -1.76 27.61 16.10
N ALA B 313 -2.54 28.27 16.95
CA ALA B 313 -2.03 29.28 17.87
C ALA B 313 -1.67 28.67 19.22
N ARG B 314 -0.48 28.07 19.28
CA ARG B 314 -0.07 27.19 20.38
C ARG B 314 0.20 27.90 21.71
N GLY B 315 0.52 29.19 21.63
CA GLY B 315 0.76 29.99 22.83
C GLY B 315 -0.40 29.92 23.81
N ASP B 316 -1.57 30.37 23.36
CA ASP B 316 -2.77 30.31 24.18
C ASP B 316 -3.32 28.89 24.30
N LEU B 317 -3.28 28.14 23.20
CA LEU B 317 -3.78 26.77 23.16
C LEU B 317 -3.10 25.85 24.19
N GLY B 318 -1.79 26.04 24.38
CA GLY B 318 -1.01 25.23 25.30
C GLY B 318 -1.29 25.42 26.78
N ILE B 319 -2.11 26.42 27.11
CA ILE B 319 -2.57 26.62 28.49
C ILE B 319 -4.07 26.34 28.60
N GLU B 320 -4.79 26.61 27.51
CA GLU B 320 -6.23 26.34 27.42
C GLU B 320 -6.49 24.84 27.44
N ILE B 321 -5.64 24.08 26.75
CA ILE B 321 -5.65 22.62 26.79
C ILE B 321 -4.30 22.15 27.35
N PRO B 322 -4.24 20.91 27.88
CA PRO B 322 -2.96 20.42 28.41
C PRO B 322 -1.82 20.53 27.40
N ALA B 323 -0.66 20.95 27.87
CA ALA B 323 0.52 21.16 27.01
C ALA B 323 0.93 19.92 26.24
N GLU B 324 0.65 18.74 26.80
CA GLU B 324 1.02 17.47 26.17
C GLU B 324 0.05 17.01 25.07
N LYS B 325 -1.00 17.79 24.84
CA LYS B 325 -2.01 17.44 23.83
C LYS B 325 -1.92 18.34 22.60
N VAL B 326 -1.07 19.36 22.67
CA VAL B 326 -0.95 20.36 21.60
C VAL B 326 -0.50 19.74 20.28
N PHE B 327 0.52 18.89 20.34
CA PHE B 327 1.06 18.24 19.14
C PHE B 327 -0.01 17.44 18.40
N LEU B 328 -0.93 16.83 19.14
CA LEU B 328 -2.06 16.09 18.58
C LEU B 328 -2.98 17.02 17.79
N ALA B 329 -3.43 18.09 18.45
CA ALA B 329 -4.26 19.10 17.82
C ALA B 329 -3.59 19.70 16.59
N GLN B 330 -2.29 20.00 16.71
CA GLN B 330 -1.51 20.54 15.61
C GLN B 330 -1.48 19.62 14.39
N LYS B 331 -1.19 18.33 14.62
CA LYS B 331 -1.11 17.35 13.54
C LYS B 331 -2.48 17.03 12.94
N MET B 332 -3.53 17.11 13.77
CA MET B 332 -4.89 16.91 13.31
C MET B 332 -5.31 18.06 12.40
N MET B 333 -5.06 19.29 12.84
CA MET B 333 -5.46 20.49 12.10
C MET B 333 -4.71 20.64 10.78
N ILE B 334 -3.40 20.44 10.81
CA ILE B 334 -2.57 20.52 9.59
C ILE B 334 -3.02 19.50 8.55
N GLY B 335 -3.25 18.27 8.98
CA GLY B 335 -3.73 17.20 8.10
C GLY B 335 -5.05 17.52 7.43
N ARG B 336 -6.00 18.04 8.22
CA ARG B 336 -7.32 18.40 7.71
C ARG B 336 -7.28 19.59 6.76
N CYS B 337 -6.40 20.55 7.05
CA CYS B 337 -6.20 21.70 6.18
C CYS B 337 -5.58 21.30 4.85
N ASN B 338 -4.59 20.42 4.91
CA ASN B 338 -3.96 19.86 3.71
C ASN B 338 -4.98 19.14 2.85
N ARG B 339 -5.83 18.36 3.50
CA ARG B 339 -6.91 17.62 2.84
C ARG B 339 -7.91 18.54 2.15
N ALA B 340 -8.28 19.63 2.83
CA ALA B 340 -9.26 20.59 2.32
C ALA B 340 -8.64 21.61 1.38
N GLY B 341 -7.32 21.65 1.31
CA GLY B 341 -6.61 22.56 0.41
C GLY B 341 -6.63 24.01 0.89
N LYS B 342 -6.71 24.19 2.20
CA LYS B 342 -6.69 25.52 2.81
C LYS B 342 -5.42 25.72 3.63
N PRO B 343 -4.81 26.92 3.56
CA PRO B 343 -3.57 27.26 4.26
C PRO B 343 -3.61 27.00 5.76
N VAL B 344 -2.52 26.46 6.29
CA VAL B 344 -2.37 26.27 7.73
C VAL B 344 -1.03 26.81 8.22
N ILE B 345 -1.07 27.55 9.31
CA ILE B 345 0.12 28.15 9.90
C ILE B 345 0.41 27.50 11.26
N CYS B 346 1.64 27.04 11.42
CA CYS B 346 2.13 26.64 12.74
C CYS B 346 2.82 27.84 13.37
N ALA B 347 2.42 28.16 14.61
CA ALA B 347 2.82 29.41 15.23
C ALA B 347 3.21 29.32 16.70
N THR B 348 4.12 30.21 17.10
CA THR B 348 4.40 30.53 18.50
C THR B 348 5.39 29.63 19.22
N GLN B 349 6.46 30.25 19.71
CA GLN B 349 7.52 29.59 20.50
C GLN B 349 8.33 28.57 19.69
N MET B 350 8.34 28.74 18.37
CA MET B 350 9.09 27.85 17.47
C MET B 350 10.60 27.96 17.69
N LEU B 351 11.07 29.18 17.93
CA LEU B 351 12.48 29.44 18.23
C LEU B 351 12.58 30.37 19.43
N GLU B 352 11.83 30.05 20.49
CA GLU B 352 11.63 30.93 21.65
C GLU B 352 12.91 31.42 22.32
N SER B 353 13.90 30.52 22.42
CA SER B 353 15.16 30.85 23.08
C SER B 353 16.01 31.85 22.27
N MET B 354 15.63 32.09 21.02
CA MET B 354 16.36 33.01 20.16
C MET B 354 15.99 34.48 20.36
N ILE B 355 15.03 34.72 21.25
CA ILE B 355 14.75 36.07 21.73
C ILE B 355 15.99 36.63 22.44
N LYS B 356 16.65 35.78 23.22
CA LYS B 356 17.83 36.16 23.99
C LYS B 356 19.14 35.60 23.42
N LYS B 357 19.05 34.58 22.57
CA LYS B 357 20.22 33.87 22.09
C LYS B 357 20.32 33.80 20.55
N PRO B 358 21.56 33.80 20.02
CA PRO B 358 21.77 33.79 18.56
C PRO B 358 21.62 32.43 17.89
N ARG B 359 21.38 31.38 18.68
CA ARG B 359 21.23 30.03 18.14
C ARG B 359 20.12 29.26 18.88
N PRO B 360 19.34 28.44 18.16
CA PRO B 360 18.20 27.76 18.77
C PRO B 360 18.58 26.52 19.57
N THR B 361 17.68 26.07 20.44
CA THR B 361 17.86 24.79 21.11
C THR B 361 17.57 23.65 20.12
N ARG B 362 18.02 22.45 20.46
CA ARG B 362 17.78 21.27 19.61
C ARG B 362 16.29 20.96 19.47
N ALA B 363 15.54 21.20 20.54
CA ALA B 363 14.08 21.05 20.54
C ALA B 363 13.41 22.01 19.56
N GLU B 364 14.01 23.18 19.42
CA GLU B 364 13.49 24.21 18.53
C GLU B 364 13.78 23.92 17.07
N GLY B 365 15.00 23.44 16.81
CA GLY B 365 15.36 22.92 15.49
C GLY B 365 14.36 21.85 15.08
N SER B 366 14.16 20.88 15.97
CA SER B 366 13.18 19.81 15.80
C SER B 366 11.77 20.32 15.48
N ASP B 367 11.31 21.30 16.27
CA ASP B 367 9.95 21.83 16.15
C ASP B 367 9.63 22.39 14.76
N VAL B 368 10.51 23.27 14.27
CA VAL B 368 10.33 23.88 12.95
C VAL B 368 10.29 22.80 11.87
N ALA B 369 11.28 21.90 11.92
CA ALA B 369 11.39 20.81 10.96
C ALA B 369 10.14 19.95 10.92
N ASN B 370 9.69 19.49 12.09
CA ASN B 370 8.50 18.66 12.21
C ASN B 370 7.21 19.34 11.75
N ALA B 371 7.10 20.65 11.98
CA ALA B 371 5.96 21.43 11.49
C ALA B 371 5.88 21.40 9.97
N VAL B 372 7.02 21.53 9.32
CA VAL B 372 7.09 21.45 7.86
C VAL B 372 6.79 20.03 7.39
N LEU B 373 7.37 19.03 8.06
CA LEU B 373 7.12 17.63 7.73
C LEU B 373 5.66 17.23 7.92
N ASP B 374 4.98 17.87 8.88
CA ASP B 374 3.55 17.66 9.12
C ASP B 374 2.71 18.15 7.93
N GLY B 375 3.18 19.22 7.28
CA GLY B 375 2.50 19.76 6.12
C GLY B 375 2.04 21.21 6.25
N ALA B 376 2.60 21.93 7.23
CA ALA B 376 2.27 23.34 7.44
C ALA B 376 2.69 24.21 6.25
N ASP B 377 1.76 25.06 5.81
CA ASP B 377 2.00 25.98 4.70
C ASP B 377 2.94 27.12 5.09
N CYS B 378 2.83 27.55 6.35
CA CYS B 378 3.63 28.64 6.87
C CYS B 378 4.08 28.36 8.29
N ILE B 379 5.26 28.86 8.61
CA ILE B 379 5.79 28.85 9.98
C ILE B 379 5.91 30.29 10.48
N MET B 380 5.73 30.49 11.78
CA MET B 380 5.62 31.84 12.33
C MET B 380 6.60 32.18 13.44
N LEU B 381 7.08 33.43 13.40
CA LEU B 381 7.90 33.99 14.46
C LEU B 381 7.11 35.12 15.13
N SER B 382 7.06 35.08 16.46
CA SER B 382 6.36 36.10 17.24
C SER B 382 7.35 37.04 17.91
N GLY B 383 7.63 36.80 19.19
CA GLY B 383 8.56 37.62 19.97
C GLY B 383 9.98 37.60 19.44
N GLU B 384 10.33 36.53 18.73
CA GLU B 384 11.67 36.34 18.16
C GLU B 384 12.06 37.44 17.16
N THR B 385 11.06 37.99 16.47
CA THR B 385 11.27 39.11 15.56
C THR B 385 10.75 40.42 16.14
N ALA B 386 9.73 40.33 16.98
CA ALA B 386 9.06 41.50 17.55
C ALA B 386 9.92 42.26 18.56
N LYS B 387 10.47 41.55 19.54
CA LYS B 387 11.16 42.20 20.66
C LYS B 387 12.57 41.69 20.94
N GLY B 388 12.93 40.56 20.32
CA GLY B 388 14.19 39.87 20.60
C GLY B 388 15.46 40.54 20.11
N ASP B 389 16.60 39.98 20.51
CA ASP B 389 17.91 40.52 20.17
C ASP B 389 18.49 39.98 18.86
N TYR B 390 17.84 38.96 18.29
CA TYR B 390 18.35 38.31 17.08
C TYR B 390 17.25 38.01 16.04
N PRO B 391 16.52 39.06 15.60
CA PRO B 391 15.40 38.83 14.68
C PRO B 391 15.84 38.27 13.33
N LEU B 392 16.97 38.78 12.80
CA LEU B 392 17.51 38.32 11.53
C LEU B 392 17.93 36.86 11.58
N GLU B 393 18.64 36.50 12.65
CA GLU B 393 19.06 35.12 12.89
C GLU B 393 17.86 34.18 12.97
N ALA B 394 16.78 34.66 13.58
CA ALA B 394 15.55 33.87 13.72
C ALA B 394 14.94 33.51 12.37
N VAL B 395 14.87 34.51 11.48
CA VAL B 395 14.33 34.31 10.13
C VAL B 395 15.24 33.40 9.33
N ARG B 396 16.55 33.67 9.39
CA ARG B 396 17.56 32.89 8.67
C ARG B 396 17.54 31.42 9.08
N MET B 397 17.36 31.17 10.37
CA MET B 397 17.25 29.81 10.89
C MET B 397 15.99 29.12 10.36
N GLN B 398 14.88 29.85 10.27
CA GLN B 398 13.65 29.31 9.68
C GLN B 398 13.79 28.97 8.19
N ASN B 399 14.50 29.82 7.43
CA ASN B 399 14.81 29.53 6.03
C ASN B 399 15.57 28.21 5.91
N LEU B 400 16.64 28.07 6.69
CA LEU B 400 17.52 26.91 6.61
C LEU B 400 16.84 25.60 7.03
N ILE B 401 16.10 25.61 8.14
CA ILE B 401 15.43 24.41 8.63
C ILE B 401 14.31 23.94 7.69
N ALA B 402 13.49 24.89 7.23
CA ALA B 402 12.38 24.58 6.32
C ALA B 402 12.89 23.99 5.01
N ARG B 403 13.94 24.60 4.47
CA ARG B 403 14.57 24.13 3.23
C ARG B 403 15.06 22.70 3.36
N GLU B 404 15.68 22.39 4.49
CA GLU B 404 16.14 21.03 4.79
C GLU B 404 14.97 20.05 4.95
N ALA B 405 13.90 20.50 5.61
CA ALA B 405 12.73 19.67 5.87
C ALA B 405 11.96 19.33 4.59
N GLU B 406 11.92 20.27 3.66
CA GLU B 406 11.26 20.07 2.37
C GLU B 406 12.00 19.04 1.50
N ALA B 407 13.33 18.99 1.65
CA ALA B 407 14.15 17.99 0.95
C ALA B 407 13.95 16.60 1.55
N ALA B 408 13.54 16.55 2.82
CA ALA B 408 13.29 15.30 3.53
C ALA B 408 11.96 14.68 3.15
N ILE B 409 10.98 15.52 2.78
CA ILE B 409 9.66 15.07 2.40
C ILE B 409 9.72 14.27 1.09
N TYR B 410 9.25 13.03 1.13
CA TYR B 410 9.11 12.26 -0.10
C TYR B 410 7.78 12.58 -0.78
N HIS B 411 7.90 13.38 -1.83
N HIS B 411 7.87 13.40 -1.83
CA HIS B 411 6.80 14.07 -2.51
CA HIS B 411 6.71 14.05 -2.44
C HIS B 411 5.78 13.17 -3.20
C HIS B 411 5.74 13.15 -3.21
N LEU B 412 6.26 12.10 -3.83
CA LEU B 412 5.41 11.16 -4.59
C LEU B 412 4.35 10.47 -3.74
N GLN B 413 4.76 9.97 -2.58
CA GLN B 413 3.84 9.29 -1.66
C GLN B 413 2.80 10.26 -1.09
N LEU B 414 3.22 11.50 -0.84
CA LEU B 414 2.32 12.54 -0.34
C LEU B 414 1.29 12.95 -1.39
N PHE B 415 1.74 13.06 -2.65
CA PHE B 415 0.86 13.41 -3.76
C PHE B 415 -0.15 12.31 -4.07
N GLU B 416 0.33 11.06 -4.11
CA GLU B 416 -0.51 9.89 -4.38
C GLU B 416 -1.62 9.74 -3.35
N GLU B 417 -1.34 10.12 -2.11
CA GLU B 417 -2.34 10.10 -1.04
C GLU B 417 -3.32 11.26 -1.19
N LEU B 418 -2.80 12.47 -1.39
CA LEU B 418 -3.63 13.67 -1.62
C LEU B 418 -4.42 13.58 -2.92
N ARG B 419 -4.04 12.63 -3.77
CA ARG B 419 -4.70 12.40 -5.05
C ARG B 419 -5.95 11.55 -4.89
N ARG B 420 -5.79 10.33 -4.36
CA ARG B 420 -6.91 9.41 -4.18
C ARG B 420 -7.89 9.88 -3.11
N LEU B 421 -7.40 10.73 -2.20
CA LEU B 421 -8.24 11.31 -1.15
C LEU B 421 -9.08 12.46 -1.72
N ALA B 422 -8.52 13.17 -2.70
CA ALA B 422 -9.21 14.29 -3.36
C ALA B 422 -10.36 13.79 -4.24
N PRO B 423 -11.56 14.39 -4.08
CA PRO B 423 -12.78 13.92 -4.72
C PRO B 423 -12.88 14.24 -6.22
N ILE B 424 -13.72 13.49 -6.92
CA ILE B 424 -14.00 13.74 -8.34
C ILE B 424 -14.86 14.99 -8.50
N THR B 425 -14.41 15.90 -9.35
CA THR B 425 -15.13 17.15 -9.61
C THR B 425 -15.19 17.44 -11.11
N SER B 426 -16.18 18.24 -11.52
CA SER B 426 -16.35 18.63 -12.90
C SER B 426 -15.50 19.86 -13.28
N ASP B 427 -14.94 20.51 -12.26
CA ASP B 427 -14.15 21.74 -12.44
C ASP B 427 -12.93 21.51 -13.32
N PRO B 428 -12.86 22.23 -14.46
CA PRO B 428 -11.76 22.10 -15.43
C PRO B 428 -10.41 22.51 -14.86
N THR B 429 -10.39 23.55 -14.03
CA THR B 429 -9.15 24.06 -13.44
C THR B 429 -8.56 23.05 -12.46
N GLU B 430 -9.44 22.34 -11.76
CA GLU B 430 -9.02 21.31 -10.81
C GLU B 430 -8.32 20.14 -11.52
N ALA B 431 -8.90 19.71 -12.64
CA ALA B 431 -8.35 18.61 -13.43
C ALA B 431 -7.04 18.99 -14.10
N THR B 432 -6.95 20.23 -14.58
CA THR B 432 -5.74 20.75 -15.20
C THR B 432 -4.60 20.87 -14.17
N ALA B 433 -4.96 21.25 -12.95
CA ALA B 433 -4.01 21.37 -11.85
C ALA B 433 -3.39 20.03 -11.47
N VAL B 434 -4.23 19.02 -11.28
CA VAL B 434 -3.77 17.68 -10.90
C VAL B 434 -3.04 16.97 -12.04
N GLY B 435 -3.39 17.30 -13.28
CA GLY B 435 -2.70 16.79 -14.46
C GLY B 435 -1.30 17.36 -14.59
N ALA B 436 -1.16 18.63 -14.23
CA ALA B 436 0.13 19.32 -14.28
C ALA B 436 1.10 18.81 -13.20
N VAL B 437 0.57 18.55 -12.01
CA VAL B 437 1.38 18.05 -10.89
C VAL B 437 1.89 16.64 -11.18
N GLU B 438 1.00 15.81 -11.73
CA GLU B 438 1.36 14.47 -12.17
C GLU B 438 2.43 14.49 -13.25
N ALA B 439 2.30 15.43 -14.20
CA ALA B 439 3.27 15.59 -15.29
C ALA B 439 4.61 16.11 -14.78
N SER B 440 4.57 16.96 -13.76
CA SER B 440 5.79 17.52 -13.16
C SER B 440 6.67 16.44 -12.54
N PHE B 441 6.05 15.47 -11.86
CA PHE B 441 6.77 14.34 -11.29
C PHE B 441 7.32 13.41 -12.38
N LYS B 442 6.60 13.33 -13.49
CA LYS B 442 6.96 12.46 -14.60
C LYS B 442 8.22 12.93 -15.34
N CYS B 443 8.27 14.22 -15.69
CA CYS B 443 9.38 14.75 -16.47
C CYS B 443 10.38 15.56 -15.63
N CYS B 444 10.32 15.39 -14.30
CA CYS B 444 11.18 16.13 -13.35
C CYS B 444 11.30 17.61 -13.71
N SER B 445 10.15 18.27 -13.87
CA SER B 445 10.10 19.66 -14.30
C SER B 445 10.79 20.59 -13.30
N GLY B 446 11.38 21.66 -13.84
CA GLY B 446 12.06 22.66 -13.02
C GLY B 446 11.11 23.64 -12.36
N ALA B 447 9.88 23.72 -12.89
CA ALA B 447 8.84 24.60 -12.35
C ALA B 447 7.44 24.27 -12.90
N ILE B 448 6.43 24.82 -12.25
CA ILE B 448 5.07 24.86 -12.80
C ILE B 448 4.64 26.31 -12.89
N ILE B 449 4.65 26.84 -14.11
CA ILE B 449 4.29 28.22 -14.37
C ILE B 449 2.77 28.35 -14.49
N VAL B 450 2.18 29.18 -13.65
CA VAL B 450 0.75 29.39 -13.64
C VAL B 450 0.43 30.88 -13.77
N LEU B 451 -0.43 31.21 -14.73
CA LEU B 451 -0.94 32.56 -14.87
C LEU B 451 -2.26 32.66 -14.11
N THR B 452 -2.34 33.62 -13.19
CA THR B 452 -3.51 33.75 -12.31
C THR B 452 -3.82 35.19 -11.90
N LYS B 453 -5.10 35.54 -11.94
CA LYS B 453 -5.56 36.87 -11.54
C LYS B 453 -5.98 36.91 -10.07
N SER B 454 -6.70 35.88 -9.62
CA SER B 454 -7.17 35.82 -8.23
C SER B 454 -6.27 34.96 -7.33
N GLY B 455 -5.43 34.13 -7.95
CA GLY B 455 -4.59 33.18 -7.22
C GLY B 455 -5.11 31.76 -7.30
N ARG B 456 -6.42 31.64 -7.46
CA ARG B 456 -7.14 30.36 -7.40
C ARG B 456 -6.46 29.20 -8.13
N SER B 457 -6.04 29.43 -9.37
CA SER B 457 -5.40 28.41 -10.19
C SER B 457 -4.12 27.88 -9.54
N ALA B 458 -3.31 28.81 -9.03
CA ALA B 458 -2.07 28.46 -8.36
C ALA B 458 -2.33 27.73 -7.03
N HIS B 459 -3.40 28.11 -6.35
CA HIS B 459 -3.80 27.45 -5.09
C HIS B 459 -4.21 26.00 -5.33
N GLN B 460 -4.87 25.75 -6.46
CA GLN B 460 -5.30 24.40 -6.81
C GLN B 460 -4.14 23.48 -7.19
N VAL B 461 -3.06 24.05 -7.71
CA VAL B 461 -1.85 23.29 -8.01
C VAL B 461 -1.11 22.97 -6.71
N ALA B 462 -1.03 23.97 -5.83
CA ALA B 462 -0.31 23.87 -4.57
C ALA B 462 -0.87 22.82 -3.61
N ARG B 463 -2.17 22.56 -3.70
CA ARG B 463 -2.83 21.61 -2.79
C ARG B 463 -2.45 20.15 -3.07
N TYR B 464 -1.88 19.89 -4.25
CA TYR B 464 -1.40 18.55 -4.60
C TYR B 464 0.10 18.40 -4.38
N ARG B 465 0.70 19.44 -3.80
CA ARG B 465 2.09 19.42 -3.32
C ARG B 465 3.11 18.87 -4.34
N PRO B 466 3.33 19.62 -5.44
CA PRO B 466 4.39 19.19 -6.35
C PRO B 466 5.77 19.49 -5.77
N ARG B 467 6.79 18.77 -6.23
CA ARG B 467 8.16 19.08 -5.87
C ARG B 467 8.56 20.38 -6.59
N ALA B 468 8.19 20.47 -7.86
CA ALA B 468 8.47 21.65 -8.68
C ALA B 468 7.88 22.91 -8.05
N PRO B 469 8.63 24.01 -8.07
CA PRO B 469 8.13 25.29 -7.57
C PRO B 469 7.04 25.85 -8.49
N ILE B 470 6.03 26.48 -7.89
CA ILE B 470 4.93 27.06 -8.65
C ILE B 470 5.15 28.56 -8.82
N ILE B 471 5.53 28.96 -10.03
CA ILE B 471 5.69 30.38 -10.34
C ILE B 471 4.34 30.95 -10.74
N ALA B 472 3.73 31.72 -9.84
CA ALA B 472 2.44 32.33 -10.09
C ALA B 472 2.59 33.74 -10.64
N VAL B 473 2.29 33.90 -11.94
CA VAL B 473 2.39 35.20 -12.60
C VAL B 473 1.05 35.93 -12.56
N THR B 474 1.05 37.11 -11.94
CA THR B 474 -0.15 37.92 -11.79
C THR B 474 0.15 39.40 -12.02
N ARG B 475 -0.90 40.15 -12.35
CA ARG B 475 -0.83 41.60 -12.39
C ARG B 475 -1.48 42.22 -11.16
N ASN B 476 -2.18 41.38 -10.39
CA ASN B 476 -2.82 41.79 -9.15
C ASN B 476 -1.82 41.74 -8.00
N PRO B 477 -1.51 42.91 -7.41
CA PRO B 477 -0.56 42.98 -6.29
C PRO B 477 -1.02 42.23 -5.05
N GLN B 478 -2.31 42.27 -4.75
CA GLN B 478 -2.87 41.58 -3.60
C GLN B 478 -2.75 40.07 -3.75
N THR B 479 -3.01 39.56 -4.95
CA THR B 479 -2.87 38.15 -5.27
C THR B 479 -1.44 37.66 -5.04
N ALA B 480 -0.47 38.48 -5.45
CA ALA B 480 0.95 38.18 -5.27
C ALA B 480 1.33 38.12 -3.79
N ARG B 481 0.75 39.01 -2.98
CA ARG B 481 1.00 39.02 -1.55
C ARG B 481 0.34 37.83 -0.86
N GLN B 482 -0.90 37.53 -1.25
CA GLN B 482 -1.69 36.47 -0.63
C GLN B 482 -1.22 35.06 -1.00
N ALA B 483 -0.45 34.96 -2.07
CA ALA B 483 0.06 33.68 -2.57
C ALA B 483 1.02 33.00 -1.59
N HIS B 484 1.59 33.79 -0.67
CA HIS B 484 2.55 33.30 0.31
C HIS B 484 1.93 32.38 1.37
N LEU B 485 0.60 32.36 1.45
CA LEU B 485 -0.12 31.51 2.39
C LEU B 485 -0.13 30.04 1.95
N TYR B 486 0.25 29.81 0.70
CA TYR B 486 0.17 28.48 0.09
C TYR B 486 1.57 27.92 -0.16
N ARG B 487 1.84 26.74 0.38
CA ARG B 487 3.15 26.09 0.29
C ARG B 487 3.63 25.88 -1.16
N GLY B 488 4.82 26.39 -1.46
CA GLY B 488 5.47 26.12 -2.73
C GLY B 488 5.07 27.04 -3.88
N ILE B 489 4.35 28.11 -3.56
CA ILE B 489 4.01 29.13 -4.55
C ILE B 489 5.03 30.26 -4.48
N PHE B 490 5.58 30.61 -5.63
CA PHE B 490 6.49 31.74 -5.77
C PHE B 490 5.82 32.82 -6.62
N PRO B 491 5.22 33.83 -5.96
CA PRO B 491 4.47 34.87 -6.66
C PRO B 491 5.37 35.90 -7.33
N VAL B 492 5.05 36.24 -8.57
CA VAL B 492 5.75 37.29 -9.30
C VAL B 492 4.78 38.30 -9.91
N LEU B 493 5.01 39.57 -9.59
CA LEU B 493 4.13 40.64 -10.03
C LEU B 493 4.59 41.21 -11.37
N CYS B 494 3.75 41.04 -12.40
CA CYS B 494 4.03 41.56 -13.72
C CYS B 494 3.44 42.96 -13.84
N LYS B 495 4.28 43.90 -14.28
CA LYS B 495 3.86 45.29 -14.44
C LYS B 495 3.96 45.77 -15.89
N ASP B 496 4.25 44.82 -16.79
CA ASP B 496 4.22 45.09 -18.23
C ASP B 496 2.79 45.43 -18.64
N PRO B 497 2.62 46.45 -19.51
CA PRO B 497 1.28 46.88 -19.92
C PRO B 497 0.52 45.77 -20.64
N VAL B 498 -0.78 45.70 -20.42
CA VAL B 498 -1.64 44.69 -21.06
C VAL B 498 -1.51 44.79 -22.57
N GLN B 499 -1.01 43.70 -23.17
CA GLN B 499 -0.65 43.67 -24.59
C GLN B 499 -1.90 43.62 -25.49
N GLU B 500 -1.78 44.24 -26.66
CA GLU B 500 -2.88 44.39 -27.62
C GLU B 500 -3.56 43.07 -28.02
N ALA B 501 -2.77 42.09 -28.42
CA ALA B 501 -3.28 40.75 -28.75
C ALA B 501 -3.15 39.84 -27.54
N TRP B 502 -4.26 39.18 -27.18
CA TRP B 502 -4.32 38.34 -25.99
C TRP B 502 -3.30 37.21 -25.99
N ALA B 503 -3.11 36.57 -27.14
CA ALA B 503 -2.13 35.50 -27.29
C ALA B 503 -0.72 35.98 -26.97
N GLU B 504 -0.42 37.22 -27.35
CA GLU B 504 0.88 37.83 -27.08
C GLU B 504 1.02 38.30 -25.63
N ASP B 505 -0.11 38.59 -24.98
CA ASP B 505 -0.13 38.95 -23.56
C ASP B 505 0.15 37.73 -22.69
N VAL B 506 -0.30 36.56 -23.15
CA VAL B 506 -0.01 35.30 -22.49
C VAL B 506 1.48 34.95 -22.62
N ASP B 507 1.97 34.96 -23.85
CA ASP B 507 3.37 34.64 -24.14
C ASP B 507 4.36 35.52 -23.39
N LEU B 508 4.03 36.81 -23.26
CA LEU B 508 4.85 37.77 -22.52
C LEU B 508 4.94 37.43 -21.04
N ARG B 509 3.80 37.10 -20.44
CA ARG B 509 3.73 36.72 -19.03
C ARG B 509 4.45 35.40 -18.76
N VAL B 510 4.35 34.47 -19.71
CA VAL B 510 5.08 33.19 -19.64
C VAL B 510 6.59 33.42 -19.74
N ASN B 511 7.01 34.26 -20.69
CA ASN B 511 8.41 34.65 -20.86
C ASN B 511 8.98 35.36 -19.63
N PHE B 512 8.12 36.12 -18.96
CA PHE B 512 8.46 36.81 -17.71
C PHE B 512 8.79 35.81 -16.60
N ALA B 513 8.01 34.72 -16.54
CA ALA B 513 8.24 33.64 -15.58
C ALA B 513 9.53 32.90 -15.89
N MET B 514 9.80 32.69 -17.18
CA MET B 514 11.04 32.06 -17.63
C MET B 514 12.27 32.85 -17.17
N ASN B 515 12.19 34.17 -17.25
CA ASN B 515 13.28 35.05 -16.82
C ASN B 515 13.48 35.06 -15.30
N VAL B 516 12.36 35.01 -14.56
CA VAL B 516 12.38 34.92 -13.11
C VAL B 516 13.04 33.60 -12.65
N GLY B 517 12.67 32.50 -13.28
CA GLY B 517 13.20 31.19 -12.94
C GLY B 517 14.67 31.05 -13.23
N LYS B 518 15.12 31.67 -14.32
CA LYS B 518 16.54 31.67 -14.70
C LYS B 518 17.39 32.45 -13.71
N ALA B 519 16.92 33.64 -13.34
CA ALA B 519 17.64 34.54 -12.44
C ALA B 519 17.69 34.01 -11.00
N ARG B 520 16.58 33.45 -10.53
CA ARG B 520 16.51 32.88 -9.18
C ARG B 520 17.17 31.51 -9.09
N GLY B 521 17.31 30.84 -10.23
CA GLY B 521 18.01 29.56 -10.31
C GLY B 521 17.14 28.32 -10.24
N PHE B 522 15.86 28.45 -10.59
CA PHE B 522 14.95 27.30 -10.60
C PHE B 522 15.22 26.39 -11.81
N PHE B 523 15.64 26.99 -12.91
CA PHE B 523 15.92 26.25 -14.14
C PHE B 523 16.86 26.99 -15.10
N LYS B 524 17.30 26.27 -16.14
CA LYS B 524 18.15 26.85 -17.19
C LYS B 524 17.63 26.48 -18.59
N LYS B 525 18.37 26.88 -19.62
CA LYS B 525 17.93 26.76 -21.02
C LYS B 525 17.32 25.41 -21.43
N GLY B 526 18.04 24.33 -21.17
CA GLY B 526 17.61 23.00 -21.62
C GLY B 526 16.45 22.37 -20.86
N ASP B 527 16.06 23.00 -19.76
CA ASP B 527 15.10 22.41 -18.81
C ASP B 527 13.66 22.37 -19.31
N VAL B 528 12.90 21.42 -18.78
CA VAL B 528 11.50 21.23 -19.11
C VAL B 528 10.62 21.82 -18.01
N VAL B 529 9.65 22.65 -18.39
CA VAL B 529 8.70 23.23 -17.44
C VAL B 529 7.26 23.07 -17.89
N ILE B 530 6.34 23.15 -16.93
CA ILE B 530 4.90 23.06 -17.19
C ILE B 530 4.29 24.46 -17.14
N VAL B 531 3.50 24.79 -18.16
CA VAL B 531 2.81 26.08 -18.20
C VAL B 531 1.29 25.89 -18.16
N LEU B 532 0.65 26.55 -17.20
CA LEU B 532 -0.80 26.54 -17.08
C LEU B 532 -1.37 27.90 -17.48
N THR B 533 -2.30 27.87 -18.43
CA THR B 533 -3.00 29.07 -18.89
C THR B 533 -4.48 28.76 -19.17
N GLY B 534 -5.22 29.77 -19.60
CA GLY B 534 -6.61 29.60 -19.98
C GLY B 534 -6.78 29.75 -21.49
N TRP B 535 -8.04 29.72 -21.93
CA TRP B 535 -8.38 29.90 -23.35
C TRP B 535 -8.98 31.28 -23.62
N ARG B 536 -9.17 32.05 -22.54
CA ARG B 536 -9.70 33.41 -22.60
C ARG B 536 -9.30 34.22 -21.35
N PRO B 537 -9.36 35.56 -21.42
CA PRO B 537 -9.09 36.39 -20.24
C PRO B 537 -10.16 36.25 -19.15
N GLY B 538 -9.79 36.55 -17.91
CA GLY B 538 -10.70 36.45 -16.77
C GLY B 538 -10.46 35.21 -15.92
N SER B 539 -10.85 35.29 -14.65
CA SER B 539 -10.69 34.18 -13.70
C SER B 539 -11.59 32.99 -14.02
N GLY B 540 -11.15 31.80 -13.61
CA GLY B 540 -11.94 30.58 -13.73
C GLY B 540 -11.96 29.94 -15.11
N PHE B 541 -10.93 30.22 -15.91
CA PHE B 541 -10.85 29.67 -17.26
C PHE B 541 -9.58 28.88 -17.53
N THR B 542 -8.78 28.64 -16.49
CA THR B 542 -7.55 27.86 -16.61
C THR B 542 -7.87 26.41 -16.95
N ASN B 543 -7.53 26.00 -18.16
CA ASN B 543 -7.88 24.68 -18.67
C ASN B 543 -6.80 24.07 -19.56
N THR B 544 -5.66 24.75 -19.68
CA THR B 544 -4.62 24.38 -20.63
C THR B 544 -3.30 24.07 -19.93
N MET B 545 -2.74 22.90 -20.25
CA MET B 545 -1.43 22.49 -19.74
C MET B 545 -0.50 22.25 -20.92
N ARG B 546 0.67 22.88 -20.88
CA ARG B 546 1.67 22.70 -21.93
C ARG B 546 3.03 22.30 -21.34
N VAL B 547 3.65 21.30 -21.96
CA VAL B 547 4.99 20.86 -21.59
C VAL B 547 5.97 21.51 -22.56
N VAL B 548 6.66 22.54 -22.08
CA VAL B 548 7.53 23.36 -22.94
C VAL B 548 8.97 23.45 -22.44
N PRO B 549 9.94 23.53 -23.37
CA PRO B 549 11.32 23.78 -22.97
C PRO B 549 11.54 25.24 -22.59
N VAL B 550 12.53 25.49 -21.74
CA VAL B 550 12.90 26.85 -21.36
C VAL B 550 13.62 27.52 -22.54
N PRO B 551 13.14 28.69 -22.98
CA PRO B 551 13.72 29.38 -24.14
C PRO B 551 15.18 29.75 -23.93
N ARG C 52 -16.99 -7.87 -3.96
CA ARG C 52 -17.84 -6.65 -4.11
C ARG C 52 -18.42 -6.52 -5.52
N LEU C 53 -17.74 -7.12 -6.50
CA LEU C 53 -18.15 -7.07 -7.91
C LEU C 53 -19.65 -7.35 -8.09
N ASP C 54 -20.31 -6.50 -8.87
CA ASP C 54 -21.77 -6.58 -9.05
C ASP C 54 -22.16 -6.84 -10.50
N ILE C 55 -23.01 -7.86 -10.70
CA ILE C 55 -23.51 -8.22 -12.02
C ILE C 55 -24.69 -7.34 -12.47
N ASP C 56 -25.36 -6.72 -11.49
CA ASP C 56 -26.50 -5.84 -11.76
C ASP C 56 -26.09 -4.42 -12.15
N SER C 57 -24.77 -4.19 -12.21
CA SER C 57 -24.22 -2.91 -12.66
C SER C 57 -23.87 -2.99 -14.15
N PRO C 58 -24.60 -2.23 -14.99
CA PRO C 58 -24.40 -2.26 -16.44
C PRO C 58 -23.11 -1.54 -16.87
N PRO C 59 -22.33 -2.15 -17.78
CA PRO C 59 -21.11 -1.54 -18.32
C PRO C 59 -21.38 -0.42 -19.32
N ILE C 60 -20.36 0.40 -19.59
CA ILE C 60 -20.45 1.49 -20.56
C ILE C 60 -20.48 0.98 -22.01
N THR C 61 -20.88 1.86 -22.94
CA THR C 61 -20.99 1.52 -24.35
C THR C 61 -19.64 1.14 -24.98
N ALA C 62 -18.56 1.76 -24.49
CA ALA C 62 -17.22 1.59 -25.07
C ALA C 62 -16.56 0.26 -24.69
N ARG C 63 -16.17 -0.50 -25.70
CA ARG C 63 -15.45 -1.76 -25.51
C ARG C 63 -14.00 -1.56 -25.96
N ASN C 64 -13.06 -1.82 -25.04
CA ASN C 64 -11.66 -1.43 -25.22
C ASN C 64 -10.76 -2.48 -25.87
N THR C 65 -10.97 -3.74 -25.52
CA THR C 65 -10.15 -4.85 -26.01
C THR C 65 -10.50 -5.17 -27.47
N GLY C 66 -9.51 -5.04 -28.35
CA GLY C 66 -9.69 -5.33 -29.77
C GLY C 66 -10.01 -6.79 -30.04
N ILE C 67 -10.78 -7.04 -31.09
CA ILE C 67 -11.15 -8.40 -31.46
C ILE C 67 -10.56 -8.79 -32.81
N ILE C 68 -9.70 -9.81 -32.80
CA ILE C 68 -9.06 -10.30 -34.00
C ILE C 68 -9.71 -11.61 -34.44
N CYS C 69 -10.21 -11.62 -35.68
CA CYS C 69 -10.89 -12.80 -36.21
C CYS C 69 -10.14 -13.41 -37.39
N THR C 70 -9.90 -14.72 -37.32
CA THR C 70 -9.32 -15.47 -38.42
C THR C 70 -10.38 -15.69 -39.50
N ILE C 71 -10.04 -15.34 -40.73
CA ILE C 71 -10.94 -15.50 -41.86
C ILE C 71 -10.74 -16.86 -42.50
N GLY C 72 -11.85 -17.49 -42.88
CA GLY C 72 -11.82 -18.77 -43.57
C GLY C 72 -13.13 -18.97 -44.31
N PRO C 73 -13.39 -20.21 -44.75
CA PRO C 73 -14.61 -20.55 -45.51
C PRO C 73 -15.92 -20.11 -44.83
N ALA C 74 -15.91 -20.00 -43.51
CA ALA C 74 -17.12 -19.65 -42.75
C ALA C 74 -17.38 -18.15 -42.64
N SER C 75 -16.42 -17.33 -43.04
CA SER C 75 -16.52 -15.88 -42.87
C SER C 75 -15.86 -15.05 -43.98
N ARG C 76 -15.70 -15.66 -45.16
CA ARG C 76 -14.94 -15.05 -46.26
C ARG C 76 -15.79 -14.14 -47.16
N SER C 77 -17.09 -14.38 -47.18
CA SER C 77 -18.00 -13.62 -48.04
C SER C 77 -18.17 -12.19 -47.54
N VAL C 78 -18.39 -11.27 -48.48
CA VAL C 78 -18.65 -9.86 -48.18
C VAL C 78 -19.81 -9.70 -47.21
N GLU C 79 -20.90 -10.43 -47.49
CA GLU C 79 -22.11 -10.41 -46.67
C GLU C 79 -21.84 -10.75 -45.20
N THR C 80 -21.08 -11.83 -44.98
CA THR C 80 -20.76 -12.27 -43.62
C THR C 80 -19.79 -11.31 -42.92
N LEU C 81 -18.81 -10.80 -43.68
CA LEU C 81 -17.81 -9.88 -43.15
C LEU C 81 -18.42 -8.57 -42.65
N LYS C 82 -19.48 -8.12 -43.33
CA LYS C 82 -20.24 -6.95 -42.88
C LYS C 82 -20.82 -7.19 -41.50
N GLU C 83 -21.32 -8.40 -41.27
CA GLU C 83 -21.86 -8.80 -39.98
C GLU C 83 -20.76 -8.94 -38.93
N MET C 84 -19.63 -9.51 -39.34
CA MET C 84 -18.44 -9.62 -38.49
C MET C 84 -18.07 -8.25 -37.92
N ILE C 85 -17.99 -7.26 -38.80
CA ILE C 85 -17.60 -5.89 -38.42
C ILE C 85 -18.59 -5.27 -37.44
N LYS C 86 -19.88 -5.41 -37.74
CA LYS C 86 -20.95 -4.93 -36.87
C LYS C 86 -20.96 -5.63 -35.50
N SER C 87 -20.56 -6.90 -35.49
CA SER C 87 -20.46 -7.65 -34.23
C SER C 87 -19.17 -7.31 -33.46
N GLY C 88 -18.23 -6.63 -34.12
CA GLY C 88 -17.08 -6.05 -33.43
C GLY C 88 -15.69 -6.50 -33.86
N MET C 89 -15.58 -7.14 -35.02
CA MET C 89 -14.28 -7.48 -35.58
C MET C 89 -13.47 -6.21 -35.85
N ASN C 90 -12.26 -6.15 -35.29
CA ASN C 90 -11.38 -5.01 -35.48
C ASN C 90 -10.21 -5.34 -36.41
N VAL C 91 -9.77 -6.60 -36.35
CA VAL C 91 -8.64 -7.08 -37.14
C VAL C 91 -9.02 -8.40 -37.81
N ALA C 92 -8.78 -8.47 -39.12
CA ALA C 92 -8.98 -9.71 -39.87
C ALA C 92 -7.64 -10.43 -40.03
N ARG C 93 -7.56 -11.64 -39.49
CA ARG C 93 -6.34 -12.44 -39.53
C ARG C 93 -6.34 -13.42 -40.69
N LEU C 94 -5.29 -13.36 -41.50
CA LEU C 94 -5.11 -14.27 -42.62
C LEU C 94 -4.06 -15.32 -42.27
N ASN C 95 -4.48 -16.58 -42.22
CA ASN C 95 -3.59 -17.67 -41.86
C ASN C 95 -2.90 -18.24 -43.10
N PHE C 96 -1.61 -17.95 -43.22
CA PHE C 96 -0.84 -18.36 -44.41
C PHE C 96 -0.27 -19.78 -44.35
N SER C 97 -0.71 -20.56 -43.36
CA SER C 97 -0.44 -22.00 -43.34
C SER C 97 -1.26 -22.70 -44.42
N HIS C 98 -2.31 -22.03 -44.90
CA HIS C 98 -3.22 -22.58 -45.90
C HIS C 98 -3.52 -21.54 -46.97
N GLY C 99 -3.93 -22.03 -48.15
CA GLY C 99 -4.39 -21.16 -49.23
C GLY C 99 -3.27 -20.50 -50.02
N THR C 100 -3.58 -20.17 -51.27
CA THR C 100 -2.64 -19.54 -52.19
C THR C 100 -2.68 -18.03 -52.07
N HIS C 101 -1.71 -17.37 -52.69
CA HIS C 101 -1.68 -15.91 -52.79
C HIS C 101 -2.95 -15.39 -53.48
N GLU C 102 -3.41 -16.12 -54.49
CA GLU C 102 -4.65 -15.81 -55.19
C GLU C 102 -5.82 -15.78 -54.22
N TYR C 103 -5.90 -16.81 -53.38
CA TYR C 103 -6.95 -16.96 -52.38
C TYR C 103 -6.96 -15.79 -51.39
N HIS C 104 -5.80 -15.50 -50.79
CA HIS C 104 -5.70 -14.43 -49.78
C HIS C 104 -5.95 -13.03 -50.35
N ALA C 105 -5.57 -12.82 -51.61
CA ALA C 105 -5.84 -11.55 -52.29
C ALA C 105 -7.34 -11.28 -52.40
N GLU C 106 -8.10 -12.32 -52.72
CA GLU C 106 -9.56 -12.23 -52.76
C GLU C 106 -10.15 -11.95 -51.37
N THR C 107 -9.57 -12.59 -50.34
CA THR C 107 -9.99 -12.37 -48.96
C THR C 107 -9.82 -10.92 -48.55
N ILE C 108 -8.64 -10.35 -48.82
CA ILE C 108 -8.35 -8.94 -48.54
C ILE C 108 -9.31 -8.03 -49.30
N LYS C 109 -9.63 -8.41 -50.55
CA LYS C 109 -10.58 -7.67 -51.39
C LYS C 109 -11.98 -7.65 -50.76
N ASN C 110 -12.42 -8.80 -50.25
CA ASN C 110 -13.72 -8.92 -49.58
C ASN C 110 -13.81 -8.13 -48.27
N VAL C 111 -12.78 -8.27 -47.44
CA VAL C 111 -12.67 -7.54 -46.17
C VAL C 111 -12.73 -6.02 -46.39
N ARG C 112 -12.02 -5.54 -47.42
CA ARG C 112 -12.03 -4.12 -47.74
C ARG C 112 -13.37 -3.65 -48.29
N THR C 113 -13.98 -4.45 -49.16
CA THR C 113 -15.32 -4.15 -49.68
C THR C 113 -16.32 -4.01 -48.51
N ALA C 114 -16.29 -4.98 -47.60
CA ALA C 114 -17.16 -4.96 -46.41
C ALA C 114 -16.85 -3.77 -45.49
N THR C 115 -15.57 -3.46 -45.32
CA THR C 115 -15.14 -2.32 -44.52
C THR C 115 -15.60 -0.99 -45.12
N GLU C 116 -15.40 -0.83 -46.43
CA GLU C 116 -15.69 0.44 -47.11
C GLU C 116 -17.17 0.68 -47.41
N SER C 117 -18.00 -0.32 -47.13
CA SER C 117 -19.46 -0.17 -47.26
C SER C 117 -20.03 0.81 -46.24
N PHE C 118 -19.27 1.04 -45.16
CA PHE C 118 -19.64 2.00 -44.12
C PHE C 118 -18.90 3.32 -44.27
N ALA C 119 -18.11 3.46 -45.33
CA ALA C 119 -17.24 4.62 -45.54
C ALA C 119 -17.98 5.94 -45.80
N SER C 120 -19.22 5.85 -46.28
CA SER C 120 -20.03 7.02 -46.61
C SER C 120 -20.32 7.94 -45.42
N ASP C 121 -20.31 7.37 -44.22
CA ASP C 121 -20.44 8.15 -42.98
C ASP C 121 -19.18 8.02 -42.12
N PRO C 122 -18.28 9.02 -42.23
CA PRO C 122 -17.01 9.04 -41.49
C PRO C 122 -17.18 9.10 -39.97
N ILE C 123 -18.30 9.66 -39.52
CA ILE C 123 -18.63 9.76 -38.09
C ILE C 123 -18.84 8.38 -37.45
N LEU C 124 -19.37 7.43 -38.22
CA LEU C 124 -19.64 6.08 -37.72
C LEU C 124 -18.66 5.03 -38.26
N TYR C 125 -17.88 5.39 -39.27
CA TYR C 125 -16.95 4.48 -39.92
C TYR C 125 -15.97 3.87 -38.91
N ARG C 126 -15.89 2.54 -38.91
CA ARG C 126 -14.94 1.83 -38.08
C ARG C 126 -13.82 1.25 -38.95
N PRO C 127 -12.57 1.64 -38.67
CA PRO C 127 -11.43 1.08 -39.39
C PRO C 127 -11.25 -0.40 -39.09
N VAL C 128 -10.92 -1.19 -40.11
CA VAL C 128 -10.68 -2.62 -39.94
C VAL C 128 -9.29 -2.96 -40.48
N ALA C 129 -8.44 -3.49 -39.60
CA ALA C 129 -7.07 -3.85 -39.95
C ALA C 129 -6.96 -5.23 -40.61
N VAL C 130 -5.89 -5.41 -41.40
CA VAL C 130 -5.61 -6.69 -42.04
C VAL C 130 -4.27 -7.24 -41.53
N ALA C 131 -4.32 -8.44 -40.95
CA ALA C 131 -3.13 -9.07 -40.40
C ALA C 131 -2.70 -10.29 -41.19
N LEU C 132 -1.41 -10.42 -41.41
CA LEU C 132 -0.84 -11.57 -42.09
C LEU C 132 -0.15 -12.49 -41.09
N ASP C 133 -0.61 -13.73 -41.01
CA ASP C 133 -0.06 -14.71 -40.09
C ASP C 133 0.75 -15.74 -40.88
N THR C 134 2.07 -15.71 -40.72
CA THR C 134 2.97 -16.55 -41.50
C THR C 134 2.85 -18.03 -41.15
N LYS C 135 3.28 -18.90 -42.06
CA LYS C 135 3.31 -20.35 -41.82
C LYS C 135 4.40 -20.70 -40.82
N GLY C 136 5.60 -20.18 -41.06
CA GLY C 136 6.76 -20.44 -40.20
C GLY C 136 7.30 -21.86 -40.35
N PRO C 137 8.23 -22.25 -39.46
CA PRO C 137 8.81 -23.60 -39.46
C PRO C 137 7.84 -24.66 -38.95
N GLU C 138 6.75 -24.87 -39.70
CA GLU C 138 5.74 -25.86 -39.35
C GLU C 138 6.13 -27.26 -39.80
N ILE C 139 5.73 -28.25 -39.02
CA ILE C 139 5.80 -29.65 -39.43
C ILE C 139 4.37 -30.13 -39.59
N ARG C 140 4.07 -30.73 -40.74
CA ARG C 140 2.73 -31.25 -41.01
C ARG C 140 2.76 -32.64 -41.63
N THR C 141 1.74 -33.43 -41.31
CA THR C 141 1.59 -34.77 -41.87
C THR C 141 1.10 -34.73 -43.31
N GLY C 142 0.91 -35.91 -43.90
CA GLY C 142 0.41 -36.01 -45.26
C GLY C 142 -1.07 -36.31 -45.29
N LEU C 143 -1.55 -36.75 -46.46
CA LEU C 143 -2.96 -37.09 -46.63
C LEU C 143 -3.23 -38.54 -46.27
N ILE C 144 -4.37 -38.79 -45.63
CA ILE C 144 -4.87 -40.14 -45.41
C ILE C 144 -5.22 -40.75 -46.77
N LYS C 145 -4.87 -42.02 -46.95
CA LYS C 145 -5.13 -42.75 -48.19
C LYS C 145 -6.62 -42.78 -48.54
N GLY C 146 -6.92 -42.87 -49.83
CA GLY C 146 -8.29 -42.87 -50.34
C GLY C 146 -9.15 -44.01 -49.79
N SER C 147 -8.59 -45.22 -49.78
CA SER C 147 -9.28 -46.40 -49.26
C SER C 147 -9.52 -46.28 -47.76
N GLY C 148 -10.56 -46.96 -47.27
CA GLY C 148 -10.94 -46.91 -45.86
C GLY C 148 -11.61 -45.62 -45.47
N THR C 149 -11.78 -45.40 -44.16
CA THR C 149 -12.46 -44.21 -43.63
C THR C 149 -11.62 -42.94 -43.82
N ALA C 150 -12.30 -41.81 -43.82
CA ALA C 150 -11.67 -40.49 -44.02
C ALA C 150 -10.66 -40.14 -42.94
N GLU C 151 -10.88 -40.64 -41.72
CA GLU C 151 -9.94 -40.51 -40.63
C GLU C 151 -9.59 -41.89 -40.08
N VAL C 152 -8.34 -42.06 -39.64
CA VAL C 152 -7.89 -43.33 -39.07
C VAL C 152 -7.83 -43.28 -37.54
N GLU C 153 -8.36 -44.32 -36.91
CA GLU C 153 -8.32 -44.43 -35.46
C GLU C 153 -6.98 -45.03 -35.02
N LEU C 154 -6.28 -44.31 -34.16
CA LEU C 154 -5.04 -44.80 -33.58
C LEU C 154 -5.29 -45.24 -32.14
N LYS C 155 -4.97 -46.50 -31.85
CA LYS C 155 -5.24 -47.07 -30.54
C LYS C 155 -4.02 -47.06 -29.64
N LYS C 156 -4.26 -46.85 -28.34
CA LYS C 156 -3.23 -46.83 -27.31
C LYS C 156 -2.44 -48.15 -27.29
N GLY C 157 -1.12 -48.04 -27.42
CA GLY C 157 -0.25 -49.20 -27.40
C GLY C 157 0.18 -49.71 -28.75
N ALA C 158 -0.60 -49.39 -29.79
CA ALA C 158 -0.32 -49.82 -31.15
C ALA C 158 0.98 -49.23 -31.70
N THR C 159 1.57 -49.91 -32.67
CA THR C 159 2.79 -49.44 -33.32
C THR C 159 2.48 -48.60 -34.56
N LEU C 160 3.26 -47.53 -34.75
CA LEU C 160 3.09 -46.62 -35.88
C LEU C 160 4.44 -46.27 -36.48
N LYS C 161 4.53 -46.38 -37.81
CA LYS C 161 5.76 -46.06 -38.53
C LYS C 161 5.67 -44.69 -39.18
N ILE C 162 6.69 -43.87 -38.93
CA ILE C 162 6.80 -42.54 -39.55
C ILE C 162 7.84 -42.60 -40.67
N THR C 163 7.44 -42.16 -41.86
CA THR C 163 8.31 -42.21 -43.04
C THR C 163 8.64 -40.82 -43.58
N LEU C 164 9.69 -40.77 -44.41
CA LEU C 164 10.06 -39.57 -45.14
C LEU C 164 10.01 -39.84 -46.65
N ASP C 165 9.53 -41.02 -47.01
CA ASP C 165 9.40 -41.43 -48.39
C ASP C 165 8.19 -40.79 -49.05
N ASN C 166 8.45 -39.95 -50.05
CA ASN C 166 7.42 -39.18 -50.76
C ASN C 166 6.34 -40.02 -51.45
N ALA C 167 6.56 -41.32 -51.54
CA ALA C 167 5.59 -42.24 -52.14
C ALA C 167 4.40 -42.51 -51.21
N TYR C 168 4.56 -42.13 -49.94
CA TYR C 168 3.53 -42.34 -48.92
C TYR C 168 2.85 -41.04 -48.48
N MET C 169 3.27 -39.92 -49.06
CA MET C 169 2.81 -38.60 -48.62
C MET C 169 1.30 -38.37 -48.75
N GLU C 170 0.64 -39.21 -49.55
CA GLU C 170 -0.82 -39.15 -49.65
C GLU C 170 -1.44 -40.53 -49.39
N LYS C 171 -0.66 -41.40 -48.74
CA LYS C 171 -1.12 -42.74 -48.39
C LYS C 171 -0.93 -43.05 -46.90
N CYS C 172 -1.23 -42.07 -46.05
CA CYS C 172 -1.15 -42.24 -44.59
C CYS C 172 -2.29 -43.10 -44.07
N ASP C 173 -2.00 -43.91 -43.05
CA ASP C 173 -3.02 -44.72 -42.37
C ASP C 173 -2.66 -45.01 -40.91
N GLU C 174 -3.34 -45.98 -40.31
CA GLU C 174 -3.11 -46.32 -38.90
C GLU C 174 -1.78 -47.03 -38.65
N ASN C 175 -1.22 -47.63 -39.70
CA ASN C 175 0.05 -48.34 -39.61
C ASN C 175 1.25 -47.50 -40.05
N ILE C 176 1.03 -46.60 -41.01
CA ILE C 176 2.11 -45.81 -41.60
C ILE C 176 1.71 -44.33 -41.79
N LEU C 177 2.65 -43.43 -41.49
CA LEU C 177 2.40 -42.00 -41.52
C LEU C 177 3.60 -41.21 -42.07
N TRP C 178 3.31 -40.24 -42.94
CA TRP C 178 4.33 -39.40 -43.57
C TRP C 178 4.29 -37.99 -43.00
N LEU C 179 5.44 -37.32 -42.98
CA LEU C 179 5.50 -35.89 -42.62
C LEU C 179 6.57 -35.14 -43.44
N ASP C 180 6.45 -33.82 -43.48
CA ASP C 180 7.22 -32.99 -44.42
C ASP C 180 8.55 -32.45 -43.90
N TYR C 181 8.88 -32.74 -42.64
CA TYR C 181 10.16 -32.32 -42.07
C TYR C 181 11.24 -33.36 -42.38
N LYS C 182 12.06 -33.04 -43.38
CA LYS C 182 13.02 -33.97 -43.98
C LYS C 182 14.16 -34.39 -43.04
N ASN C 183 14.51 -33.53 -42.08
CA ASN C 183 15.59 -33.82 -41.14
C ASN C 183 15.12 -34.20 -39.73
N ILE C 184 13.98 -34.87 -39.65
CA ILE C 184 13.39 -35.25 -38.36
C ILE C 184 14.22 -36.27 -37.57
N CYS C 185 14.78 -37.25 -38.28
CA CYS C 185 15.55 -38.33 -37.66
C CYS C 185 16.85 -37.85 -37.03
N LYS C 186 17.39 -36.75 -37.57
CA LYS C 186 18.66 -36.18 -37.11
C LYS C 186 18.53 -35.44 -35.78
N VAL C 187 17.32 -34.97 -35.46
CA VAL C 187 17.08 -34.17 -34.25
C VAL C 187 16.29 -34.90 -33.15
N VAL C 188 15.97 -36.16 -33.39
CA VAL C 188 15.18 -36.96 -32.46
C VAL C 188 15.93 -38.23 -32.02
N GLU C 189 15.66 -38.70 -30.80
CA GLU C 189 16.26 -39.93 -30.29
C GLU C 189 15.21 -40.94 -29.85
N VAL C 190 15.65 -42.13 -29.46
CA VAL C 190 14.79 -43.16 -28.89
C VAL C 190 14.24 -42.68 -27.55
N GLY C 191 12.92 -42.70 -27.41
CA GLY C 191 12.25 -42.26 -26.19
C GLY C 191 11.62 -40.89 -26.30
N SER C 192 11.99 -40.14 -27.35
CA SER C 192 11.44 -38.81 -27.61
C SER C 192 9.95 -38.88 -27.94
N LYS C 193 9.21 -37.85 -27.53
CA LYS C 193 7.76 -37.81 -27.75
C LYS C 193 7.38 -36.90 -28.92
N ILE C 194 6.49 -37.41 -29.77
CA ILE C 194 6.02 -36.72 -30.96
C ILE C 194 4.51 -36.51 -30.86
N TYR C 195 4.08 -35.27 -31.01
CA TYR C 195 2.66 -34.93 -30.86
C TYR C 195 2.03 -34.54 -32.20
N VAL C 196 0.82 -35.04 -32.44
CA VAL C 196 0.12 -34.81 -33.71
C VAL C 196 -1.29 -34.26 -33.47
N ASP C 197 -1.68 -33.30 -34.31
CA ASP C 197 -3.00 -32.66 -34.29
C ASP C 197 -3.33 -31.97 -32.96
N ASP C 198 -2.87 -30.73 -32.82
CA ASP C 198 -3.08 -29.92 -31.62
C ASP C 198 -2.69 -30.61 -30.30
N GLY C 199 -1.74 -31.54 -30.39
CA GLY C 199 -1.24 -32.27 -29.23
C GLY C 199 -2.14 -33.39 -28.74
N LEU C 200 -3.20 -33.66 -29.49
CA LEU C 200 -4.19 -34.68 -29.09
C LEU C 200 -3.69 -36.10 -29.28
N ILE C 201 -2.79 -36.29 -30.25
CA ILE C 201 -2.14 -37.58 -30.48
C ILE C 201 -0.70 -37.50 -29.98
N SER C 202 -0.28 -38.49 -29.20
CA SER C 202 1.09 -38.54 -28.71
C SER C 202 1.75 -39.87 -29.03
N LEU C 203 2.95 -39.79 -29.61
CA LEU C 203 3.74 -40.96 -29.97
C LEU C 203 5.08 -40.91 -29.25
N GLN C 204 5.68 -42.08 -29.04
CA GLN C 204 7.02 -42.17 -28.46
C GLN C 204 7.92 -43.04 -29.33
N VAL C 205 9.09 -42.50 -29.70
CA VAL C 205 10.05 -43.20 -30.54
C VAL C 205 10.63 -44.43 -29.81
N LYS C 206 10.60 -45.57 -30.49
CA LYS C 206 11.16 -46.81 -29.96
C LYS C 206 12.37 -47.26 -30.79
N GLN C 207 12.30 -47.02 -32.10
CA GLN C 207 13.39 -47.33 -33.01
C GLN C 207 13.68 -46.16 -33.94
N LYS C 208 14.97 -45.86 -34.13
CA LYS C 208 15.39 -44.73 -34.95
C LYS C 208 16.29 -45.19 -36.09
N GLY C 209 15.81 -45.00 -37.32
CA GLY C 209 16.58 -45.34 -38.52
C GLY C 209 17.22 -44.12 -39.15
N ALA C 210 17.57 -44.24 -40.43
CA ALA C 210 18.19 -43.14 -41.16
C ALA C 210 17.16 -42.14 -41.67
N ASP C 211 16.08 -42.65 -42.25
CA ASP C 211 14.98 -41.81 -42.75
C ASP C 211 13.60 -42.37 -42.39
N PHE C 212 13.50 -43.03 -41.24
CA PHE C 212 12.23 -43.55 -40.74
C PHE C 212 12.20 -43.63 -39.20
N LEU C 213 11.00 -43.83 -38.66
CA LEU C 213 10.81 -43.94 -37.20
C LEU C 213 9.76 -45.00 -36.85
N VAL C 214 10.04 -45.78 -35.81
CA VAL C 214 9.05 -46.70 -35.26
C VAL C 214 8.61 -46.18 -33.89
N THR C 215 7.31 -45.89 -33.77
CA THR C 215 6.78 -45.27 -32.56
C THR C 215 5.67 -46.12 -31.92
N GLU C 216 5.42 -45.84 -30.64
CA GLU C 216 4.29 -46.44 -29.92
C GLU C 216 3.30 -45.33 -29.56
N VAL C 217 2.01 -45.58 -29.82
CA VAL C 217 0.96 -44.60 -29.54
C VAL C 217 0.67 -44.54 -28.04
N GLU C 218 0.85 -43.37 -27.46
CA GLU C 218 0.55 -43.15 -26.04
C GLU C 218 -0.88 -42.66 -25.85
N ASN C 219 -1.16 -41.43 -26.30
CA ASN C 219 -2.52 -40.93 -26.37
C ASN C 219 -3.07 -41.08 -27.77
N GLY C 220 -4.08 -41.93 -27.92
CA GLY C 220 -4.67 -42.23 -29.22
C GLY C 220 -5.77 -41.25 -29.62
N GLY C 221 -6.48 -41.60 -30.68
CA GLY C 221 -7.55 -40.76 -31.21
C GLY C 221 -7.66 -40.87 -32.73
N SER C 222 -8.43 -39.95 -33.31
CA SER C 222 -8.70 -39.96 -34.74
C SER C 222 -7.73 -39.04 -35.49
N LEU C 223 -7.10 -39.58 -36.53
CA LEU C 223 -6.11 -38.84 -37.31
C LEU C 223 -6.62 -38.51 -38.72
N GLY C 224 -6.65 -37.22 -39.04
CA GLY C 224 -7.02 -36.75 -40.38
C GLY C 224 -5.82 -36.37 -41.20
N SER C 225 -6.04 -35.55 -42.23
CA SER C 225 -4.99 -35.19 -43.18
C SER C 225 -4.30 -33.86 -42.84
N LYS C 226 -3.03 -33.75 -43.21
CA LYS C 226 -2.22 -32.53 -43.06
C LYS C 226 -2.33 -31.91 -41.66
N LYS C 227 -2.06 -32.73 -40.64
CA LYS C 227 -2.15 -32.28 -39.25
C LYS C 227 -0.80 -31.85 -38.70
N GLY C 228 -0.82 -30.81 -37.87
CA GLY C 228 0.39 -30.23 -37.31
C GLY C 228 1.12 -31.14 -36.34
N VAL C 229 2.45 -31.14 -36.43
CA VAL C 229 3.30 -31.99 -35.60
C VAL C 229 4.21 -31.13 -34.73
N ASN C 230 4.29 -31.47 -33.45
CA ASN C 230 5.20 -30.80 -32.52
C ASN C 230 6.27 -31.74 -32.00
N LEU C 231 7.47 -31.19 -31.82
CA LEU C 231 8.59 -31.94 -31.24
C LEU C 231 9.15 -31.18 -30.04
N PRO C 232 8.56 -31.37 -28.85
CA PRO C 232 9.04 -30.72 -27.63
C PRO C 232 10.40 -31.28 -27.20
N GLY C 233 11.30 -30.40 -26.80
CA GLY C 233 12.64 -30.80 -26.36
C GLY C 233 13.54 -31.23 -27.51
N ALA C 234 13.18 -30.82 -28.72
CA ALA C 234 14.01 -31.07 -29.90
C ALA C 234 14.45 -29.76 -30.53
N ALA C 235 15.67 -29.74 -31.06
CA ALA C 235 16.21 -28.57 -31.72
C ALA C 235 15.91 -28.61 -33.22
N VAL C 236 14.68 -28.22 -33.58
CA VAL C 236 14.22 -28.19 -34.97
C VAL C 236 15.04 -27.16 -35.76
N ASP C 237 15.68 -27.63 -36.83
CA ASP C 237 16.61 -26.80 -37.59
C ASP C 237 16.00 -26.16 -38.84
N LEU C 238 14.67 -26.14 -38.90
CA LEU C 238 13.95 -25.46 -39.98
C LEU C 238 14.23 -23.96 -39.93
N PRO C 239 14.27 -23.28 -41.10
CA PRO C 239 14.60 -21.86 -41.12
C PRO C 239 13.55 -21.03 -40.38
N ALA C 240 14.01 -19.99 -39.68
CA ALA C 240 13.12 -19.05 -39.01
C ALA C 240 12.24 -18.33 -40.03
N VAL C 241 12.84 -17.99 -41.17
CA VAL C 241 12.12 -17.41 -42.29
C VAL C 241 12.49 -18.20 -43.54
N SER C 242 11.56 -19.04 -43.98
CA SER C 242 11.76 -19.90 -45.16
C SER C 242 11.54 -19.14 -46.46
N GLU C 243 11.78 -19.81 -47.59
CA GLU C 243 11.55 -19.20 -48.89
C GLU C 243 10.06 -18.93 -49.13
N LYS C 244 9.20 -19.80 -48.62
CA LYS C 244 7.76 -19.53 -48.63
C LYS C 244 7.44 -18.31 -47.77
N ASP C 245 8.03 -18.26 -46.57
CA ASP C 245 7.83 -17.13 -45.66
C ASP C 245 8.20 -15.79 -46.30
N ILE C 246 9.32 -15.75 -47.02
CA ILE C 246 9.76 -14.54 -47.73
C ILE C 246 8.73 -14.10 -48.77
N GLN C 247 8.31 -15.04 -49.62
CA GLN C 247 7.28 -14.81 -50.63
C GLN C 247 6.01 -14.22 -50.00
N ASP C 248 5.56 -14.85 -48.92
CA ASP C 248 4.35 -14.43 -48.22
C ASP C 248 4.47 -13.03 -47.62
N LEU C 249 5.64 -12.72 -47.06
CA LEU C 249 5.89 -11.40 -46.47
C LEU C 249 5.97 -10.30 -47.53
N LYS C 250 6.59 -10.61 -48.67
CA LYS C 250 6.66 -9.69 -49.81
C LYS C 250 5.25 -9.42 -50.36
N PHE C 251 4.45 -10.48 -50.45
CA PHE C 251 3.05 -10.38 -50.84
C PHE C 251 2.27 -9.43 -49.92
N GLY C 252 2.53 -9.53 -48.61
CA GLY C 252 1.89 -8.68 -47.61
C GLY C 252 2.17 -7.21 -47.77
N VAL C 253 3.41 -6.88 -48.17
CA VAL C 253 3.81 -5.50 -48.44
C VAL C 253 3.04 -4.97 -49.66
N GLU C 254 2.93 -5.80 -50.69
CA GLU C 254 2.21 -5.46 -51.93
C GLU C 254 0.73 -5.18 -51.67
N GLN C 255 0.12 -6.05 -50.86
CA GLN C 255 -1.30 -5.95 -50.54
C GLN C 255 -1.60 -4.91 -49.46
N ASP C 256 -0.56 -4.25 -48.96
CA ASP C 256 -0.68 -3.18 -47.97
C ASP C 256 -1.30 -3.67 -46.66
N VAL C 257 -0.74 -4.75 -46.11
CA VAL C 257 -1.21 -5.27 -44.83
C VAL C 257 -0.73 -4.38 -43.68
N ASP C 258 -1.46 -4.42 -42.56
CA ASP C 258 -1.18 -3.52 -41.45
C ASP C 258 -0.20 -4.10 -40.45
N MET C 259 -0.20 -5.42 -40.31
CA MET C 259 0.65 -6.10 -39.34
C MET C 259 0.97 -7.53 -39.78
N VAL C 260 2.05 -8.06 -39.20
CA VAL C 260 2.47 -9.43 -39.44
C VAL C 260 2.47 -10.21 -38.13
N PHE C 261 1.87 -11.39 -38.16
CA PHE C 261 1.96 -12.34 -37.04
C PHE C 261 3.00 -13.40 -37.38
N ALA C 262 4.21 -13.21 -36.84
CA ALA C 262 5.36 -14.04 -37.19
C ALA C 262 5.44 -15.29 -36.31
N SER C 263 5.24 -16.44 -36.93
CA SER C 263 5.15 -17.72 -36.22
C SER C 263 6.50 -18.26 -35.76
N PHE C 264 6.50 -18.82 -34.55
CA PHE C 264 7.65 -19.53 -33.96
C PHE C 264 8.93 -18.69 -33.80
N ILE C 265 8.78 -17.43 -33.41
CA ILE C 265 9.93 -16.57 -33.13
C ILE C 265 10.65 -17.06 -31.87
N ARG C 266 11.93 -17.41 -32.03
CA ARG C 266 12.73 -17.96 -30.94
C ARG C 266 13.72 -16.96 -30.35
N LYS C 267 14.05 -15.93 -31.14
CA LYS C 267 15.09 -14.97 -30.77
C LYS C 267 14.99 -13.66 -31.55
N ALA C 268 15.73 -12.65 -31.11
CA ALA C 268 15.70 -11.31 -31.72
C ALA C 268 16.14 -11.31 -33.19
N SER C 269 17.10 -12.18 -33.52
CA SER C 269 17.61 -12.25 -34.89
C SER C 269 16.54 -12.73 -35.88
N ASP C 270 15.63 -13.56 -35.38
CA ASP C 270 14.45 -13.98 -36.16
C ASP C 270 13.56 -12.80 -36.52
N VAL C 271 13.36 -11.90 -35.55
CA VAL C 271 12.56 -10.69 -35.76
C VAL C 271 13.23 -9.78 -36.78
N HIS C 272 14.55 -9.60 -36.64
CA HIS C 272 15.33 -8.77 -37.56
C HIS C 272 15.26 -9.28 -39.00
N GLU C 273 15.28 -10.60 -39.17
CA GLU C 273 15.11 -11.23 -40.48
C GLU C 273 13.78 -10.84 -41.12
N VAL C 274 12.69 -10.90 -40.34
CA VAL C 274 11.36 -10.50 -40.80
C VAL C 274 11.34 -9.02 -41.17
N ARG C 275 11.97 -8.20 -40.33
CA ARG C 275 12.10 -6.76 -40.58
C ARG C 275 12.83 -6.46 -41.89
N LYS C 276 13.86 -7.26 -42.19
CA LYS C 276 14.66 -7.06 -43.41
C LYS C 276 13.88 -7.40 -44.68
N VAL C 277 13.04 -8.44 -44.60
CA VAL C 277 12.21 -8.87 -45.73
C VAL C 277 11.14 -7.82 -46.06
N LEU C 278 10.50 -7.27 -45.04
CA LEU C 278 9.51 -6.20 -45.24
C LEU C 278 10.17 -4.95 -45.84
N GLY C 279 11.40 -4.66 -45.40
CA GLY C 279 12.22 -3.58 -45.97
C GLY C 279 11.69 -2.18 -45.73
N GLU C 280 12.18 -1.23 -46.53
CA GLU C 280 11.74 0.16 -46.45
C GLU C 280 10.32 0.35 -46.97
N LYS C 281 9.96 -0.47 -47.96
CA LYS C 281 8.63 -0.43 -48.57
C LYS C 281 7.55 -0.73 -47.52
N GLY C 282 7.83 -1.67 -46.63
CA GLY C 282 6.90 -2.03 -45.56
C GLY C 282 7.44 -1.79 -44.17
N LYS C 283 8.14 -0.67 -43.97
CA LYS C 283 8.74 -0.36 -42.67
C LYS C 283 7.69 0.00 -41.61
N ASN C 284 6.58 0.55 -42.08
CA ASN C 284 5.49 0.98 -41.19
C ASN C 284 4.59 -0.17 -40.76
N ILE C 285 4.80 -1.35 -41.35
CA ILE C 285 4.06 -2.55 -40.98
C ILE C 285 4.56 -3.04 -39.62
N LYS C 286 3.62 -3.26 -38.70
CA LYS C 286 3.93 -3.68 -37.35
C LYS C 286 4.24 -5.17 -37.32
N ILE C 287 5.31 -5.54 -36.63
CA ILE C 287 5.66 -6.94 -36.45
C ILE C 287 5.22 -7.42 -35.06
N ILE C 288 4.32 -8.40 -35.05
CA ILE C 288 3.85 -9.01 -33.82
C ILE C 288 4.41 -10.42 -33.72
N SER C 289 5.38 -10.60 -32.83
CA SER C 289 6.04 -11.89 -32.65
C SER C 289 5.16 -12.88 -31.88
N LYS C 290 4.95 -14.05 -32.49
CA LYS C 290 4.21 -15.12 -31.83
C LYS C 290 5.14 -15.94 -30.96
N ILE C 291 4.80 -16.05 -29.68
CA ILE C 291 5.55 -16.88 -28.75
C ILE C 291 4.83 -18.21 -28.59
N GLU C 292 5.43 -19.27 -29.12
CA GLU C 292 4.78 -20.59 -29.14
C GLU C 292 5.73 -21.78 -28.92
N ASN C 293 6.89 -21.52 -28.34
CA ASN C 293 7.80 -22.58 -27.91
C ASN C 293 8.62 -22.19 -26.68
N HIS C 294 9.44 -23.12 -26.19
CA HIS C 294 10.20 -22.90 -24.97
C HIS C 294 11.31 -21.84 -25.11
N GLU C 295 12.01 -21.85 -26.25
CA GLU C 295 13.09 -20.88 -26.50
C GLU C 295 12.54 -19.47 -26.62
N GLY C 296 11.34 -19.34 -27.16
CA GLY C 296 10.63 -18.07 -27.29
C GLY C 296 10.34 -17.43 -25.94
N VAL C 297 9.91 -18.24 -24.97
CA VAL C 297 9.67 -17.79 -23.61
C VAL C 297 11.00 -17.40 -22.94
N ARG C 298 12.00 -18.27 -23.07
CA ARG C 298 13.30 -18.07 -22.43
C ARG C 298 13.99 -16.79 -22.91
N ARG C 299 13.89 -16.51 -24.21
CA ARG C 299 14.50 -15.32 -24.81
C ARG C 299 13.49 -14.20 -25.06
N PHE C 300 12.45 -14.13 -24.23
CA PHE C 300 11.35 -13.19 -24.41
C PHE C 300 11.77 -11.71 -24.47
N ASP C 301 12.63 -11.30 -23.54
CA ASP C 301 13.00 -9.89 -23.40
C ASP C 301 13.62 -9.30 -24.66
N GLU C 302 14.47 -10.07 -25.33
CA GLU C 302 15.11 -9.61 -26.56
C GLU C 302 14.13 -9.61 -27.74
N ILE C 303 13.16 -10.53 -27.70
CA ILE C 303 12.13 -10.64 -28.73
C ILE C 303 11.19 -9.44 -28.67
N LEU C 304 10.73 -9.14 -27.45
CA LEU C 304 9.84 -8.00 -27.20
C LEU C 304 10.50 -6.68 -27.59
N GLU C 305 11.77 -6.52 -27.23
CA GLU C 305 12.55 -5.32 -27.56
C GLU C 305 12.61 -5.07 -29.06
N ALA C 306 12.77 -6.15 -29.83
CA ALA C 306 12.92 -6.07 -31.29
C ALA C 306 11.58 -5.91 -32.01
N SER C 307 10.49 -6.36 -31.38
CA SER C 307 9.19 -6.42 -32.02
C SER C 307 8.31 -5.23 -31.67
N ASP C 308 7.27 -5.01 -32.48
CA ASP C 308 6.30 -3.96 -32.21
C ASP C 308 5.24 -4.43 -31.22
N GLY C 309 5.10 -5.75 -31.08
CA GLY C 309 4.14 -6.36 -30.16
C GLY C 309 4.31 -7.86 -30.05
N ILE C 310 3.49 -8.48 -29.20
CA ILE C 310 3.60 -9.91 -28.90
C ILE C 310 2.26 -10.62 -29.03
N MET C 311 2.29 -11.85 -29.55
CA MET C 311 1.14 -12.75 -29.46
C MET C 311 1.48 -13.96 -28.60
N VAL C 312 0.66 -14.18 -27.57
CA VAL C 312 0.74 -15.42 -26.80
C VAL C 312 0.00 -16.51 -27.58
N ALA C 313 0.75 -17.21 -28.43
CA ALA C 313 0.19 -18.25 -29.29
C ALA C 313 0.03 -19.56 -28.53
N ARG C 314 -1.08 -19.68 -27.79
CA ARG C 314 -1.28 -20.76 -26.81
C ARG C 314 -1.41 -22.16 -27.39
N GLY C 315 -1.85 -22.25 -28.65
CA GLY C 315 -2.00 -23.53 -29.34
C GLY C 315 -0.74 -24.37 -29.36
N ASP C 316 0.29 -23.87 -30.02
CA ASP C 316 1.60 -24.53 -30.06
C ASP C 316 2.32 -24.46 -28.71
N LEU C 317 2.16 -23.35 -28.00
CA LEU C 317 2.78 -23.17 -26.68
C LEU C 317 2.39 -24.27 -25.70
N GLY C 318 1.10 -24.63 -25.69
CA GLY C 318 0.57 -25.66 -24.80
C GLY C 318 0.98 -27.09 -25.16
N ILE C 319 1.68 -27.23 -26.28
CA ILE C 319 2.23 -28.53 -26.68
C ILE C 319 3.75 -28.56 -26.48
N GLU C 320 4.40 -27.42 -26.77
CA GLU C 320 5.85 -27.30 -26.63
C GLU C 320 6.29 -27.24 -25.16
N ILE C 321 5.47 -26.61 -24.33
CA ILE C 321 5.68 -26.62 -22.87
C ILE C 321 4.48 -27.28 -22.20
N PRO C 322 4.63 -27.78 -20.96
CA PRO C 322 3.50 -28.42 -20.29
C PRO C 322 2.27 -27.53 -20.23
N ALA C 323 1.10 -28.11 -20.51
CA ALA C 323 -0.16 -27.37 -20.56
C ALA C 323 -0.47 -26.59 -19.28
N GLU C 324 -0.05 -27.14 -18.14
CA GLU C 324 -0.30 -26.52 -16.85
C GLU C 324 0.55 -25.28 -16.59
N LYS C 325 1.53 -25.03 -17.46
CA LYS C 325 2.43 -23.89 -17.32
C LYS C 325 2.12 -22.73 -18.28
N VAL C 326 1.12 -22.93 -19.14
CA VAL C 326 0.76 -21.92 -20.15
C VAL C 326 0.22 -20.63 -19.52
N PHE C 327 -0.58 -20.77 -18.46
CA PHE C 327 -1.17 -19.62 -17.77
C PHE C 327 -0.10 -18.73 -17.13
N LEU C 328 0.99 -19.34 -16.66
CA LEU C 328 2.13 -18.62 -16.10
C LEU C 328 2.81 -17.78 -17.18
N ALA C 329 3.13 -18.43 -18.30
CA ALA C 329 3.73 -17.77 -19.46
C ALA C 329 2.86 -16.64 -19.99
N GLN C 330 1.56 -16.87 -20.03
CA GLN C 330 0.61 -15.86 -20.48
C GLN C 330 0.65 -14.62 -19.59
N LYS C 331 0.47 -14.82 -18.28
CA LYS C 331 0.42 -13.73 -17.32
C LYS C 331 1.76 -12.98 -17.22
N MET C 332 2.85 -13.70 -17.41
CA MET C 332 4.19 -13.11 -17.43
C MET C 332 4.38 -12.20 -18.65
N MET C 333 4.09 -12.75 -19.83
CA MET C 333 4.28 -12.03 -21.09
C MET C 333 3.36 -10.82 -21.22
N ILE C 334 2.13 -10.94 -20.72
CA ILE C 334 1.17 -9.83 -20.74
C ILE C 334 1.65 -8.69 -19.82
N GLY C 335 2.09 -9.06 -18.62
CA GLY C 335 2.63 -8.09 -17.66
C GLY C 335 3.81 -7.33 -18.22
N ARG C 336 4.75 -8.05 -18.83
CA ARG C 336 5.95 -7.44 -19.40
C ARG C 336 5.64 -6.54 -20.59
N CYS C 337 4.63 -6.91 -21.37
CA CYS C 337 4.16 -6.08 -22.48
C CYS C 337 3.47 -4.82 -21.98
N ASN C 338 2.60 -4.97 -20.97
CA ASN C 338 1.97 -3.83 -20.31
C ASN C 338 3.01 -2.86 -19.77
N ARG C 339 4.05 -3.41 -19.14
CA ARG C 339 5.15 -2.66 -18.56
C ARG C 339 5.92 -1.87 -19.61
N ALA C 340 6.07 -2.46 -20.79
CA ALA C 340 6.84 -1.88 -21.90
C ALA C 340 6.00 -0.97 -22.80
N GLY C 341 4.68 -1.02 -22.65
CA GLY C 341 3.76 -0.23 -23.45
C GLY C 341 3.60 -0.77 -24.86
N LYS C 342 3.74 -2.08 -25.01
CA LYS C 342 3.62 -2.74 -26.31
C LYS C 342 2.42 -3.69 -26.34
N PRO C 343 1.70 -3.75 -27.47
CA PRO C 343 0.50 -4.58 -27.63
C PRO C 343 0.76 -6.05 -27.36
N VAL C 344 -0.16 -6.68 -26.63
CA VAL C 344 -0.11 -8.12 -26.42
C VAL C 344 -1.44 -8.77 -26.80
N ILE C 345 -1.35 -9.81 -27.63
CA ILE C 345 -2.53 -10.55 -28.07
C ILE C 345 -2.58 -11.90 -27.36
N CYS C 346 -3.72 -12.21 -26.76
CA CYS C 346 -3.99 -13.57 -26.28
C CYS C 346 -4.75 -14.32 -27.37
N ALA C 347 -4.29 -15.52 -27.70
CA ALA C 347 -4.82 -16.24 -28.85
C ALA C 347 -5.06 -17.74 -28.60
N THR C 348 -5.90 -18.32 -29.45
CA THR C 348 -6.09 -19.77 -29.58
C THR C 348 -6.97 -20.43 -28.52
N GLN C 349 -8.05 -21.07 -29.00
CA GLN C 349 -8.94 -21.92 -28.20
C GLN C 349 -9.70 -21.18 -27.09
N MET C 350 -9.83 -19.87 -27.24
CA MET C 350 -10.52 -19.03 -26.25
C MET C 350 -12.01 -19.38 -26.15
N LEU C 351 -12.61 -19.72 -27.29
CA LEU C 351 -14.01 -20.15 -27.36
C LEU C 351 -14.14 -21.36 -28.27
N GLU C 352 -13.25 -22.34 -28.10
CA GLU C 352 -13.12 -23.49 -29.01
C GLU C 352 -14.41 -24.28 -29.24
N SER C 353 -15.21 -24.47 -28.21
CA SER C 353 -16.45 -25.24 -28.34
C SER C 353 -17.49 -24.53 -29.21
N MET C 354 -17.32 -23.22 -29.40
CA MET C 354 -18.22 -22.43 -30.24
C MET C 354 -18.03 -22.69 -31.74
N ILE C 355 -17.14 -23.61 -32.08
CA ILE C 355 -17.00 -24.08 -33.46
C ILE C 355 -18.20 -24.93 -33.85
N LYS C 356 -18.74 -25.66 -32.88
CA LYS C 356 -19.89 -26.53 -33.10
C LYS C 356 -21.12 -26.15 -32.26
N LYS C 357 -20.95 -25.26 -31.30
CA LYS C 357 -22.02 -24.88 -30.37
C LYS C 357 -22.29 -23.38 -30.34
N PRO C 358 -23.57 -22.97 -30.25
CA PRO C 358 -23.92 -21.54 -30.27
C PRO C 358 -23.63 -20.81 -28.96
N ARG C 359 -23.30 -21.57 -27.91
CA ARG C 359 -22.96 -21.01 -26.60
C ARG C 359 -21.67 -21.65 -26.08
N PRO C 360 -20.79 -20.84 -25.45
CA PRO C 360 -19.49 -21.34 -24.99
C PRO C 360 -19.61 -22.17 -23.71
N THR C 361 -18.49 -22.79 -23.32
CA THR C 361 -18.40 -23.47 -22.04
C THR C 361 -18.03 -22.47 -20.96
N ARG C 362 -18.22 -22.84 -19.70
CA ARG C 362 -17.92 -21.94 -18.58
C ARG C 362 -16.43 -21.66 -18.44
N ALA C 363 -15.61 -22.63 -18.83
CA ALA C 363 -14.15 -22.48 -18.85
C ALA C 363 -13.73 -21.40 -19.84
N GLU C 364 -14.35 -21.43 -21.02
CA GLU C 364 -14.10 -20.46 -22.09
C GLU C 364 -14.54 -19.05 -21.71
N GLY C 365 -15.70 -18.96 -21.04
CA GLY C 365 -16.19 -17.69 -20.52
C GLY C 365 -15.17 -16.99 -19.65
N SER C 366 -14.68 -17.70 -18.64
CA SER C 366 -13.68 -17.14 -17.72
C SER C 366 -12.35 -16.85 -18.40
N ASP C 367 -11.96 -17.69 -19.36
CA ASP C 367 -10.70 -17.54 -20.08
C ASP C 367 -10.61 -16.18 -20.78
N VAL C 368 -11.65 -15.85 -21.53
CA VAL C 368 -11.75 -14.56 -22.21
C VAL C 368 -11.71 -13.39 -21.21
N ALA C 369 -12.41 -13.53 -20.09
CA ALA C 369 -12.45 -12.50 -19.05
C ALA C 369 -11.10 -12.32 -18.38
N ASN C 370 -10.47 -13.43 -18.03
CA ASN C 370 -9.17 -13.40 -17.36
C ASN C 370 -8.05 -12.88 -18.26
N ALA C 371 -8.18 -13.11 -19.57
CA ALA C 371 -7.27 -12.51 -20.55
C ALA C 371 -7.32 -11.00 -20.47
N VAL C 372 -8.52 -10.43 -20.42
CA VAL C 372 -8.72 -8.99 -20.32
C VAL C 372 -8.25 -8.47 -18.96
N LEU C 373 -8.58 -9.21 -17.89
CA LEU C 373 -8.16 -8.84 -16.53
C LEU C 373 -6.65 -8.91 -16.36
N ASP C 374 -6.01 -9.85 -17.07
CA ASP C 374 -4.55 -9.93 -17.12
C ASP C 374 -3.93 -8.64 -17.68
N GLY C 375 -4.58 -8.09 -18.71
CA GLY C 375 -4.13 -6.84 -19.33
C GLY C 375 -3.93 -6.94 -20.84
N ALA C 376 -4.43 -8.02 -21.44
CA ALA C 376 -4.31 -8.22 -22.88
C ALA C 376 -4.94 -7.09 -23.67
N ASP C 377 -4.27 -6.67 -24.74
CA ASP C 377 -4.76 -5.59 -25.60
C ASP C 377 -5.79 -6.12 -26.57
N CYS C 378 -5.53 -7.31 -27.10
CA CYS C 378 -6.40 -7.96 -28.07
C CYS C 378 -6.66 -9.42 -27.75
N ILE C 379 -7.87 -9.87 -28.06
CA ILE C 379 -8.23 -11.27 -27.96
C ILE C 379 -8.56 -11.80 -29.36
N MET C 380 -8.34 -13.10 -29.57
CA MET C 380 -8.38 -13.66 -30.92
C MET C 380 -9.31 -14.87 -31.04
N LEU C 381 -9.91 -15.01 -32.22
CA LEU C 381 -10.66 -16.20 -32.59
C LEU C 381 -10.04 -16.82 -33.84
N SER C 382 -9.84 -18.14 -33.79
CA SER C 382 -9.24 -18.88 -34.90
C SER C 382 -10.29 -19.69 -35.64
N GLY C 383 -10.40 -20.97 -35.31
CA GLY C 383 -11.40 -21.86 -35.91
C GLY C 383 -12.83 -21.43 -35.64
N GLU C 384 -13.02 -20.62 -34.60
CA GLU C 384 -14.33 -20.10 -34.22
C GLU C 384 -14.95 -19.26 -35.35
N THR C 385 -14.11 -18.42 -35.96
CA THR C 385 -14.56 -17.56 -37.06
C THR C 385 -14.15 -18.09 -38.44
N ALA C 386 -13.08 -18.88 -38.48
CA ALA C 386 -12.56 -19.39 -39.76
C ALA C 386 -13.42 -20.50 -40.38
N LYS C 387 -13.71 -21.53 -39.60
CA LYS C 387 -14.38 -22.73 -40.14
C LYS C 387 -15.64 -23.15 -39.38
N GLY C 388 -15.93 -22.45 -38.28
CA GLY C 388 -17.01 -22.84 -37.38
C GLY C 388 -18.42 -22.63 -37.88
N ASP C 389 -19.39 -23.16 -37.13
CA ASP C 389 -20.81 -23.06 -37.47
C ASP C 389 -21.45 -21.78 -36.93
N TYR C 390 -20.77 -21.12 -36.00
CA TYR C 390 -21.31 -19.93 -35.33
C TYR C 390 -20.26 -18.80 -35.21
N PRO C 391 -19.73 -18.32 -36.36
CA PRO C 391 -18.66 -17.31 -36.31
C PRO C 391 -19.11 -16.00 -35.67
N LEU C 392 -20.32 -15.55 -36.01
CA LEU C 392 -20.84 -14.28 -35.50
C LEU C 392 -21.15 -14.33 -34.02
N GLU C 393 -21.65 -15.48 -33.55
CA GLU C 393 -21.91 -15.70 -32.14
C GLU C 393 -20.62 -15.67 -31.32
N ALA C 394 -19.55 -16.20 -31.90
CA ALA C 394 -18.22 -16.16 -31.27
C ALA C 394 -17.70 -14.73 -31.12
N VAL C 395 -17.87 -13.90 -32.15
CA VAL C 395 -17.46 -12.50 -32.10
C VAL C 395 -18.29 -11.74 -31.06
N ARG C 396 -19.61 -11.90 -31.14
CA ARG C 396 -20.54 -11.24 -30.23
C ARG C 396 -20.28 -11.59 -28.76
N MET C 397 -19.92 -12.85 -28.53
CA MET C 397 -19.62 -13.33 -27.18
C MET C 397 -18.35 -12.69 -26.61
N GLN C 398 -17.31 -12.56 -27.44
CA GLN C 398 -16.10 -11.85 -27.02
C GLN C 398 -16.34 -10.38 -26.72
N ASN C 399 -17.20 -9.73 -27.51
CA ASN C 399 -17.61 -8.35 -27.25
C ASN C 399 -18.28 -8.21 -25.88
N LEU C 400 -19.14 -9.18 -25.54
CA LEU C 400 -19.89 -9.15 -24.30
C LEU C 400 -19.04 -9.43 -23.06
N ILE C 401 -18.15 -10.41 -23.16
CA ILE C 401 -17.26 -10.73 -22.04
C ILE C 401 -16.22 -9.64 -21.79
N ALA C 402 -15.58 -9.16 -22.86
CA ALA C 402 -14.58 -8.09 -22.76
C ALA C 402 -15.14 -6.81 -22.15
N ARG C 403 -16.33 -6.41 -22.58
CA ARG C 403 -17.01 -5.23 -22.03
C ARG C 403 -17.31 -5.40 -20.54
N GLU C 404 -17.69 -6.61 -20.13
CA GLU C 404 -17.91 -6.94 -18.72
C GLU C 404 -16.62 -6.93 -17.91
N ALA C 405 -15.56 -7.51 -18.48
CA ALA C 405 -14.27 -7.58 -17.82
C ALA C 405 -13.63 -6.21 -17.62
N GLU C 406 -13.83 -5.32 -18.59
CA GLU C 406 -13.30 -3.96 -18.52
C GLU C 406 -13.99 -3.14 -17.42
N ALA C 407 -15.26 -3.46 -17.17
CA ALA C 407 -16.03 -2.83 -16.11
C ALA C 407 -15.62 -3.36 -14.73
N ALA C 408 -14.91 -4.48 -14.73
CA ALA C 408 -14.46 -5.12 -13.49
C ALA C 408 -13.09 -4.61 -13.03
N ILE C 409 -12.36 -3.98 -13.95
CA ILE C 409 -11.00 -3.51 -13.68
C ILE C 409 -11.01 -2.28 -12.77
N TYR C 410 -10.18 -2.32 -11.72
CA TYR C 410 -9.93 -1.16 -10.88
C TYR C 410 -8.83 -0.32 -11.51
N HIS C 411 -9.25 0.66 -12.32
CA HIS C 411 -8.35 1.41 -13.20
C HIS C 411 -7.33 2.28 -12.50
N LEU C 412 -7.74 2.96 -11.42
CA LEU C 412 -6.83 3.83 -10.66
C LEU C 412 -5.66 3.08 -10.03
N GLN C 413 -5.95 1.90 -9.47
CA GLN C 413 -4.94 1.06 -8.85
C GLN C 413 -3.96 0.54 -9.91
N LEU C 414 -4.48 0.20 -11.09
CA LEU C 414 -3.68 -0.26 -12.21
C LEU C 414 -2.81 0.87 -12.77
N PHE C 415 -3.39 2.07 -12.87
CA PHE C 415 -2.66 3.25 -13.34
C PHE C 415 -1.58 3.68 -12.35
N GLU C 416 -1.88 3.55 -11.05
CA GLU C 416 -0.92 3.87 -10.00
C GLU C 416 0.35 3.02 -10.12
N GLU C 417 0.17 1.74 -10.42
CA GLU C 417 1.28 0.82 -10.59
C GLU C 417 2.03 1.03 -11.91
N LEU C 418 1.29 1.35 -12.97
CA LEU C 418 1.87 1.60 -14.29
C LEU C 418 2.73 2.87 -14.31
N ARG C 419 2.24 3.92 -13.65
CA ARG C 419 2.98 5.18 -13.53
C ARG C 419 4.23 5.01 -12.66
N ARG C 420 4.09 4.30 -11.54
CA ARG C 420 5.20 4.03 -10.63
C ARG C 420 6.36 3.28 -11.30
N LEU C 421 6.03 2.31 -12.14
CA LEU C 421 7.04 1.48 -12.82
C LEU C 421 7.59 2.14 -14.09
N ALA C 422 6.99 3.25 -14.48
CA ALA C 422 7.43 4.01 -15.65
C ALA C 422 8.57 4.97 -15.27
N PRO C 423 9.61 5.05 -16.12
CA PRO C 423 10.80 5.85 -15.83
C PRO C 423 10.58 7.35 -15.99
N ILE C 424 11.38 8.14 -15.29
CA ILE C 424 11.37 9.60 -15.44
C ILE C 424 12.10 9.98 -16.73
N THR C 425 11.36 10.57 -17.66
CA THR C 425 11.90 10.91 -18.98
C THR C 425 11.82 12.39 -19.29
N SER C 426 12.57 12.82 -20.30
CA SER C 426 12.54 14.21 -20.77
C SER C 426 11.47 14.40 -21.83
N ASP C 427 10.94 13.30 -22.36
CA ASP C 427 9.95 13.30 -23.42
C ASP C 427 8.68 14.06 -23.02
N PRO C 428 8.40 15.19 -23.70
CA PRO C 428 7.25 16.04 -23.39
C PRO C 428 5.92 15.34 -23.66
N THR C 429 5.86 14.52 -24.71
CA THR C 429 4.66 13.78 -25.07
C THR C 429 4.30 12.75 -23.99
N GLU C 430 5.32 12.11 -23.45
CA GLU C 430 5.17 11.13 -22.38
C GLU C 430 4.56 11.78 -21.14
N ALA C 431 5.03 12.98 -20.81
CA ALA C 431 4.53 13.73 -19.65
C ALA C 431 3.09 14.22 -19.86
N THR C 432 2.79 14.68 -21.07
CA THR C 432 1.45 15.15 -21.42
C THR C 432 0.44 14.01 -21.32
N ALA C 433 0.84 12.82 -21.74
CA ALA C 433 -0.01 11.63 -21.72
C ALA C 433 -0.37 11.22 -20.29
N VAL C 434 0.65 11.20 -19.42
CA VAL C 434 0.46 10.88 -18.01
C VAL C 434 -0.43 11.90 -17.29
N GLY C 435 -0.31 13.16 -17.70
CA GLY C 435 -1.16 14.22 -17.17
C GLY C 435 -2.60 14.12 -17.64
N ALA C 436 -2.77 13.63 -18.87
CA ALA C 436 -4.10 13.46 -19.46
C ALA C 436 -4.88 12.33 -18.80
N VAL C 437 -4.19 11.21 -18.55
CA VAL C 437 -4.80 10.05 -17.88
C VAL C 437 -5.16 10.41 -16.43
N GLU C 438 -4.26 11.14 -15.76
CA GLU C 438 -4.52 11.60 -14.40
C GLU C 438 -5.73 12.52 -14.34
N ALA C 439 -5.77 13.49 -15.25
CA ALA C 439 -6.88 14.43 -15.34
C ALA C 439 -8.19 13.72 -15.69
N SER C 440 -8.11 12.66 -16.49
CA SER C 440 -9.28 11.89 -16.90
C SER C 440 -9.92 11.13 -15.72
N PHE C 441 -9.11 10.76 -14.75
CA PHE C 441 -9.59 10.09 -13.54
C PHE C 441 -10.22 11.09 -12.57
N LYS C 442 -9.73 12.32 -12.59
CA LYS C 442 -10.14 13.36 -11.65
C LYS C 442 -11.49 14.00 -12.01
N CYS C 443 -11.81 14.05 -13.30
CA CYS C 443 -13.04 14.70 -13.74
C CYS C 443 -14.03 13.76 -14.42
N CYS C 444 -13.84 12.45 -14.22
CA CYS C 444 -14.69 11.40 -14.82
C CYS C 444 -14.99 11.70 -16.29
N SER C 445 -13.93 11.94 -17.05
CA SER C 445 -14.05 12.39 -18.44
C SER C 445 -14.74 11.38 -19.33
N GLY C 446 -15.51 11.88 -20.29
CA GLY C 446 -16.17 11.05 -21.28
C GLY C 446 -15.20 10.45 -22.29
N ALA C 447 -14.09 11.14 -22.52
CA ALA C 447 -13.06 10.68 -23.44
C ALA C 447 -11.76 11.45 -23.35
N ILE C 448 -10.70 10.85 -23.88
CA ILE C 448 -9.45 11.54 -24.15
C ILE C 448 -9.30 11.61 -25.67
N ILE C 449 -9.47 12.81 -26.21
CA ILE C 449 -9.28 13.04 -27.64
C ILE C 449 -7.81 13.31 -27.93
N VAL C 450 -7.23 12.53 -28.84
CA VAL C 450 -5.84 12.68 -29.23
C VAL C 450 -5.69 12.80 -30.75
N LEU C 451 -5.12 13.91 -31.18
CA LEU C 451 -4.73 14.09 -32.58
C LEU C 451 -3.39 13.39 -32.78
N THR C 452 -3.32 12.50 -33.76
CA THR C 452 -2.12 11.71 -34.01
C THR C 452 -1.92 11.39 -35.48
N LYS C 453 -0.67 11.28 -35.90
CA LYS C 453 -0.33 10.97 -37.29
C LYS C 453 0.11 9.53 -37.45
N SER C 454 1.03 9.10 -36.58
CA SER C 454 1.59 7.76 -36.63
C SER C 454 0.93 6.82 -35.62
N GLY C 455 0.08 7.38 -34.76
CA GLY C 455 -0.56 6.62 -33.70
C GLY C 455 0.15 6.82 -32.37
N ARG C 456 1.46 7.03 -32.45
CA ARG C 456 2.36 7.13 -31.29
C ARG C 456 1.80 7.85 -30.07
N SER C 457 1.21 9.03 -30.27
CA SER C 457 0.66 9.82 -29.16
C SER C 457 -0.50 9.13 -28.43
N ALA C 458 -1.37 8.47 -29.18
CA ALA C 458 -2.47 7.70 -28.60
C ALA C 458 -1.96 6.45 -27.88
N HIS C 459 -0.88 5.86 -28.41
CA HIS C 459 -0.27 4.68 -27.82
C HIS C 459 0.30 5.00 -26.43
N GLN C 460 0.89 6.19 -26.30
CA GLN C 460 1.48 6.63 -25.04
C GLN C 460 0.44 6.86 -23.94
N VAL C 461 -0.76 7.28 -24.35
CA VAL C 461 -1.89 7.41 -23.42
C VAL C 461 -2.42 6.01 -23.05
N ALA C 462 -2.54 5.14 -24.05
CA ALA C 462 -3.11 3.80 -23.88
C ALA C 462 -2.36 2.93 -22.90
N ARG C 463 -1.04 3.11 -22.80
CA ARG C 463 -0.20 2.30 -21.91
C ARG C 463 -0.41 2.58 -20.43
N TYR C 464 -0.99 3.73 -20.11
CA TYR C 464 -1.32 4.08 -18.73
C TYR C 464 -2.75 3.70 -18.35
N ARG C 465 -3.43 3.01 -19.27
CA ARG C 465 -4.73 2.40 -19.04
C ARG C 465 -5.77 3.33 -18.38
N PRO C 466 -6.18 4.41 -19.09
CA PRO C 466 -7.28 5.22 -18.58
C PRO C 466 -8.60 4.48 -18.71
N ARG C 467 -9.58 4.86 -17.90
CA ARG C 467 -10.93 4.30 -18.01
C ARG C 467 -11.62 4.87 -19.24
N ALA C 468 -11.48 6.18 -19.42
CA ALA C 468 -12.08 6.89 -20.55
C ALA C 468 -11.53 6.40 -21.89
N PRO C 469 -12.42 6.26 -22.89
CA PRO C 469 -12.01 5.85 -24.23
C PRO C 469 -11.13 6.90 -24.90
N ILE C 470 -10.10 6.44 -25.61
CA ILE C 470 -9.18 7.32 -26.30
C ILE C 470 -9.60 7.47 -27.76
N ILE C 471 -10.23 8.60 -28.09
CA ILE C 471 -10.61 8.88 -29.46
C ILE C 471 -9.39 9.43 -30.20
N ALA C 472 -8.83 8.60 -31.08
CA ALA C 472 -7.65 8.97 -31.85
C ALA C 472 -8.07 9.47 -33.22
N VAL C 473 -7.94 10.78 -33.43
CA VAL C 473 -8.21 11.38 -34.73
C VAL C 473 -6.94 11.34 -35.57
N THR C 474 -7.08 10.84 -36.80
CA THR C 474 -5.96 10.77 -37.74
C THR C 474 -6.43 10.96 -39.17
N ARG C 475 -5.50 11.34 -40.05
CA ARG C 475 -5.75 11.41 -41.47
C ARG C 475 -5.04 10.26 -42.18
N ASN C 476 -4.14 9.60 -41.46
CA ASN C 476 -3.44 8.43 -41.95
C ASN C 476 -4.29 7.17 -41.79
N PRO C 477 -4.75 6.59 -42.91
CA PRO C 477 -5.64 5.42 -42.85
C PRO C 477 -4.98 4.18 -42.26
N GLN C 478 -3.66 4.05 -42.43
CA GLN C 478 -2.92 2.93 -41.84
C GLN C 478 -2.84 3.05 -40.32
N THR C 479 -2.66 4.29 -39.85
CA THR C 479 -2.65 4.59 -38.42
C THR C 479 -3.98 4.21 -37.76
N ALA C 480 -5.07 4.47 -38.46
CA ALA C 480 -6.42 4.13 -37.99
C ALA C 480 -6.60 2.62 -37.83
N ARG C 481 -6.04 1.84 -38.77
CA ARG C 481 -6.16 0.40 -38.73
C ARG C 481 -5.29 -0.22 -37.64
N GLN C 482 -4.06 0.27 -37.53
CA GLN C 482 -3.08 -0.26 -36.57
C GLN C 482 -3.40 0.08 -35.11
N ALA C 483 -4.20 1.13 -34.91
CA ALA C 483 -4.57 1.59 -33.58
C ALA C 483 -5.38 0.56 -32.78
N HIS C 484 -5.95 -0.41 -33.48
CA HIS C 484 -6.75 -1.47 -32.86
C HIS C 484 -5.93 -2.44 -32.02
N LEU C 485 -4.60 -2.40 -32.18
CA LEU C 485 -3.70 -3.24 -31.41
C LEU C 485 -3.55 -2.77 -29.97
N TYR C 486 -4.01 -1.55 -29.69
CA TYR C 486 -3.83 -0.94 -28.37
C TYR C 486 -5.17 -0.81 -27.64
N ARG C 487 -5.21 -1.32 -26.41
CA ARG C 487 -6.40 -1.30 -25.57
C ARG C 487 -6.91 0.12 -25.31
N GLY C 488 -8.16 0.36 -25.67
CA GLY C 488 -8.85 1.60 -25.32
C GLY C 488 -8.86 2.68 -26.37
N ILE C 489 -8.12 2.47 -27.45
CA ILE C 489 -8.04 3.45 -28.53
C ILE C 489 -9.17 3.24 -29.53
N PHE C 490 -9.94 4.29 -29.78
CA PHE C 490 -10.98 4.28 -30.79
C PHE C 490 -10.56 5.19 -31.94
N PRO C 491 -9.99 4.59 -32.99
CA PRO C 491 -9.47 5.34 -34.13
C PRO C 491 -10.57 5.90 -35.02
N VAL C 492 -10.44 7.18 -35.37
CA VAL C 492 -11.37 7.81 -36.30
C VAL C 492 -10.60 8.53 -37.41
N LEU C 493 -10.92 8.16 -38.64
CA LEU C 493 -10.24 8.71 -39.82
C LEU C 493 -10.95 9.96 -40.33
N CYS C 494 -10.28 11.10 -40.19
CA CYS C 494 -10.75 12.35 -40.76
C CYS C 494 -10.33 12.39 -42.23
N LYS C 495 -11.29 12.66 -43.11
CA LYS C 495 -11.03 12.72 -44.55
C LYS C 495 -11.21 14.13 -45.12
N ASP C 496 -11.54 15.08 -44.25
CA ASP C 496 -11.70 16.48 -44.63
C ASP C 496 -10.37 17.08 -45.12
N PRO C 497 -10.43 17.95 -46.14
CA PRO C 497 -9.21 18.57 -46.68
C PRO C 497 -8.50 19.43 -45.64
N VAL C 498 -7.18 19.48 -45.73
CA VAL C 498 -6.37 20.28 -44.82
C VAL C 498 -6.76 21.76 -44.92
N GLN C 499 -7.23 22.32 -43.81
CA GLN C 499 -7.64 23.72 -43.73
C GLN C 499 -6.43 24.64 -43.79
N GLU C 500 -6.59 25.76 -44.49
CA GLU C 500 -5.51 26.73 -44.71
C GLU C 500 -4.83 27.12 -43.39
N ALA C 501 -5.62 27.67 -42.46
CA ALA C 501 -5.14 28.01 -41.13
C ALA C 501 -4.98 26.74 -40.29
N TRP C 502 -3.78 26.53 -39.77
CA TRP C 502 -3.47 25.31 -39.02
C TRP C 502 -4.23 25.20 -37.70
N ALA C 503 -4.37 26.33 -37.00
CA ALA C 503 -5.11 26.38 -35.74
C ALA C 503 -6.55 25.90 -35.93
N GLU C 504 -7.15 26.27 -37.06
CA GLU C 504 -8.52 25.88 -37.39
C GLU C 504 -8.59 24.43 -37.89
N ASP C 505 -7.49 23.94 -38.46
CA ASP C 505 -7.40 22.56 -38.91
C ASP C 505 -7.38 21.60 -37.73
N VAL C 506 -6.71 22.02 -36.67
CA VAL C 506 -6.71 21.30 -35.39
C VAL C 506 -8.12 21.30 -34.79
N ASP C 507 -8.73 22.48 -34.71
CA ASP C 507 -10.09 22.63 -34.19
C ASP C 507 -11.12 21.81 -34.97
N LEU C 508 -10.91 21.69 -36.28
CA LEU C 508 -11.78 20.90 -37.15
C LEU C 508 -11.73 19.42 -36.79
N ARG C 509 -10.52 18.92 -36.52
CA ARG C 509 -10.32 17.53 -36.11
C ARG C 509 -10.82 17.27 -34.69
N VAL C 510 -10.68 18.27 -33.82
CA VAL C 510 -11.20 18.20 -32.45
C VAL C 510 -12.73 18.11 -32.45
N ASN C 511 -13.36 19.00 -33.23
CA ASN C 511 -14.81 19.02 -33.38
C ASN C 511 -15.35 17.72 -33.99
N PHE C 512 -14.56 17.13 -34.89
CA PHE C 512 -14.90 15.85 -35.51
C PHE C 512 -14.97 14.75 -34.45
N ALA C 513 -14.03 14.77 -33.51
CA ALA C 513 -14.00 13.81 -32.42
C ALA C 513 -15.17 14.00 -31.47
N MET C 514 -15.58 15.25 -31.26
CA MET C 514 -16.74 15.58 -30.43
C MET C 514 -18.00 14.95 -31.03
N ASN C 515 -18.17 15.12 -32.35
CA ASN C 515 -19.30 14.57 -33.07
C ASN C 515 -19.33 13.04 -33.05
N VAL C 516 -18.15 12.44 -33.14
CA VAL C 516 -17.99 10.98 -33.09
C VAL C 516 -18.41 10.44 -31.72
N GLY C 517 -17.92 11.08 -30.66
CA GLY C 517 -18.24 10.67 -29.29
C GLY C 517 -19.71 10.84 -28.96
N LYS C 518 -20.33 11.88 -29.52
CA LYS C 518 -21.76 12.14 -29.36
C LYS C 518 -22.60 11.06 -30.04
N ALA C 519 -22.22 10.71 -31.27
CA ALA C 519 -22.94 9.72 -32.06
C ALA C 519 -22.82 8.31 -31.48
N ARG C 520 -21.65 7.96 -30.98
CA ARG C 520 -21.40 6.64 -30.39
C ARG C 520 -21.89 6.55 -28.94
N GLY C 521 -22.22 7.69 -28.35
CA GLY C 521 -22.76 7.75 -26.99
C GLY C 521 -21.71 7.70 -25.90
N PHE C 522 -20.51 8.21 -26.18
CA PHE C 522 -19.45 8.27 -25.18
C PHE C 522 -19.68 9.43 -24.21
N PHE C 523 -20.25 10.52 -24.72
CA PHE C 523 -20.52 11.72 -23.92
C PHE C 523 -21.62 12.60 -24.55
N LYS C 524 -22.05 13.61 -23.81
CA LYS C 524 -23.05 14.58 -24.28
C LYS C 524 -22.59 16.02 -24.06
N LYS C 525 -23.40 16.98 -24.51
CA LYS C 525 -23.05 18.40 -24.49
C LYS C 525 -22.54 18.93 -23.15
N GLY C 526 -23.15 18.52 -22.06
CA GLY C 526 -22.75 19.00 -20.73
C GLY C 526 -21.46 18.43 -20.18
N ASP C 527 -20.93 17.40 -20.85
CA ASP C 527 -19.81 16.63 -20.33
C ASP C 527 -18.42 17.26 -20.56
N VAL C 528 -17.44 16.75 -19.83
CA VAL C 528 -16.06 17.25 -19.89
C VAL C 528 -15.15 16.20 -20.53
N VAL C 529 -14.30 16.63 -21.46
CA VAL C 529 -13.34 15.72 -22.11
C VAL C 529 -11.91 16.29 -22.10
N ILE C 530 -10.94 15.41 -22.30
CA ILE C 530 -9.53 15.80 -22.39
C ILE C 530 -9.10 15.85 -23.85
N VAL C 531 -8.42 16.92 -24.25
CA VAL C 531 -7.96 17.08 -25.63
C VAL C 531 -6.44 17.21 -25.69
N LEU C 532 -5.80 16.35 -26.47
CA LEU C 532 -4.35 16.37 -26.63
C LEU C 532 -3.95 16.82 -28.04
N THR C 533 -3.20 17.92 -28.10
CA THR C 533 -2.71 18.48 -29.35
C THR C 533 -1.23 18.85 -29.25
N GLY C 534 -0.66 19.29 -30.36
CA GLY C 534 0.74 19.69 -30.40
C GLY C 534 0.96 21.15 -30.77
N TRP C 535 2.21 21.60 -30.67
CA TRP C 535 2.55 23.00 -30.89
C TRP C 535 2.88 23.35 -32.36
N ARG C 536 3.05 22.31 -33.18
CA ARG C 536 3.30 22.47 -34.61
C ARG C 536 2.88 21.19 -35.37
N PRO C 537 2.73 21.28 -36.71
CA PRO C 537 2.40 20.10 -37.52
C PRO C 537 3.53 19.08 -37.56
N GLY C 538 3.18 17.82 -37.85
CA GLY C 538 4.16 16.73 -37.90
C GLY C 538 4.21 15.92 -36.61
N SER C 539 4.77 14.71 -36.70
CA SER C 539 4.85 13.80 -35.56
C SER C 539 5.87 14.24 -34.52
N GLY C 540 5.58 13.95 -33.25
CA GLY C 540 6.54 14.13 -32.16
C GLY C 540 6.46 15.44 -31.42
N PHE C 541 5.35 16.16 -31.57
CA PHE C 541 5.22 17.49 -30.96
C PHE C 541 4.01 17.67 -30.05
N THR C 542 3.34 16.56 -29.71
CA THR C 542 2.23 16.58 -28.76
C THR C 542 2.74 17.07 -27.40
N ASN C 543 2.12 18.12 -26.87
CA ASN C 543 2.59 18.76 -25.65
C ASN C 543 1.50 19.54 -24.90
N THR C 544 0.29 19.52 -25.45
CA THR C 544 -0.79 20.36 -24.94
C THR C 544 -1.98 19.53 -24.47
N MET C 545 -2.38 19.73 -23.22
CA MET C 545 -3.57 19.11 -22.66
C MET C 545 -4.61 20.18 -22.32
N ARG C 546 -5.79 20.03 -22.89
CA ARG C 546 -6.91 20.90 -22.55
C ARG C 546 -8.07 20.12 -21.95
N VAL C 547 -8.66 20.69 -20.91
CA VAL C 547 -9.92 20.18 -20.35
C VAL C 547 -11.04 21.09 -20.88
N VAL C 548 -11.87 20.54 -21.76
CA VAL C 548 -12.91 21.33 -22.42
C VAL C 548 -14.32 20.71 -22.33
N PRO C 549 -15.35 21.57 -22.25
CA PRO C 549 -16.73 21.11 -22.33
C PRO C 549 -17.10 20.70 -23.76
N VAL C 550 -18.06 19.79 -23.88
CA VAL C 550 -18.53 19.33 -25.17
C VAL C 550 -19.44 20.40 -25.81
N PRO C 551 -19.16 20.77 -27.08
CA PRO C 551 -19.96 21.77 -27.79
C PRO C 551 -21.44 21.42 -27.88
N PHE D 46 1.88 -5.69 -7.72
CA PHE D 46 1.34 -6.94 -8.33
C PHE D 46 1.87 -7.15 -9.75
N LEU D 47 1.94 -6.05 -10.52
CA LEU D 47 2.45 -6.09 -11.89
C LEU D 47 3.95 -6.40 -11.92
N GLU D 48 4.67 -5.87 -10.93
CA GLU D 48 6.09 -6.16 -10.73
C GLU D 48 6.34 -7.65 -10.48
N HIS D 49 5.39 -8.28 -9.78
CA HIS D 49 5.46 -9.71 -9.48
C HIS D 49 4.90 -10.56 -10.62
N MET D 50 3.98 -9.97 -11.39
CA MET D 50 3.38 -10.64 -12.55
C MET D 50 4.42 -10.90 -13.65
N CYS D 51 5.36 -9.97 -13.78
CA CYS D 51 6.45 -10.06 -14.77
C CYS D 51 7.50 -11.11 -14.41
N ARG D 52 7.58 -11.47 -13.13
CA ARG D 52 8.62 -12.36 -12.62
C ARG D 52 8.23 -13.85 -12.59
N LEU D 53 7.06 -14.18 -13.13
CA LEU D 53 6.58 -15.57 -13.18
C LEU D 53 7.46 -16.42 -14.08
N ASP D 54 7.91 -17.56 -13.55
CA ASP D 54 8.89 -18.41 -14.24
C ASP D 54 8.36 -19.83 -14.42
N ILE D 55 8.29 -20.27 -15.67
CA ILE D 55 7.87 -21.63 -16.01
C ILE D 55 8.97 -22.67 -15.78
N ASP D 56 10.21 -22.19 -15.69
CA ASP D 56 11.35 -23.06 -15.44
C ASP D 56 11.55 -23.34 -13.94
N SER D 57 10.77 -22.64 -13.11
CA SER D 57 10.77 -22.86 -11.67
C SER D 57 9.74 -23.93 -11.30
N PRO D 58 10.20 -25.12 -10.87
CA PRO D 58 9.29 -26.22 -10.58
C PRO D 58 8.59 -26.09 -9.22
N PRO D 59 7.31 -26.49 -9.13
CA PRO D 59 6.60 -26.54 -7.85
C PRO D 59 7.17 -27.61 -6.92
N ILE D 60 7.69 -27.18 -5.77
CA ILE D 60 8.32 -28.08 -4.81
C ILE D 60 7.44 -28.33 -3.58
N THR D 61 6.17 -27.97 -3.69
CA THR D 61 5.23 -28.04 -2.57
C THR D 61 4.02 -28.93 -2.92
N ALA D 62 3.50 -29.63 -1.92
CA ALA D 62 2.33 -30.49 -2.08
C ALA D 62 1.07 -29.67 -2.33
N ARG D 63 0.15 -30.26 -3.10
CA ARG D 63 -1.05 -29.56 -3.60
C ARG D 63 -2.08 -29.28 -2.50
N ASN D 64 -2.53 -28.03 -2.44
CA ASN D 64 -3.42 -27.54 -1.37
C ASN D 64 -4.92 -27.58 -1.70
N THR D 65 -5.25 -27.28 -2.96
CA THR D 65 -6.65 -27.20 -3.40
C THR D 65 -7.28 -28.59 -3.49
N GLY D 66 -8.47 -28.74 -2.90
CA GLY D 66 -9.18 -30.00 -2.95
C GLY D 66 -9.71 -30.35 -4.33
N ILE D 67 -9.70 -31.64 -4.66
CA ILE D 67 -10.25 -32.13 -5.92
C ILE D 67 -11.48 -32.99 -5.65
N ILE D 68 -12.62 -32.55 -6.19
CA ILE D 68 -13.89 -33.26 -6.06
C ILE D 68 -14.26 -33.88 -7.40
N CYS D 69 -14.55 -35.18 -7.39
CA CYS D 69 -14.94 -35.90 -8.59
C CYS D 69 -16.35 -36.43 -8.48
N THR D 70 -17.12 -36.31 -9.56
CA THR D 70 -18.43 -36.91 -9.66
C THR D 70 -18.27 -38.34 -10.15
N ILE D 71 -18.90 -39.28 -9.45
CA ILE D 71 -18.76 -40.70 -9.77
C ILE D 71 -20.00 -41.23 -10.50
N GLY D 72 -19.76 -41.79 -11.68
CA GLY D 72 -20.82 -42.37 -12.50
C GLY D 72 -20.34 -43.61 -13.20
N PRO D 73 -20.94 -43.95 -14.36
CA PRO D 73 -20.58 -45.14 -15.11
C PRO D 73 -19.08 -45.31 -15.40
N ALA D 74 -18.39 -44.19 -15.61
CA ALA D 74 -16.98 -44.20 -16.04
C ALA D 74 -15.98 -44.40 -14.90
N SER D 75 -16.41 -44.21 -13.66
CA SER D 75 -15.51 -44.23 -12.51
C SER D 75 -16.06 -45.02 -11.32
N ARG D 76 -17.07 -45.83 -11.58
CA ARG D 76 -17.82 -46.53 -10.53
C ARG D 76 -17.07 -47.70 -9.90
N SER D 77 -16.26 -48.39 -10.69
CA SER D 77 -15.58 -49.61 -10.23
C SER D 77 -14.51 -49.36 -9.17
N VAL D 78 -14.20 -50.40 -8.40
CA VAL D 78 -13.19 -50.35 -7.34
C VAL D 78 -11.80 -50.07 -7.93
N GLU D 79 -11.50 -50.71 -9.06
CA GLU D 79 -10.23 -50.53 -9.77
C GLU D 79 -9.97 -49.07 -10.17
N THR D 80 -10.99 -48.43 -10.76
CA THR D 80 -10.88 -47.04 -11.20
C THR D 80 -10.79 -46.08 -10.01
N LEU D 81 -11.59 -46.35 -8.97
CA LEU D 81 -11.62 -45.51 -7.77
C LEU D 81 -10.30 -45.52 -7.00
N LYS D 82 -9.61 -46.66 -7.01
CA LYS D 82 -8.28 -46.76 -6.40
C LYS D 82 -7.28 -45.86 -7.12
N GLU D 83 -7.32 -45.87 -8.46
CA GLU D 83 -6.42 -45.07 -9.28
C GLU D 83 -6.70 -43.58 -9.16
N MET D 84 -7.98 -43.24 -8.92
CA MET D 84 -8.39 -41.85 -8.74
C MET D 84 -7.87 -41.25 -7.44
N ILE D 85 -7.89 -42.05 -6.37
CA ILE D 85 -7.35 -41.64 -5.07
C ILE D 85 -5.83 -41.41 -5.18
N LYS D 86 -5.16 -42.29 -5.93
CA LYS D 86 -3.73 -42.16 -6.22
C LYS D 86 -3.46 -40.92 -7.08
N SER D 87 -4.37 -40.62 -8.01
CA SER D 87 -4.25 -39.45 -8.88
C SER D 87 -4.57 -38.14 -8.17
N GLY D 88 -5.31 -38.21 -7.06
CA GLY D 88 -5.52 -37.04 -6.21
C GLY D 88 -6.95 -36.70 -5.80
N MET D 89 -7.88 -37.63 -5.99
CA MET D 89 -9.28 -37.42 -5.59
C MET D 89 -9.38 -37.30 -4.07
N ASN D 90 -10.09 -36.26 -3.62
CA ASN D 90 -10.29 -36.02 -2.20
C ASN D 90 -11.74 -36.24 -1.79
N VAL D 91 -12.66 -35.85 -2.66
CA VAL D 91 -14.09 -35.93 -2.37
C VAL D 91 -14.83 -36.60 -3.54
N ALA D 92 -15.60 -37.63 -3.21
CA ALA D 92 -16.48 -38.28 -4.17
C ALA D 92 -17.85 -37.61 -4.15
N ARG D 93 -18.32 -37.19 -5.33
CA ARG D 93 -19.61 -36.53 -5.46
C ARG D 93 -20.62 -37.47 -6.13
N LEU D 94 -21.77 -37.63 -5.49
CA LEU D 94 -22.85 -38.44 -6.00
C LEU D 94 -24.00 -37.53 -6.38
N ASN D 95 -24.33 -37.51 -7.67
CA ASN D 95 -25.36 -36.63 -8.20
C ASN D 95 -26.72 -37.31 -8.20
N PHE D 96 -27.60 -36.87 -7.31
CA PHE D 96 -28.89 -37.52 -7.09
C PHE D 96 -29.98 -37.06 -8.05
N SER D 97 -29.59 -36.33 -9.10
CA SER D 97 -30.48 -36.03 -10.21
C SER D 97 -30.55 -37.22 -11.16
N HIS D 98 -29.53 -38.07 -11.08
CA HIS D 98 -29.45 -39.29 -11.88
C HIS D 98 -29.38 -40.51 -10.97
N GLY D 99 -29.72 -41.67 -11.52
CA GLY D 99 -29.64 -42.94 -10.79
C GLY D 99 -30.64 -43.07 -9.65
N THR D 100 -30.57 -44.21 -8.97
CA THR D 100 -31.46 -44.51 -7.86
C THR D 100 -30.67 -44.67 -6.57
N HIS D 101 -31.38 -44.88 -5.46
CA HIS D 101 -30.74 -45.11 -4.17
C HIS D 101 -29.84 -46.33 -4.15
N GLU D 102 -30.26 -47.39 -4.85
CA GLU D 102 -29.47 -48.61 -5.01
C GLU D 102 -28.16 -48.34 -5.75
N TYR D 103 -28.26 -47.58 -6.85
CA TYR D 103 -27.11 -47.21 -7.65
C TYR D 103 -26.06 -46.46 -6.85
N HIS D 104 -26.51 -45.44 -6.10
CA HIS D 104 -25.61 -44.60 -5.30
C HIS D 104 -25.06 -45.31 -4.08
N ALA D 105 -25.85 -46.19 -3.47
CA ALA D 105 -25.41 -46.99 -2.32
C ALA D 105 -24.26 -47.92 -2.70
N GLU D 106 -24.36 -48.52 -3.89
CA GLU D 106 -23.30 -49.36 -4.44
C GLU D 106 -22.05 -48.54 -4.78
N THR D 107 -22.26 -47.33 -5.29
CA THR D 107 -21.17 -46.41 -5.60
C THR D 107 -20.41 -46.00 -4.34
N ILE D 108 -21.14 -45.61 -3.29
CA ILE D 108 -20.56 -45.27 -1.99
C ILE D 108 -19.76 -46.46 -1.42
N LYS D 109 -20.36 -47.64 -1.48
CA LYS D 109 -19.72 -48.89 -1.06
C LYS D 109 -18.38 -49.06 -1.78
N ASN D 110 -18.37 -48.89 -3.10
CA ASN D 110 -17.16 -48.98 -3.91
C ASN D 110 -16.11 -47.92 -3.56
N VAL D 111 -16.56 -46.70 -3.28
CA VAL D 111 -15.67 -45.61 -2.84
C VAL D 111 -14.97 -46.00 -1.55
N ARG D 112 -15.75 -46.51 -0.59
CA ARG D 112 -15.24 -46.94 0.71
C ARG D 112 -14.32 -48.15 0.62
N THR D 113 -14.62 -49.07 -0.30
CA THR D 113 -13.76 -50.22 -0.55
C THR D 113 -12.39 -49.78 -1.05
N ALA D 114 -12.39 -48.86 -2.01
CA ALA D 114 -11.16 -48.33 -2.58
C ALA D 114 -10.36 -47.52 -1.56
N THR D 115 -11.05 -46.67 -0.81
CA THR D 115 -10.45 -45.82 0.22
C THR D 115 -9.77 -46.65 1.31
N GLU D 116 -10.49 -47.64 1.85
CA GLU D 116 -9.98 -48.47 2.93
C GLU D 116 -8.93 -49.50 2.50
N SER D 117 -8.69 -49.60 1.20
CA SER D 117 -7.64 -50.48 0.67
C SER D 117 -6.25 -49.92 0.96
N PHE D 118 -6.21 -48.66 1.38
CA PHE D 118 -4.96 -47.99 1.74
C PHE D 118 -4.83 -47.84 3.27
N ALA D 119 -5.82 -48.35 4.00
CA ALA D 119 -5.91 -48.16 5.45
C ALA D 119 -4.87 -48.92 6.28
N SER D 120 -4.24 -49.92 5.68
CA SER D 120 -3.24 -50.76 6.38
C SER D 120 -2.08 -49.92 6.93
N ASP D 121 -1.68 -48.91 6.16
CA ASP D 121 -0.65 -47.96 6.59
C ASP D 121 -1.27 -46.58 6.81
N PRO D 122 -1.48 -46.20 8.08
CA PRO D 122 -2.12 -44.92 8.44
C PRO D 122 -1.29 -43.68 8.11
N ILE D 123 0.03 -43.87 8.01
CA ILE D 123 0.95 -42.78 7.70
C ILE D 123 0.71 -42.22 6.28
N LEU D 124 0.52 -43.13 5.33
CA LEU D 124 0.30 -42.75 3.93
C LEU D 124 -1.18 -42.63 3.58
N TYR D 125 -2.05 -43.07 4.49
CA TYR D 125 -3.50 -43.10 4.28
C TYR D 125 -4.11 -41.73 3.98
N ARG D 126 -4.85 -41.66 2.87
CA ARG D 126 -5.55 -40.46 2.46
C ARG D 126 -7.05 -40.61 2.69
N PRO D 127 -7.62 -39.80 3.59
CA PRO D 127 -9.07 -39.77 3.79
C PRO D 127 -9.80 -39.32 2.53
N VAL D 128 -10.95 -39.93 2.25
CA VAL D 128 -11.75 -39.60 1.08
C VAL D 128 -13.19 -39.32 1.51
N ALA D 129 -13.64 -38.09 1.26
CA ALA D 129 -14.97 -37.64 1.67
C ALA D 129 -16.06 -38.10 0.71
N VAL D 130 -17.28 -38.23 1.23
CA VAL D 130 -18.44 -38.59 0.43
C VAL D 130 -19.47 -37.45 0.47
N ALA D 131 -19.85 -36.98 -0.72
CA ALA D 131 -20.75 -35.83 -0.84
C ALA D 131 -22.03 -36.18 -1.59
N LEU D 132 -23.16 -35.79 -1.01
CA LEU D 132 -24.47 -35.97 -1.62
C LEU D 132 -24.92 -34.69 -2.30
N ASP D 133 -25.23 -34.79 -3.59
CA ASP D 133 -25.69 -33.65 -4.36
C ASP D 133 -27.20 -33.77 -4.62
N THR D 134 -27.97 -32.92 -3.96
CA THR D 134 -29.45 -32.98 -3.99
C THR D 134 -30.04 -32.61 -5.34
N LYS D 135 -31.31 -32.96 -5.54
CA LYS D 135 -32.04 -32.58 -6.75
C LYS D 135 -32.35 -31.08 -6.72
N GLY D 136 -33.03 -30.65 -5.66
CA GLY D 136 -33.45 -29.25 -5.52
C GLY D 136 -34.65 -28.92 -6.40
N PRO D 137 -35.13 -27.66 -6.33
CA PRO D 137 -36.24 -27.19 -7.15
C PRO D 137 -35.86 -27.10 -8.64
N GLU D 138 -35.64 -28.25 -9.25
CA GLU D 138 -35.20 -28.33 -10.64
C GLU D 138 -36.25 -29.00 -11.52
N ILE D 139 -36.07 -28.85 -12.83
CA ILE D 139 -36.88 -29.55 -13.82
C ILE D 139 -35.95 -30.46 -14.61
N ARG D 140 -36.30 -31.75 -14.69
CA ARG D 140 -35.44 -32.71 -15.39
C ARG D 140 -36.20 -33.57 -16.38
N THR D 141 -35.46 -34.08 -17.37
CA THR D 141 -36.00 -34.98 -18.38
C THR D 141 -36.08 -36.41 -17.85
N GLY D 142 -36.59 -37.33 -18.67
CA GLY D 142 -36.66 -38.74 -18.32
C GLY D 142 -35.50 -39.53 -18.89
N LEU D 143 -35.66 -40.85 -18.94
CA LEU D 143 -34.61 -41.74 -19.46
C LEU D 143 -34.74 -41.97 -20.96
N ILE D 144 -33.63 -41.80 -21.68
CA ILE D 144 -33.57 -42.09 -23.12
C ILE D 144 -33.51 -43.61 -23.30
N LYS D 145 -34.53 -44.14 -23.96
CA LYS D 145 -34.65 -45.57 -24.28
C LYS D 145 -34.49 -46.49 -23.05
N GLY D 146 -35.02 -46.06 -21.91
CA GLY D 146 -34.99 -46.83 -20.67
C GLY D 146 -33.60 -47.02 -20.05
N SER D 147 -32.64 -46.24 -20.51
CA SER D 147 -31.27 -46.32 -20.01
C SER D 147 -30.77 -44.95 -19.58
N GLY D 148 -30.09 -44.90 -18.43
CA GLY D 148 -29.51 -43.66 -17.91
C GLY D 148 -28.27 -43.22 -18.66
N THR D 149 -27.78 -44.08 -19.56
CA THR D 149 -26.54 -43.85 -20.30
C THR D 149 -26.80 -43.56 -21.79
N ALA D 150 -27.94 -44.02 -22.31
CA ALA D 150 -28.27 -43.89 -23.73
C ALA D 150 -28.43 -42.43 -24.19
N GLU D 151 -28.09 -42.20 -25.46
CA GLU D 151 -28.13 -40.87 -26.05
C GLU D 151 -28.82 -40.85 -27.41
N VAL D 152 -29.37 -39.69 -27.77
CA VAL D 152 -29.91 -39.46 -29.11
C VAL D 152 -29.34 -38.17 -29.72
N GLU D 153 -29.10 -38.20 -31.02
CA GLU D 153 -28.59 -37.03 -31.72
C GLU D 153 -29.73 -36.18 -32.29
N LEU D 154 -29.95 -35.03 -31.66
CA LEU D 154 -30.93 -34.07 -32.16
C LEU D 154 -30.30 -33.19 -33.22
N LYS D 155 -31.01 -33.00 -34.32
CA LYS D 155 -30.50 -32.20 -35.45
C LYS D 155 -31.26 -30.89 -35.58
N LYS D 156 -30.52 -29.83 -35.89
CA LYS D 156 -31.07 -28.47 -36.06
C LYS D 156 -32.19 -28.43 -37.09
N GLY D 157 -33.32 -27.83 -36.70
CA GLY D 157 -34.47 -27.69 -37.59
C GLY D 157 -35.58 -28.72 -37.37
N ALA D 158 -35.20 -29.89 -36.86
CA ALA D 158 -36.14 -30.98 -36.60
C ALA D 158 -37.12 -30.65 -35.48
N THR D 159 -38.31 -31.25 -35.53
CA THR D 159 -39.34 -31.01 -34.52
C THR D 159 -39.23 -31.99 -33.35
N LEU D 160 -39.56 -31.52 -32.15
CA LEU D 160 -39.52 -32.32 -30.93
C LEU D 160 -40.72 -32.03 -30.05
N LYS D 161 -41.38 -33.09 -29.59
CA LYS D 161 -42.55 -32.97 -28.73
C LYS D 161 -42.19 -33.20 -27.25
N ILE D 162 -42.54 -32.23 -26.42
CA ILE D 162 -42.42 -32.37 -24.97
C ILE D 162 -43.77 -32.82 -24.41
N THR D 163 -43.77 -34.01 -23.80
CA THR D 163 -44.99 -34.57 -23.23
C THR D 163 -44.96 -34.59 -21.70
N LEU D 164 -46.15 -34.63 -21.10
CA LEU D 164 -46.29 -34.76 -19.66
C LEU D 164 -46.81 -36.15 -19.29
N ASP D 165 -47.17 -36.93 -20.31
CA ASP D 165 -47.66 -38.29 -20.16
C ASP D 165 -46.59 -39.18 -19.53
N ASN D 166 -46.93 -39.78 -18.39
CA ASN D 166 -45.98 -40.57 -17.59
C ASN D 166 -45.58 -41.93 -18.19
N ALA D 167 -46.21 -42.29 -19.32
CA ALA D 167 -45.88 -43.53 -20.02
C ALA D 167 -44.60 -43.38 -20.84
N TYR D 168 -44.12 -42.15 -20.99
CA TYR D 168 -42.92 -41.84 -21.75
C TYR D 168 -41.69 -41.54 -20.89
N MET D 169 -41.85 -41.59 -19.57
CA MET D 169 -40.80 -41.17 -18.62
C MET D 169 -39.52 -42.02 -18.69
N GLU D 170 -39.62 -43.23 -19.22
CA GLU D 170 -38.47 -44.08 -19.47
C GLU D 170 -38.40 -44.45 -20.95
N LYS D 171 -39.02 -43.63 -21.79
CA LYS D 171 -39.07 -43.86 -23.24
C LYS D 171 -38.89 -42.56 -24.04
N CYS D 172 -37.93 -41.75 -23.62
CA CYS D 172 -37.59 -40.52 -24.33
C CYS D 172 -36.70 -40.80 -25.54
N ASP D 173 -36.92 -40.06 -26.62
CA ASP D 173 -36.06 -40.13 -27.82
C ASP D 173 -36.04 -38.80 -28.60
N GLU D 174 -35.57 -38.84 -29.84
CA GLU D 174 -35.44 -37.63 -30.67
C GLU D 174 -36.78 -37.03 -31.12
N ASN D 175 -37.87 -37.73 -30.84
CA ASN D 175 -39.22 -37.27 -31.18
C ASN D 175 -40.06 -36.91 -29.96
N ILE D 176 -39.87 -37.64 -28.87
CA ILE D 176 -40.65 -37.46 -27.64
C ILE D 176 -39.75 -37.24 -26.43
N LEU D 177 -40.09 -36.24 -25.61
CA LEU D 177 -39.33 -35.93 -24.40
C LEU D 177 -40.25 -35.66 -23.22
N TRP D 178 -39.99 -36.32 -22.09
CA TRP D 178 -40.81 -36.19 -20.89
C TRP D 178 -40.14 -35.35 -19.81
N LEU D 179 -40.92 -34.52 -19.13
CA LEU D 179 -40.44 -33.70 -18.03
C LEU D 179 -41.29 -33.92 -16.77
N ASP D 180 -40.68 -33.66 -15.61
CA ASP D 180 -41.35 -33.87 -14.32
C ASP D 180 -42.10 -32.64 -13.79
N TYR D 181 -41.92 -31.49 -14.45
CA TYR D 181 -42.63 -30.27 -14.10
C TYR D 181 -43.99 -30.24 -14.78
N LYS D 182 -45.03 -30.56 -13.99
CA LYS D 182 -46.39 -30.67 -14.50
C LYS D 182 -47.05 -29.32 -14.80
N ASN D 183 -46.47 -28.25 -14.24
CA ASN D 183 -47.01 -26.90 -14.41
C ASN D 183 -46.25 -26.09 -15.48
N ILE D 184 -45.70 -26.79 -16.46
CA ILE D 184 -44.87 -26.16 -17.50
C ILE D 184 -45.69 -25.37 -18.55
N CYS D 185 -46.95 -25.79 -18.74
CA CYS D 185 -47.81 -25.19 -19.76
C CYS D 185 -48.32 -23.79 -19.38
N LYS D 186 -48.30 -23.48 -18.09
CA LYS D 186 -48.76 -22.17 -17.60
C LYS D 186 -47.66 -21.11 -17.60
N VAL D 187 -46.42 -21.55 -17.38
CA VAL D 187 -45.27 -20.64 -17.30
C VAL D 187 -44.64 -20.33 -18.67
N VAL D 188 -45.03 -21.10 -19.68
CA VAL D 188 -44.47 -20.99 -21.02
C VAL D 188 -45.52 -20.53 -22.03
N GLU D 189 -45.09 -19.77 -23.03
CA GLU D 189 -45.94 -19.32 -24.12
C GLU D 189 -45.29 -19.65 -25.47
N VAL D 190 -46.04 -19.48 -26.56
CA VAL D 190 -45.51 -19.67 -27.91
C VAL D 190 -44.44 -18.61 -28.19
N GLY D 191 -43.27 -19.07 -28.63
CA GLY D 191 -42.13 -18.18 -28.88
C GLY D 191 -41.07 -18.26 -27.79
N SER D 192 -41.44 -18.85 -26.65
CA SER D 192 -40.51 -19.01 -25.52
C SER D 192 -39.44 -20.04 -25.82
N LYS D 193 -38.28 -19.90 -25.17
CA LYS D 193 -37.16 -20.81 -25.36
C LYS D 193 -36.94 -21.69 -24.14
N ILE D 194 -36.75 -22.99 -24.38
CA ILE D 194 -36.51 -23.98 -23.34
C ILE D 194 -35.13 -24.59 -23.50
N TYR D 195 -34.28 -24.41 -22.48
CA TYR D 195 -32.92 -24.92 -22.52
C TYR D 195 -32.81 -26.29 -21.84
N VAL D 196 -32.11 -27.21 -22.50
CA VAL D 196 -31.93 -28.57 -21.99
C VAL D 196 -30.44 -28.87 -21.75
N ASP D 197 -30.14 -29.39 -20.57
CA ASP D 197 -28.79 -29.77 -20.14
C ASP D 197 -27.80 -28.60 -20.16
N ASP D 198 -27.95 -27.69 -19.20
CA ASP D 198 -27.10 -26.50 -19.04
C ASP D 198 -26.97 -25.67 -20.33
N GLY D 199 -28.08 -25.52 -21.04
CA GLY D 199 -28.16 -24.68 -22.23
C GLY D 199 -27.49 -25.23 -23.46
N LEU D 200 -27.23 -26.55 -23.46
CA LEU D 200 -26.64 -27.22 -24.62
C LEU D 200 -27.60 -27.18 -25.81
N ILE D 201 -28.88 -27.45 -25.53
CA ILE D 201 -29.92 -27.49 -26.55
C ILE D 201 -30.95 -26.39 -26.31
N SER D 202 -31.19 -25.57 -27.33
CA SER D 202 -32.24 -24.56 -27.27
C SER D 202 -33.44 -25.01 -28.10
N LEU D 203 -34.63 -24.88 -27.53
CA LEU D 203 -35.87 -25.24 -28.21
C LEU D 203 -36.84 -24.06 -28.20
N GLN D 204 -37.54 -23.86 -29.31
CA GLN D 204 -38.56 -22.82 -29.39
C GLN D 204 -39.96 -23.40 -29.47
N VAL D 205 -40.86 -22.87 -28.65
CA VAL D 205 -42.25 -23.35 -28.61
C VAL D 205 -43.03 -22.81 -29.80
N LYS D 206 -43.48 -23.73 -30.64
CA LYS D 206 -44.24 -23.40 -31.85
C LYS D 206 -45.74 -23.60 -31.63
N GLN D 207 -46.10 -24.64 -30.87
CA GLN D 207 -47.48 -24.95 -30.55
C GLN D 207 -47.63 -25.36 -29.08
N LYS D 208 -48.47 -24.64 -28.36
CA LYS D 208 -48.72 -24.89 -26.94
C LYS D 208 -50.07 -25.54 -26.71
N GLY D 209 -50.07 -26.67 -26.01
CA GLY D 209 -51.30 -27.40 -25.70
C GLY D 209 -51.69 -27.32 -24.23
N ALA D 210 -52.38 -28.34 -23.75
CA ALA D 210 -52.84 -28.40 -22.36
C ALA D 210 -51.94 -29.27 -21.49
N ASP D 211 -51.42 -30.35 -22.08
CA ASP D 211 -50.50 -31.26 -21.40
C ASP D 211 -49.33 -31.66 -22.30
N PHE D 212 -49.11 -30.89 -23.36
CA PHE D 212 -48.02 -31.16 -24.31
C PHE D 212 -47.53 -29.88 -25.00
N LEU D 213 -46.24 -29.86 -25.32
CA LEU D 213 -45.62 -28.77 -26.07
C LEU D 213 -44.87 -29.31 -27.29
N VAL D 214 -45.05 -28.66 -28.44
CA VAL D 214 -44.33 -29.03 -29.65
C VAL D 214 -43.29 -27.95 -29.96
N THR D 215 -42.03 -28.37 -30.07
CA THR D 215 -40.92 -27.44 -30.21
C THR D 215 -40.09 -27.69 -31.47
N GLU D 216 -39.23 -26.73 -31.80
CA GLU D 216 -38.26 -26.86 -32.87
C GLU D 216 -36.84 -26.75 -32.31
N VAL D 217 -35.98 -27.69 -32.71
CA VAL D 217 -34.59 -27.71 -32.28
C VAL D 217 -33.78 -26.60 -32.96
N GLU D 218 -33.49 -25.55 -32.21
CA GLU D 218 -32.78 -24.38 -32.76
C GLU D 218 -31.29 -24.62 -32.96
N ASN D 219 -30.72 -25.55 -32.19
CA ASN D 219 -29.35 -26.02 -32.40
C ASN D 219 -29.17 -27.49 -32.01
N GLY D 220 -28.42 -28.22 -32.82
CA GLY D 220 -28.19 -29.65 -32.61
C GLY D 220 -27.24 -29.98 -31.48
N GLY D 221 -27.20 -31.26 -31.12
CA GLY D 221 -26.33 -31.76 -30.05
C GLY D 221 -26.84 -33.05 -29.44
N SER D 222 -26.00 -33.67 -28.61
CA SER D 222 -26.35 -34.93 -27.95
C SER D 222 -27.27 -34.72 -26.76
N LEU D 223 -28.39 -35.43 -26.76
CA LEU D 223 -29.32 -35.42 -25.63
C LEU D 223 -29.23 -36.73 -24.85
N GLY D 224 -28.98 -36.62 -23.55
CA GLY D 224 -28.91 -37.78 -22.66
C GLY D 224 -30.10 -37.88 -21.72
N SER D 225 -29.97 -38.73 -20.70
CA SER D 225 -31.05 -38.99 -19.77
C SER D 225 -31.05 -38.05 -18.57
N LYS D 226 -32.25 -37.72 -18.10
CA LYS D 226 -32.47 -36.91 -16.88
C LYS D 226 -31.60 -35.64 -16.84
N LYS D 227 -31.75 -34.81 -17.87
CA LYS D 227 -30.94 -33.59 -17.99
C LYS D 227 -31.69 -32.38 -17.47
N GLY D 228 -30.93 -31.37 -17.05
CA GLY D 228 -31.50 -30.15 -16.48
C GLY D 228 -32.28 -29.33 -17.48
N VAL D 229 -33.39 -28.76 -17.02
CA VAL D 229 -34.24 -27.92 -17.87
C VAL D 229 -34.37 -26.53 -17.22
N ASN D 230 -34.00 -25.51 -17.97
CA ASN D 230 -33.97 -24.15 -17.45
C ASN D 230 -34.88 -23.21 -18.22
N LEU D 231 -35.66 -22.43 -17.49
CA LEU D 231 -36.54 -21.41 -18.07
C LEU D 231 -36.24 -20.05 -17.44
N PRO D 232 -35.26 -19.31 -17.99
CA PRO D 232 -34.82 -18.03 -17.43
C PRO D 232 -35.92 -16.97 -17.51
N GLY D 233 -36.14 -16.28 -16.40
CA GLY D 233 -37.17 -15.24 -16.31
C GLY D 233 -38.55 -15.76 -15.93
N ALA D 234 -38.81 -17.03 -16.27
CA ALA D 234 -40.09 -17.67 -15.97
C ALA D 234 -40.21 -17.97 -14.47
N ALA D 235 -41.37 -17.67 -13.91
CA ALA D 235 -41.62 -17.82 -12.48
C ALA D 235 -42.08 -19.24 -12.13
N VAL D 236 -41.12 -20.05 -11.65
CA VAL D 236 -41.42 -21.41 -11.19
C VAL D 236 -41.89 -21.41 -9.74
N ASP D 237 -42.79 -22.35 -9.41
CA ASP D 237 -43.36 -22.43 -8.07
C ASP D 237 -42.97 -23.72 -7.35
N LEU D 238 -41.68 -24.06 -7.42
CA LEU D 238 -41.17 -25.27 -6.79
C LEU D 238 -40.69 -25.01 -5.36
N PRO D 239 -40.94 -25.98 -4.44
CA PRO D 239 -40.54 -25.83 -3.04
C PRO D 239 -39.03 -25.94 -2.86
N ALA D 240 -38.53 -25.40 -1.75
CA ALA D 240 -37.11 -25.43 -1.43
C ALA D 240 -36.62 -26.86 -1.18
N VAL D 241 -37.39 -27.62 -0.41
CA VAL D 241 -37.10 -29.02 -0.15
C VAL D 241 -38.30 -29.87 -0.59
N SER D 242 -38.13 -30.57 -1.70
CA SER D 242 -39.21 -31.37 -2.28
C SER D 242 -39.40 -32.70 -1.55
N GLU D 243 -40.40 -33.46 -2.00
CA GLU D 243 -40.67 -34.80 -1.49
C GLU D 243 -39.49 -35.74 -1.75
N LYS D 244 -38.92 -35.64 -2.95
CA LYS D 244 -37.76 -36.44 -3.35
C LYS D 244 -36.50 -36.06 -2.56
N ASP D 245 -36.34 -34.77 -2.30
CA ASP D 245 -35.21 -34.25 -1.52
C ASP D 245 -35.21 -34.80 -0.09
N ILE D 246 -36.40 -34.91 0.51
CA ILE D 246 -36.56 -35.46 1.86
C ILE D 246 -36.07 -36.91 1.94
N GLN D 247 -36.45 -37.71 0.94
CA GLN D 247 -36.04 -39.11 0.86
C GLN D 247 -34.53 -39.24 0.66
N ASP D 248 -33.97 -38.36 -0.17
CA ASP D 248 -32.54 -38.36 -0.48
C ASP D 248 -31.69 -37.93 0.71
N LEU D 249 -32.12 -36.90 1.43
CA LEU D 249 -31.42 -36.45 2.63
C LEU D 249 -31.48 -37.51 3.73
N LYS D 250 -32.62 -38.20 3.83
CA LYS D 250 -32.78 -39.35 4.75
C LYS D 250 -31.80 -40.46 4.39
N PHE D 251 -31.73 -40.78 3.10
CA PHE D 251 -30.74 -41.72 2.56
C PHE D 251 -29.32 -41.26 2.88
N GLY D 252 -29.09 -39.94 2.83
CA GLY D 252 -27.78 -39.35 3.09
C GLY D 252 -27.27 -39.54 4.50
N VAL D 253 -28.18 -39.41 5.47
CA VAL D 253 -27.86 -39.65 6.88
C VAL D 253 -27.56 -41.12 7.13
N GLU D 254 -28.42 -41.99 6.61
CA GLU D 254 -28.27 -43.46 6.74
C GLU D 254 -26.94 -43.94 6.19
N GLN D 255 -26.49 -43.34 5.09
CA GLN D 255 -25.26 -43.73 4.41
C GLN D 255 -23.99 -43.06 4.97
N ASP D 256 -24.16 -42.25 6.01
CA ASP D 256 -23.05 -41.58 6.71
C ASP D 256 -22.19 -40.69 5.80
N VAL D 257 -22.85 -39.86 5.00
CA VAL D 257 -22.14 -38.92 4.11
C VAL D 257 -21.59 -37.73 4.90
N ASP D 258 -20.51 -37.15 4.40
CA ASP D 258 -19.79 -36.09 5.10
C ASP D 258 -20.36 -34.71 4.84
N MET D 259 -20.96 -34.52 3.67
CA MET D 259 -21.46 -33.21 3.27
C MET D 259 -22.62 -33.31 2.27
N VAL D 260 -23.42 -32.25 2.24
CA VAL D 260 -24.52 -32.12 1.29
C VAL D 260 -24.28 -30.90 0.40
N PHE D 261 -24.26 -31.14 -0.92
CA PHE D 261 -24.27 -30.06 -1.89
C PHE D 261 -25.71 -29.75 -2.25
N ALA D 262 -26.28 -28.74 -1.59
CA ALA D 262 -27.69 -28.39 -1.75
C ALA D 262 -27.94 -27.58 -3.02
N SER D 263 -28.66 -28.18 -3.96
CA SER D 263 -28.90 -27.58 -5.27
C SER D 263 -29.92 -26.46 -5.26
N PHE D 264 -29.69 -25.47 -6.12
CA PHE D 264 -30.59 -24.33 -6.33
C PHE D 264 -31.03 -23.61 -5.06
N ILE D 265 -30.07 -23.34 -4.18
CA ILE D 265 -30.32 -22.53 -2.99
C ILE D 265 -30.56 -21.08 -3.42
N ARG D 266 -31.75 -20.57 -3.13
CA ARG D 266 -32.17 -19.25 -3.58
C ARG D 266 -32.18 -18.19 -2.47
N LYS D 267 -32.33 -18.64 -1.23
CA LYS D 267 -32.38 -17.75 -0.06
C LYS D 267 -31.93 -18.42 1.23
N ALA D 268 -31.81 -17.65 2.31
CA ALA D 268 -31.33 -18.14 3.60
C ALA D 268 -32.29 -19.15 4.23
N SER D 269 -33.59 -18.97 4.02
CA SER D 269 -34.60 -19.88 4.56
C SER D 269 -34.58 -21.24 3.84
N ASP D 270 -34.01 -21.28 2.64
CA ASP D 270 -33.79 -22.53 1.92
C ASP D 270 -32.73 -23.39 2.61
N VAL D 271 -31.70 -22.74 3.16
CA VAL D 271 -30.60 -23.42 3.84
C VAL D 271 -31.06 -23.92 5.21
N HIS D 272 -31.82 -23.08 5.91
CA HIS D 272 -32.37 -23.41 7.22
C HIS D 272 -33.28 -24.64 7.13
N GLU D 273 -33.96 -24.76 5.99
CA GLU D 273 -34.89 -25.86 5.75
C GLU D 273 -34.16 -27.19 5.54
N VAL D 274 -33.02 -27.14 4.85
CA VAL D 274 -32.17 -28.32 4.69
C VAL D 274 -31.53 -28.71 6.03
N ARG D 275 -31.15 -27.69 6.81
CA ARG D 275 -30.60 -27.88 8.16
C ARG D 275 -31.60 -28.56 9.11
N LYS D 276 -32.86 -28.16 9.03
CA LYS D 276 -33.92 -28.71 9.88
C LYS D 276 -34.28 -30.15 9.52
N VAL D 277 -34.33 -30.43 8.22
CA VAL D 277 -34.66 -31.76 7.70
C VAL D 277 -33.58 -32.79 8.06
N LEU D 278 -32.32 -32.38 7.98
CA LEU D 278 -31.20 -33.22 8.41
C LEU D 278 -31.24 -33.44 9.93
N GLY D 279 -31.69 -32.41 10.65
CA GLY D 279 -31.92 -32.49 12.10
C GLY D 279 -30.71 -32.82 12.95
N GLU D 280 -30.98 -33.39 14.12
CA GLU D 280 -29.95 -33.76 15.09
C GLU D 280 -29.08 -34.91 14.61
N LYS D 281 -29.67 -35.80 13.80
CA LYS D 281 -28.97 -36.95 13.23
C LYS D 281 -27.90 -36.50 12.24
N GLY D 282 -28.21 -35.45 11.49
CA GLY D 282 -27.29 -34.90 10.48
C GLY D 282 -26.72 -33.55 10.83
N LYS D 283 -26.67 -33.24 12.13
CA LYS D 283 -26.17 -31.95 12.60
C LYS D 283 -24.68 -31.72 12.28
N ASN D 284 -23.93 -32.81 12.14
CA ASN D 284 -22.50 -32.74 11.82
C ASN D 284 -22.22 -32.75 10.33
N ILE D 285 -23.27 -32.99 9.54
CA ILE D 285 -23.15 -32.98 8.08
C ILE D 285 -23.08 -31.54 7.57
N LYS D 286 -22.02 -31.24 6.82
CA LYS D 286 -21.80 -29.90 6.27
C LYS D 286 -22.76 -29.61 5.11
N ILE D 287 -23.37 -28.44 5.15
CA ILE D 287 -24.24 -28.01 4.05
C ILE D 287 -23.52 -27.00 3.16
N ILE D 288 -23.30 -27.40 1.92
CA ILE D 288 -22.69 -26.55 0.92
C ILE D 288 -23.78 -26.10 -0.05
N SER D 289 -24.17 -24.83 0.06
CA SER D 289 -25.21 -24.25 -0.79
C SER D 289 -24.68 -23.98 -2.20
N LYS D 290 -25.38 -24.50 -3.19
CA LYS D 290 -25.02 -24.30 -4.59
C LYS D 290 -25.72 -23.07 -5.14
N ILE D 291 -24.95 -22.13 -5.66
CA ILE D 291 -25.51 -20.93 -6.27
C ILE D 291 -25.64 -21.17 -7.78
N GLU D 292 -26.88 -21.23 -8.25
CA GLU D 292 -27.18 -21.66 -9.62
C GLU D 292 -28.15 -20.73 -10.36
N ASN D 293 -28.65 -19.69 -9.68
CA ASN D 293 -29.59 -18.76 -10.32
C ASN D 293 -29.49 -17.31 -9.83
N HIS D 294 -30.27 -16.44 -10.48
CA HIS D 294 -30.25 -14.99 -10.22
C HIS D 294 -30.50 -14.66 -8.75
N GLU D 295 -31.49 -15.32 -8.15
CA GLU D 295 -31.86 -15.08 -6.76
C GLU D 295 -30.78 -15.56 -5.78
N GLY D 296 -30.07 -16.62 -6.14
CA GLY D 296 -28.95 -17.14 -5.35
C GLY D 296 -27.81 -16.14 -5.23
N VAL D 297 -27.49 -15.49 -6.35
CA VAL D 297 -26.45 -14.46 -6.40
C VAL D 297 -26.92 -13.22 -5.64
N ARG D 298 -28.14 -12.78 -5.95
CA ARG D 298 -28.73 -11.58 -5.37
C ARG D 298 -28.87 -11.66 -3.84
N ARG D 299 -29.02 -12.87 -3.32
CA ARG D 299 -29.17 -13.07 -1.87
C ARG D 299 -28.01 -13.87 -1.28
N PHE D 300 -26.83 -13.73 -1.88
CA PHE D 300 -25.64 -14.50 -1.49
C PHE D 300 -25.21 -14.30 -0.04
N ASP D 301 -25.24 -13.05 0.43
CA ASP D 301 -24.78 -12.72 1.78
C ASP D 301 -25.52 -13.51 2.86
N GLU D 302 -26.85 -13.50 2.81
CA GLU D 302 -27.68 -14.25 3.77
C GLU D 302 -27.55 -15.76 3.59
N ILE D 303 -27.28 -16.21 2.37
CA ILE D 303 -27.06 -17.63 2.08
C ILE D 303 -25.74 -18.11 2.68
N LEU D 304 -24.67 -17.35 2.44
CA LEU D 304 -23.34 -17.66 2.96
C LEU D 304 -23.35 -17.72 4.48
N GLU D 305 -24.03 -16.77 5.10
CA GLU D 305 -24.14 -16.70 6.56
C GLU D 305 -24.79 -17.95 7.16
N ALA D 306 -25.78 -18.51 6.48
CA ALA D 306 -26.50 -19.69 6.97
C ALA D 306 -25.79 -21.00 6.64
N SER D 307 -24.99 -20.99 5.58
CA SER D 307 -24.35 -22.21 5.08
C SER D 307 -23.02 -22.52 5.75
N ASP D 308 -22.52 -23.73 5.53
CA ASP D 308 -21.19 -24.13 5.99
C ASP D 308 -20.16 -23.84 4.89
N GLY D 309 -20.64 -23.76 3.66
CA GLY D 309 -19.80 -23.47 2.51
C GLY D 309 -20.63 -23.18 1.26
N ILE D 310 -19.95 -22.82 0.18
CA ILE D 310 -20.61 -22.45 -1.07
C ILE D 310 -20.02 -23.22 -2.25
N MET D 311 -20.88 -23.57 -3.21
CA MET D 311 -20.43 -24.02 -4.52
C MET D 311 -20.90 -23.05 -5.60
N VAL D 312 -19.95 -22.55 -6.39
CA VAL D 312 -20.25 -21.79 -7.59
C VAL D 312 -20.61 -22.79 -8.69
N ALA D 313 -21.90 -23.07 -8.82
CA ALA D 313 -22.39 -24.07 -9.76
C ALA D 313 -22.64 -23.44 -11.12
N ARG D 314 -21.61 -23.45 -11.96
CA ARG D 314 -21.58 -22.69 -13.21
C ARG D 314 -22.49 -23.23 -14.30
N GLY D 315 -22.66 -24.55 -14.32
CA GLY D 315 -23.52 -25.20 -15.31
C GLY D 315 -24.87 -24.52 -15.44
N ASP D 316 -25.65 -24.57 -14.37
CA ASP D 316 -26.96 -23.93 -14.34
C ASP D 316 -26.86 -22.40 -14.25
N LEU D 317 -25.87 -21.89 -13.53
CA LEU D 317 -25.69 -20.44 -13.40
C LEU D 317 -25.41 -19.78 -14.75
N GLY D 318 -24.60 -20.43 -15.58
CA GLY D 318 -24.26 -19.94 -16.90
C GLY D 318 -25.42 -19.81 -17.87
N ILE D 319 -26.52 -20.50 -17.59
CA ILE D 319 -27.72 -20.38 -18.42
C ILE D 319 -28.83 -19.54 -17.75
N GLU D 320 -28.88 -19.57 -16.41
CA GLU D 320 -29.86 -18.78 -15.66
C GLU D 320 -29.54 -17.28 -15.74
N ILE D 321 -28.26 -16.94 -15.65
CA ILE D 321 -27.80 -15.56 -15.86
C ILE D 321 -26.94 -15.50 -17.14
N PRO D 322 -26.76 -14.30 -17.73
CA PRO D 322 -25.97 -14.17 -18.95
C PRO D 322 -24.57 -14.77 -18.77
N ALA D 323 -24.15 -15.60 -19.72
CA ALA D 323 -22.88 -16.31 -19.64
C ALA D 323 -21.69 -15.39 -19.36
N GLU D 324 -21.70 -14.20 -19.94
CA GLU D 324 -20.64 -13.21 -19.76
C GLU D 324 -20.58 -12.60 -18.36
N LYS D 325 -21.53 -12.96 -17.50
CA LYS D 325 -21.57 -12.41 -16.13
C LYS D 325 -21.14 -13.40 -15.06
N VAL D 326 -20.86 -14.64 -15.46
CA VAL D 326 -20.53 -15.71 -14.50
C VAL D 326 -19.20 -15.47 -13.79
N PHE D 327 -18.20 -14.99 -14.54
CA PHE D 327 -16.88 -14.76 -13.96
C PHE D 327 -16.91 -13.77 -12.79
N LEU D 328 -17.76 -12.75 -12.91
CA LEU D 328 -17.98 -11.79 -11.83
C LEU D 328 -18.59 -12.47 -10.61
N ALA D 329 -19.63 -13.26 -10.85
CA ALA D 329 -20.29 -14.02 -9.79
C ALA D 329 -19.27 -14.92 -9.09
N GLN D 330 -18.49 -15.66 -9.88
CA GLN D 330 -17.46 -16.56 -9.35
C GLN D 330 -16.44 -15.83 -8.48
N LYS D 331 -15.91 -14.71 -8.98
CA LYS D 331 -14.89 -13.95 -8.27
C LYS D 331 -15.43 -13.26 -7.01
N MET D 332 -16.65 -12.71 -7.12
CA MET D 332 -17.31 -12.09 -5.98
C MET D 332 -17.53 -13.10 -4.85
N MET D 333 -18.11 -14.24 -5.19
CA MET D 333 -18.46 -15.27 -4.21
C MET D 333 -17.24 -15.91 -3.55
N ILE D 334 -16.21 -16.21 -4.34
CA ILE D 334 -14.97 -16.78 -3.80
C ILE D 334 -14.29 -15.82 -2.82
N GLY D 335 -14.21 -14.54 -3.20
CA GLY D 335 -13.62 -13.51 -2.36
C GLY D 335 -14.33 -13.34 -1.04
N ARG D 336 -15.66 -13.36 -1.08
CA ARG D 336 -16.48 -13.25 0.13
C ARG D 336 -16.36 -14.48 1.04
N CYS D 337 -16.23 -15.66 0.43
CA CYS D 337 -16.04 -16.89 1.18
C CYS D 337 -14.66 -16.93 1.84
N ASN D 338 -13.64 -16.50 1.10
CA ASN D 338 -12.28 -16.38 1.62
C ASN D 338 -12.23 -15.45 2.83
N ARG D 339 -12.91 -14.31 2.71
CA ARG D 339 -12.93 -13.28 3.75
C ARG D 339 -13.79 -13.71 4.95
N ALA D 340 -14.78 -14.56 4.70
CA ALA D 340 -15.63 -15.12 5.75
C ALA D 340 -15.03 -16.38 6.39
N GLY D 341 -14.02 -16.96 5.74
CA GLY D 341 -13.37 -18.17 6.23
C GLY D 341 -14.24 -19.42 6.08
N LYS D 342 -15.08 -19.43 5.06
CA LYS D 342 -15.92 -20.59 4.74
C LYS D 342 -15.52 -21.16 3.38
N PRO D 343 -15.54 -22.50 3.25
CA PRO D 343 -15.12 -23.18 2.01
C PRO D 343 -15.92 -22.77 0.78
N VAL D 344 -15.23 -22.62 -0.35
CA VAL D 344 -15.89 -22.34 -1.62
C VAL D 344 -15.36 -23.27 -2.72
N ILE D 345 -16.30 -23.77 -3.53
CA ILE D 345 -16.00 -24.73 -4.57
C ILE D 345 -16.28 -24.10 -5.93
N CYS D 346 -15.32 -24.24 -6.85
CA CYS D 346 -15.52 -23.86 -8.24
C CYS D 346 -15.84 -25.11 -9.05
N ALA D 347 -16.95 -25.07 -9.79
CA ALA D 347 -17.49 -26.29 -10.38
C ALA D 347 -17.97 -26.14 -11.83
N THR D 348 -17.94 -27.26 -12.55
CA THR D 348 -18.61 -27.44 -13.85
C THR D 348 -17.86 -26.91 -15.07
N GLN D 349 -17.59 -27.82 -16.01
CA GLN D 349 -17.02 -27.52 -17.32
C GLN D 349 -15.60 -26.95 -17.28
N MET D 350 -14.86 -27.31 -16.23
CA MET D 350 -13.50 -26.83 -16.06
C MET D 350 -12.54 -27.51 -17.04
N LEU D 351 -12.80 -28.79 -17.33
CA LEU D 351 -12.03 -29.55 -18.31
C LEU D 351 -12.97 -30.29 -19.26
N GLU D 352 -14.02 -29.61 -19.68
CA GLU D 352 -15.13 -30.21 -20.43
C GLU D 352 -14.72 -31.04 -21.66
N SER D 353 -13.73 -30.57 -22.41
CA SER D 353 -13.29 -31.29 -23.61
C SER D 353 -12.62 -32.62 -23.28
N MET D 354 -12.19 -32.79 -22.04
CA MET D 354 -11.53 -34.01 -21.59
C MET D 354 -12.47 -35.21 -21.41
N ILE D 355 -13.77 -34.96 -21.57
CA ILE D 355 -14.78 -36.02 -21.64
C ILE D 355 -14.54 -36.91 -22.87
N LYS D 356 -14.13 -36.28 -23.97
CA LYS D 356 -13.87 -36.98 -25.22
C LYS D 356 -12.38 -37.00 -25.62
N LYS D 357 -11.59 -36.09 -25.03
CA LYS D 357 -10.18 -35.94 -25.41
C LYS D 357 -9.22 -36.16 -24.24
N PRO D 358 -8.01 -36.70 -24.51
CA PRO D 358 -7.01 -36.95 -23.47
C PRO D 358 -6.25 -35.70 -22.97
N ARG D 359 -6.50 -34.54 -23.59
N ARG D 359 -6.53 -34.55 -23.61
CA ARG D 359 -5.89 -33.30 -23.12
CA ARG D 359 -5.91 -33.26 -23.27
C ARG D 359 -6.86 -32.12 -23.23
C ARG D 359 -6.99 -32.18 -23.14
N PRO D 360 -6.76 -31.17 -22.28
CA PRO D 360 -7.70 -30.05 -22.21
C PRO D 360 -7.40 -28.96 -23.23
N THR D 361 -8.38 -28.10 -23.48
CA THR D 361 -8.15 -26.90 -24.28
C THR D 361 -7.34 -25.90 -23.47
N ARG D 362 -6.75 -24.92 -24.15
CA ARG D 362 -6.00 -23.86 -23.49
C ARG D 362 -6.89 -23.07 -22.52
N ALA D 363 -8.14 -22.84 -22.92
CA ALA D 363 -9.13 -22.17 -22.08
C ALA D 363 -9.39 -22.93 -20.78
N GLU D 364 -9.46 -24.26 -20.90
CA GLU D 364 -9.68 -25.13 -19.76
C GLU D 364 -8.48 -25.14 -18.81
N GLY D 365 -7.28 -25.14 -19.38
CA GLY D 365 -6.04 -25.02 -18.60
C GLY D 365 -5.99 -23.72 -17.82
N SER D 366 -6.40 -22.64 -18.46
CA SER D 366 -6.48 -21.32 -17.84
C SER D 366 -7.57 -21.25 -16.76
N ASP D 367 -8.69 -21.92 -17.01
CA ASP D 367 -9.85 -21.88 -16.11
C ASP D 367 -9.54 -22.45 -14.73
N VAL D 368 -8.88 -23.60 -14.70
CA VAL D 368 -8.49 -24.24 -13.44
C VAL D 368 -7.54 -23.35 -12.67
N ALA D 369 -6.48 -22.90 -13.36
CA ALA D 369 -5.47 -22.01 -12.78
C ALA D 369 -6.10 -20.77 -12.15
N ASN D 370 -6.95 -20.09 -12.92
CA ASN D 370 -7.60 -18.87 -12.45
C ASN D 370 -8.58 -19.09 -11.30
N ALA D 371 -9.20 -20.26 -11.26
CA ALA D 371 -10.07 -20.64 -10.14
C ALA D 371 -9.25 -20.70 -8.85
N VAL D 372 -8.07 -21.30 -8.94
CA VAL D 372 -7.17 -21.42 -7.79
C VAL D 372 -6.60 -20.05 -7.39
N LEU D 373 -6.25 -19.23 -8.39
CA LEU D 373 -5.75 -17.88 -8.13
C LEU D 373 -6.82 -16.96 -7.53
N ASP D 374 -8.08 -17.20 -7.88
CA ASP D 374 -9.22 -16.48 -7.28
C ASP D 374 -9.31 -16.74 -5.78
N GLY D 375 -9.04 -17.97 -5.37
CA GLY D 375 -9.06 -18.35 -3.96
C GLY D 375 -9.99 -19.51 -3.63
N ALA D 376 -10.32 -20.31 -4.64
CA ALA D 376 -11.17 -21.48 -4.44
C ALA D 376 -10.50 -22.54 -3.57
N ASP D 377 -11.22 -23.00 -2.55
CA ASP D 377 -10.74 -24.09 -1.69
C ASP D 377 -10.74 -25.42 -2.43
N CYS D 378 -11.74 -25.62 -3.29
CA CYS D 378 -11.86 -26.86 -4.06
C CYS D 378 -12.21 -26.60 -5.51
N ILE D 379 -11.72 -27.50 -6.37
CA ILE D 379 -12.10 -27.54 -7.78
C ILE D 379 -12.82 -28.86 -8.04
N MET D 380 -13.75 -28.84 -9.00
CA MET D 380 -14.63 -29.99 -9.22
C MET D 380 -14.61 -30.51 -10.66
N LEU D 381 -14.78 -31.82 -10.79
CA LEU D 381 -15.01 -32.44 -12.10
C LEU D 381 -16.38 -33.12 -12.09
N SER D 382 -17.13 -32.92 -13.16
CA SER D 382 -18.45 -33.53 -13.32
C SER D 382 -18.40 -34.65 -14.35
N GLY D 383 -18.85 -34.36 -15.57
CA GLY D 383 -18.87 -35.33 -16.67
C GLY D 383 -17.52 -35.94 -16.99
N GLU D 384 -16.45 -35.17 -16.75
CA GLU D 384 -15.08 -35.61 -17.00
C GLU D 384 -14.74 -36.88 -16.23
N THR D 385 -15.31 -37.02 -15.03
CA THR D 385 -15.09 -38.21 -14.21
C THR D 385 -16.32 -39.13 -14.20
N ALA D 386 -17.50 -38.55 -14.37
CA ALA D 386 -18.76 -39.29 -14.31
C ALA D 386 -19.00 -40.18 -15.53
N LYS D 387 -18.86 -39.61 -16.73
CA LYS D 387 -19.20 -40.33 -17.97
C LYS D 387 -18.09 -40.35 -19.01
N GLY D 388 -17.07 -39.52 -18.82
CA GLY D 388 -16.02 -39.31 -19.82
C GLY D 388 -15.13 -40.50 -20.11
N ASP D 389 -14.38 -40.41 -21.22
CA ASP D 389 -13.48 -41.47 -21.65
C ASP D 389 -12.13 -41.40 -20.95
N TYR D 390 -11.83 -40.27 -20.32
CA TYR D 390 -10.54 -40.05 -19.67
C TYR D 390 -10.69 -39.49 -18.25
N PRO D 391 -11.29 -40.28 -17.34
CA PRO D 391 -11.52 -39.78 -15.98
C PRO D 391 -10.23 -39.62 -15.17
N LEU D 392 -9.27 -40.52 -15.37
CA LEU D 392 -7.98 -40.47 -14.66
C LEU D 392 -7.13 -39.30 -15.12
N GLU D 393 -7.06 -39.09 -16.43
CA GLU D 393 -6.30 -37.99 -17.02
C GLU D 393 -6.82 -36.62 -16.55
N ALA D 394 -8.14 -36.54 -16.36
CA ALA D 394 -8.79 -35.31 -15.89
C ALA D 394 -8.34 -34.93 -14.48
N VAL D 395 -8.37 -35.90 -13.57
CA VAL D 395 -7.97 -35.69 -12.17
C VAL D 395 -6.48 -35.32 -12.09
N ARG D 396 -5.66 -36.07 -12.84
CA ARG D 396 -4.22 -35.83 -12.91
C ARG D 396 -3.90 -34.42 -13.40
N MET D 397 -4.64 -33.96 -14.40
CA MET D 397 -4.45 -32.63 -14.98
C MET D 397 -4.83 -31.54 -13.98
N GLN D 398 -5.88 -31.78 -13.21
CA GLN D 398 -6.28 -30.83 -12.17
C GLN D 398 -5.27 -30.75 -11.03
N ASN D 399 -4.63 -31.88 -10.72
CA ASN D 399 -3.52 -31.90 -9.76
C ASN D 399 -2.35 -31.05 -10.26
N LEU D 400 -2.05 -31.17 -11.56
CA LEU D 400 -0.91 -30.46 -12.14
C LEU D 400 -1.13 -28.95 -12.20
N ILE D 401 -2.27 -28.52 -12.70
CA ILE D 401 -2.61 -27.09 -12.81
C ILE D 401 -2.70 -26.41 -11.45
N ALA D 402 -3.41 -27.04 -10.50
CA ALA D 402 -3.60 -26.48 -9.16
C ALA D 402 -2.28 -26.27 -8.42
N ARG D 403 -1.37 -27.24 -8.57
CA ARG D 403 -0.05 -27.17 -7.95
C ARG D 403 0.79 -26.06 -8.56
N GLU D 404 0.62 -25.83 -9.86
CA GLU D 404 1.30 -24.73 -10.55
C GLU D 404 0.74 -23.37 -10.13
N ALA D 405 -0.58 -23.31 -9.96
CA ALA D 405 -1.25 -22.07 -9.58
C ALA D 405 -0.97 -21.68 -8.13
N GLU D 406 -0.83 -22.68 -7.26
CA GLU D 406 -0.51 -22.45 -5.85
C GLU D 406 0.88 -21.84 -5.68
N ALA D 407 1.83 -22.32 -6.47
CA ALA D 407 3.19 -21.79 -6.49
C ALA D 407 3.22 -20.34 -7.00
N ALA D 408 2.21 -19.97 -7.79
CA ALA D 408 2.09 -18.63 -8.35
C ALA D 408 1.45 -17.63 -7.37
N ILE D 409 0.68 -18.15 -6.41
CA ILE D 409 0.03 -17.31 -5.40
C ILE D 409 1.07 -16.67 -4.48
N TYR D 410 1.01 -15.35 -4.37
CA TYR D 410 1.87 -14.62 -3.46
C TYR D 410 1.23 -14.61 -2.08
N HIS D 411 1.55 -15.65 -1.30
CA HIS D 411 0.98 -15.88 0.02
C HIS D 411 1.24 -14.73 0.99
N LEU D 412 2.34 -14.02 0.77
CA LEU D 412 2.69 -12.83 1.56
C LEU D 412 1.63 -11.73 1.45
N GLN D 413 1.08 -11.56 0.24
CA GLN D 413 0.06 -10.53 -0.03
C GLN D 413 -1.33 -11.00 0.38
N LEU D 414 -1.66 -12.25 0.05
CA LEU D 414 -2.97 -12.83 0.35
C LEU D 414 -3.22 -12.91 1.86
N PHE D 415 -2.18 -13.27 2.61
CA PHE D 415 -2.24 -13.32 4.08
C PHE D 415 -2.35 -11.92 4.67
N GLU D 416 -1.64 -10.97 4.07
CA GLU D 416 -1.65 -9.56 4.50
C GLU D 416 -3.06 -8.96 4.45
N GLU D 417 -3.79 -9.26 3.38
CA GLU D 417 -5.14 -8.75 3.19
C GLU D 417 -6.16 -9.46 4.07
N LEU D 418 -6.04 -10.78 4.17
CA LEU D 418 -6.96 -11.59 4.97
C LEU D 418 -6.74 -11.40 6.48
N ARG D 419 -5.62 -10.79 6.85
CA ARG D 419 -5.29 -10.51 8.24
C ARG D 419 -5.71 -9.10 8.64
N ARG D 420 -5.47 -8.13 7.75
CA ARG D 420 -5.91 -6.75 7.95
C ARG D 420 -7.43 -6.64 8.07
N LEU D 421 -8.12 -7.43 7.25
CA LEU D 421 -9.59 -7.42 7.23
C LEU D 421 -10.20 -8.42 8.20
N ALA D 422 -9.36 -9.17 8.90
CA ALA D 422 -9.80 -10.09 9.94
C ALA D 422 -10.19 -9.30 11.20
N PRO D 423 -11.43 -9.48 11.68
CA PRO D 423 -11.95 -8.70 12.81
C PRO D 423 -11.32 -9.07 14.15
N ILE D 424 -11.40 -8.14 15.10
CA ILE D 424 -10.91 -8.36 16.47
C ILE D 424 -11.73 -9.46 17.16
N THR D 425 -11.03 -10.44 17.72
CA THR D 425 -11.67 -11.59 18.36
C THR D 425 -11.35 -11.68 19.85
N SER D 426 -12.19 -12.43 20.58
CA SER D 426 -11.92 -12.75 21.98
C SER D 426 -11.54 -14.23 22.12
N ASP D 427 -11.79 -14.99 21.06
CA ASP D 427 -11.50 -16.42 21.00
C ASP D 427 -9.99 -16.67 20.96
N PRO D 428 -9.47 -17.41 21.97
CA PRO D 428 -8.04 -17.75 22.03
C PRO D 428 -7.59 -18.63 20.87
N THR D 429 -8.48 -19.46 20.35
CA THR D 429 -8.18 -20.36 19.24
C THR D 429 -7.91 -19.58 17.96
N GLU D 430 -8.67 -18.51 17.75
CA GLU D 430 -8.51 -17.64 16.59
C GLU D 430 -7.19 -16.88 16.64
N ALA D 431 -6.83 -16.38 17.82
CA ALA D 431 -5.59 -15.63 18.03
C ALA D 431 -4.35 -16.50 17.89
N THR D 432 -4.42 -17.74 18.39
CA THR D 432 -3.33 -18.70 18.28
C THR D 432 -3.12 -19.09 16.81
N ALA D 433 -4.22 -19.19 16.07
CA ALA D 433 -4.20 -19.50 14.64
C ALA D 433 -3.45 -18.44 13.84
N VAL D 434 -3.79 -17.17 14.06
CA VAL D 434 -3.14 -16.04 13.37
C VAL D 434 -1.66 -15.97 13.74
N GLY D 435 -1.35 -16.20 15.01
CA GLY D 435 0.02 -16.21 15.51
C GLY D 435 0.84 -17.29 14.85
N ALA D 436 0.25 -18.48 14.69
CA ALA D 436 0.90 -19.60 14.04
C ALA D 436 1.22 -19.35 12.57
N VAL D 437 0.27 -18.74 11.87
CA VAL D 437 0.42 -18.43 10.44
C VAL D 437 1.54 -17.40 10.22
N GLU D 438 1.55 -16.35 11.04
CA GLU D 438 2.58 -15.32 10.97
C GLU D 438 3.96 -15.89 11.31
N ALA D 439 4.01 -16.79 12.29
CA ALA D 439 5.25 -17.46 12.67
C ALA D 439 5.77 -18.38 11.57
N SER D 440 4.84 -18.99 10.81
CA SER D 440 5.18 -19.91 9.74
C SER D 440 5.86 -19.21 8.56
N PHE D 441 5.44 -17.98 8.26
CA PHE D 441 6.08 -17.17 7.24
C PHE D 441 7.43 -16.65 7.70
N LYS D 442 7.60 -16.55 9.01
CA LYS D 442 8.83 -16.04 9.60
C LYS D 442 9.96 -17.07 9.60
N CYS D 443 9.63 -18.31 9.97
CA CYS D 443 10.63 -19.38 10.04
C CYS D 443 10.55 -20.36 8.86
N CYS D 444 9.81 -19.97 7.82
CA CYS D 444 9.61 -20.80 6.63
C CYS D 444 9.41 -22.28 6.97
N SER D 445 8.40 -22.54 7.80
CA SER D 445 8.13 -23.88 8.30
C SER D 445 7.80 -24.89 7.21
N GLY D 446 8.13 -26.15 7.48
CA GLY D 446 7.75 -27.25 6.61
C GLY D 446 6.27 -27.56 6.70
N ALA D 447 5.69 -27.29 7.88
CA ALA D 447 4.26 -27.52 8.13
C ALA D 447 3.77 -26.87 9.42
N ILE D 448 2.46 -26.64 9.49
CA ILE D 448 1.79 -26.29 10.74
C ILE D 448 0.99 -27.51 11.19
N ILE D 449 1.44 -28.13 12.30
CA ILE D 449 0.79 -29.32 12.85
C ILE D 449 -0.32 -28.91 13.82
N VAL D 450 -1.54 -29.35 13.54
CA VAL D 450 -2.69 -29.02 14.38
C VAL D 450 -3.38 -30.29 14.88
N LEU D 451 -3.47 -30.43 16.20
CA LEU D 451 -4.30 -31.45 16.81
C LEU D 451 -5.72 -30.90 16.91
N THR D 452 -6.68 -31.62 16.33
CA THR D 452 -8.06 -31.16 16.30
C THR D 452 -9.08 -32.30 16.40
N LYS D 453 -10.19 -32.02 17.09
CA LYS D 453 -11.25 -33.00 17.29
C LYS D 453 -12.35 -32.82 16.25
N SER D 454 -12.91 -31.61 16.19
CA SER D 454 -13.99 -31.29 15.26
C SER D 454 -13.47 -30.76 13.92
N GLY D 455 -12.23 -30.30 13.91
CA GLY D 455 -11.63 -29.70 12.72
C GLY D 455 -11.48 -28.19 12.84
N ARG D 456 -12.29 -27.59 13.70
CA ARG D 456 -12.37 -26.13 13.85
C ARG D 456 -11.01 -25.43 13.96
N SER D 457 -10.13 -25.95 14.81
CA SER D 457 -8.79 -25.41 15.00
C SER D 457 -7.99 -25.37 13.70
N ALA D 458 -8.06 -26.45 12.94
CA ALA D 458 -7.39 -26.54 11.64
C ALA D 458 -8.01 -25.60 10.62
N HIS D 459 -9.35 -25.48 10.66
CA HIS D 459 -10.09 -24.60 9.76
C HIS D 459 -9.70 -23.14 10.02
N GLN D 460 -9.56 -22.78 11.29
CA GLN D 460 -9.18 -21.43 11.69
C GLN D 460 -7.78 -21.03 11.22
N VAL D 461 -6.90 -22.02 11.08
CA VAL D 461 -5.57 -21.81 10.51
C VAL D 461 -5.67 -21.64 8.99
N ALA D 462 -6.53 -22.44 8.36
CA ALA D 462 -6.68 -22.48 6.90
C ALA D 462 -7.18 -21.17 6.29
N ARG D 463 -8.00 -20.44 7.05
CA ARG D 463 -8.61 -19.21 6.56
C ARG D 463 -7.63 -18.05 6.39
N TYR D 464 -6.50 -18.12 7.10
CA TYR D 464 -5.44 -17.11 6.97
C TYR D 464 -4.39 -17.52 5.93
N ARG D 465 -4.67 -18.60 5.21
CA ARG D 465 -3.89 -19.06 4.06
C ARG D 465 -2.37 -19.08 4.26
N PRO D 466 -1.86 -20.01 5.10
CA PRO D 466 -0.41 -20.15 5.20
C PRO D 466 0.16 -20.86 3.98
N ARG D 467 1.44 -20.65 3.69
CA ARG D 467 2.11 -21.38 2.63
C ARG D 467 2.41 -22.81 3.10
N ALA D 468 2.77 -22.94 4.38
CA ALA D 468 3.05 -24.23 4.99
C ALA D 468 1.79 -25.10 5.05
N PRO D 469 1.91 -26.38 4.64
CA PRO D 469 0.80 -27.33 4.72
C PRO D 469 0.32 -27.55 6.15
N ILE D 470 -0.99 -27.59 6.33
CA ILE D 470 -1.58 -27.80 7.65
C ILE D 470 -1.86 -29.29 7.85
N ILE D 471 -1.03 -29.95 8.67
CA ILE D 471 -1.24 -31.34 9.00
C ILE D 471 -2.21 -31.45 10.18
N ALA D 472 -3.48 -31.65 9.87
CA ALA D 472 -4.51 -31.82 10.90
C ALA D 472 -4.58 -33.26 11.37
N VAL D 473 -4.13 -33.50 12.60
CA VAL D 473 -4.17 -34.83 13.20
C VAL D 473 -5.44 -34.98 14.03
N THR D 474 -6.21 -36.03 13.71
CA THR D 474 -7.48 -36.29 14.37
C THR D 474 -7.74 -37.80 14.54
N ARG D 475 -8.50 -38.16 15.57
CA ARG D 475 -8.95 -39.55 15.74
C ARG D 475 -10.38 -39.69 15.22
N ASN D 476 -11.00 -38.57 14.90
CA ASN D 476 -12.35 -38.52 14.35
C ASN D 476 -12.31 -38.73 12.84
N PRO D 477 -12.94 -39.81 12.34
CA PRO D 477 -12.92 -40.15 10.92
C PRO D 477 -13.67 -39.14 10.04
N GLN D 478 -14.77 -38.60 10.56
CA GLN D 478 -15.58 -37.62 9.83
C GLN D 478 -14.83 -36.30 9.67
N THR D 479 -14.16 -35.87 10.73
CA THR D 479 -13.33 -34.67 10.72
C THR D 479 -12.23 -34.75 9.67
N ALA D 480 -11.63 -35.93 9.55
CA ALA D 480 -10.56 -36.17 8.57
C ALA D 480 -11.08 -36.05 7.14
N ARG D 481 -12.34 -36.42 6.92
CA ARG D 481 -12.91 -36.38 5.58
C ARG D 481 -13.38 -34.97 5.18
N GLN D 482 -14.02 -34.27 6.12
CA GLN D 482 -14.60 -32.94 5.87
C GLN D 482 -13.54 -31.85 5.71
N ALA D 483 -12.34 -32.11 6.21
CA ALA D 483 -11.23 -31.17 6.17
C ALA D 483 -10.74 -30.86 4.76
N HIS D 484 -11.08 -31.73 3.81
CA HIS D 484 -10.73 -31.56 2.39
C HIS D 484 -11.43 -30.35 1.74
N LEU D 485 -12.46 -29.83 2.41
CA LEU D 485 -13.14 -28.63 1.94
C LEU D 485 -12.32 -27.36 2.20
N TYR D 486 -11.26 -27.50 2.97
CA TYR D 486 -10.45 -26.35 3.38
C TYR D 486 -9.05 -26.40 2.76
N ARG D 487 -8.72 -25.33 2.02
CA ARG D 487 -7.44 -25.18 1.34
C ARG D 487 -6.26 -25.32 2.30
N GLY D 488 -5.33 -26.20 1.94
CA GLY D 488 -4.07 -26.35 2.68
C GLY D 488 -4.08 -27.34 3.82
N ILE D 489 -5.25 -27.90 4.13
CA ILE D 489 -5.36 -28.88 5.21
C ILE D 489 -5.12 -30.30 4.71
N PHE D 490 -4.15 -30.97 5.32
CA PHE D 490 -3.83 -32.36 5.01
C PHE D 490 -4.25 -33.24 6.18
N PRO D 491 -5.46 -33.81 6.10
CA PRO D 491 -6.03 -34.54 7.22
C PRO D 491 -5.41 -35.91 7.42
N VAL D 492 -4.98 -36.18 8.65
CA VAL D 492 -4.37 -37.47 8.98
C VAL D 492 -5.14 -38.09 10.15
N LEU D 493 -5.56 -39.35 9.95
CA LEU D 493 -6.36 -40.06 10.94
C LEU D 493 -5.47 -40.93 11.82
N CYS D 494 -5.54 -40.68 13.13
CA CYS D 494 -4.79 -41.46 14.11
C CYS D 494 -5.62 -42.62 14.63
N LYS D 495 -5.13 -43.84 14.42
CA LYS D 495 -5.83 -45.06 14.80
C LYS D 495 -5.42 -45.56 16.18
N ASP D 496 -4.31 -45.02 16.70
CA ASP D 496 -3.73 -45.44 17.97
C ASP D 496 -4.68 -45.24 19.16
N PRO D 497 -4.65 -46.20 20.12
CA PRO D 497 -5.44 -46.06 21.35
C PRO D 497 -4.96 -44.91 22.23
N VAL D 498 -5.88 -44.28 22.95
CA VAL D 498 -5.56 -43.15 23.81
C VAL D 498 -4.70 -43.60 24.99
N GLN D 499 -3.57 -42.92 25.18
CA GLN D 499 -2.67 -43.18 26.30
C GLN D 499 -3.25 -42.63 27.60
N GLU D 500 -2.89 -43.25 28.72
CA GLU D 500 -3.38 -42.85 30.04
C GLU D 500 -2.98 -41.41 30.37
N ALA D 501 -1.71 -41.08 30.16
CA ALA D 501 -1.21 -39.72 30.34
C ALA D 501 -1.59 -38.88 29.14
N TRP D 502 -2.35 -37.81 29.38
CA TRP D 502 -2.84 -36.94 28.30
C TRP D 502 -1.70 -36.22 27.57
N ALA D 503 -0.67 -35.82 28.33
CA ALA D 503 0.51 -35.18 27.76
C ALA D 503 1.29 -36.09 26.82
N GLU D 504 1.33 -37.38 27.15
CA GLU D 504 1.99 -38.39 26.32
C GLU D 504 1.12 -38.79 25.13
N ASP D 505 -0.19 -38.62 25.27
CA ASP D 505 -1.14 -38.84 24.19
C ASP D 505 -1.05 -37.73 23.15
N VAL D 506 -0.79 -36.51 23.64
CA VAL D 506 -0.55 -35.35 22.78
C VAL D 506 0.75 -35.53 22.00
N ASP D 507 1.82 -35.90 22.70
CA ASP D 507 3.14 -36.12 22.10
C ASP D 507 3.14 -37.23 21.05
N LEU D 508 2.30 -38.25 21.27
CA LEU D 508 2.17 -39.36 20.33
C LEU D 508 1.54 -38.90 19.02
N ARG D 509 0.53 -38.03 19.14
CA ARG D 509 -0.18 -37.47 17.99
C ARG D 509 0.72 -36.51 17.18
N VAL D 510 1.51 -35.72 17.90
CA VAL D 510 2.47 -34.80 17.27
C VAL D 510 3.55 -35.57 16.51
N ASN D 511 4.08 -36.61 17.15
CA ASN D 511 5.10 -37.46 16.53
C ASN D 511 4.54 -38.24 15.34
N PHE D 512 3.26 -38.57 15.40
CA PHE D 512 2.55 -39.22 14.30
C PHE D 512 2.45 -38.31 13.09
N ALA D 513 2.21 -37.01 13.35
CA ALA D 513 2.19 -36.00 12.30
C ALA D 513 3.59 -35.82 11.73
N MET D 514 4.59 -35.95 12.60
CA MET D 514 5.98 -35.82 12.22
C MET D 514 6.42 -36.96 11.29
N ASN D 515 5.91 -38.15 11.56
CA ASN D 515 6.18 -39.32 10.71
C ASN D 515 5.58 -39.19 9.31
N VAL D 516 4.37 -38.62 9.25
CA VAL D 516 3.67 -38.37 7.99
C VAL D 516 4.41 -37.34 7.14
N GLY D 517 4.81 -36.23 7.78
CA GLY D 517 5.51 -35.15 7.10
C GLY D 517 6.84 -35.56 6.48
N LYS D 518 7.58 -36.40 7.20
CA LYS D 518 8.86 -36.92 6.72
C LYS D 518 8.66 -37.93 5.58
N ALA D 519 7.62 -38.76 5.70
CA ALA D 519 7.33 -39.80 4.72
C ALA D 519 6.79 -39.25 3.40
N ARG D 520 5.96 -38.21 3.49
CA ARG D 520 5.36 -37.58 2.30
C ARG D 520 6.23 -36.50 1.68
N GLY D 521 7.26 -36.08 2.43
CA GLY D 521 8.25 -35.12 1.92
C GLY D 521 7.93 -33.66 2.18
N PHE D 522 7.25 -33.38 3.29
CA PHE D 522 6.99 -31.98 3.70
C PHE D 522 8.23 -31.36 4.33
N PHE D 523 9.01 -32.18 5.02
CA PHE D 523 10.23 -31.74 5.70
C PHE D 523 11.19 -32.90 6.00
N LYS D 524 12.41 -32.55 6.41
CA LYS D 524 13.41 -33.52 6.82
C LYS D 524 13.65 -33.44 8.34
N LYS D 525 14.77 -33.99 8.79
CA LYS D 525 15.08 -34.04 10.22
C LYS D 525 15.43 -32.66 10.83
N GLY D 526 16.27 -31.90 10.14
CA GLY D 526 16.74 -30.61 10.66
C GLY D 526 15.73 -29.48 10.67
N ASP D 527 14.65 -29.64 9.91
CA ASP D 527 13.68 -28.57 9.68
C ASP D 527 12.90 -28.14 10.92
N VAL D 528 12.27 -26.97 10.82
CA VAL D 528 11.49 -26.38 11.90
C VAL D 528 10.00 -26.38 11.55
N VAL D 529 9.17 -26.81 12.49
CA VAL D 529 7.71 -26.82 12.30
C VAL D 529 6.95 -26.10 13.42
N ILE D 530 5.70 -25.76 13.14
CA ILE D 530 4.80 -25.16 14.12
C ILE D 530 3.81 -26.23 14.59
N VAL D 531 3.66 -26.38 15.90
CA VAL D 531 2.71 -27.34 16.47
C VAL D 531 1.66 -26.65 17.34
N LEU D 532 0.40 -26.82 16.98
CA LEU D 532 -0.71 -26.24 17.73
C LEU D 532 -1.44 -27.29 18.55
N THR D 533 -1.54 -27.05 19.85
CA THR D 533 -2.22 -27.95 20.78
C THR D 533 -3.06 -27.16 21.77
N GLY D 534 -3.78 -27.88 22.63
CA GLY D 534 -4.58 -27.25 23.68
C GLY D 534 -4.00 -27.45 25.07
N TRP D 535 -4.72 -26.96 26.08
CA TRP D 535 -4.29 -27.06 27.47
C TRP D 535 -5.02 -28.17 28.25
N ARG D 536 -6.23 -28.50 27.81
CA ARG D 536 -7.01 -29.59 28.42
C ARG D 536 -7.77 -30.38 27.35
N PRO D 537 -8.23 -31.61 27.69
CA PRO D 537 -9.06 -32.41 26.78
C PRO D 537 -10.40 -31.76 26.45
N GLY D 538 -10.95 -32.08 25.28
CA GLY D 538 -12.22 -31.51 24.82
C GLY D 538 -12.08 -30.77 23.50
N SER D 539 -13.10 -29.99 23.16
CA SER D 539 -13.08 -29.15 21.96
C SER D 539 -13.11 -27.67 22.31
N GLY D 540 -12.38 -26.88 21.54
CA GLY D 540 -12.34 -25.43 21.73
C GLY D 540 -11.39 -25.00 22.81
N PHE D 541 -10.20 -25.62 22.84
CA PHE D 541 -9.20 -25.30 23.86
C PHE D 541 -7.79 -25.10 23.30
N THR D 542 -7.68 -25.04 21.97
CA THR D 542 -6.39 -24.79 21.32
C THR D 542 -5.88 -23.40 21.69
N ASN D 543 -4.70 -23.34 22.30
CA ASN D 543 -4.14 -22.09 22.80
C ASN D 543 -2.61 -22.07 22.81
N THR D 544 -1.99 -23.19 22.45
CA THR D 544 -0.55 -23.36 22.56
C THR D 544 0.12 -23.47 21.20
N MET D 545 1.08 -22.59 20.95
CA MET D 545 1.91 -22.67 19.76
C MET D 545 3.35 -22.95 20.17
N ARG D 546 3.94 -23.98 19.58
CA ARG D 546 5.34 -24.33 19.84
C ARG D 546 6.11 -24.43 18.54
N VAL D 547 7.31 -23.82 18.55
CA VAL D 547 8.20 -23.87 17.40
C VAL D 547 9.26 -24.94 17.67
N VAL D 548 9.05 -26.14 17.14
CA VAL D 548 9.88 -27.29 17.47
C VAL D 548 10.63 -27.86 16.25
N PRO D 549 11.85 -28.40 16.48
CA PRO D 549 12.57 -29.10 15.42
C PRO D 549 11.97 -30.48 15.17
N VAL D 550 12.20 -31.01 13.97
CA VAL D 550 11.73 -32.34 13.60
C VAL D 550 12.70 -33.40 14.15
N PRO D 551 12.18 -34.40 14.89
CA PRO D 551 13.01 -35.50 15.39
C PRO D 551 13.51 -36.39 14.25
#